data_6EAH
#
_entry.id   6EAH
#
_cell.length_a   166.639
_cell.length_b   166.639
_cell.length_c   174.130
_cell.angle_alpha   90.000
_cell.angle_beta   90.000
_cell.angle_gamma   90.000
#
_symmetry.space_group_name_H-M   'P 41 21 2'
#
loop_
_entity.id
_entity.type
_entity.pdbx_description
1 polymer 'Fusion glycoprotein F0'
2 branched 2-acetamido-2-deoxy-beta-D-glucopyranose-(1-4)-[alpha-L-fucopyranose-(1-6)]2-acetamido-2-deoxy-beta-D-glucopyranose
3 non-polymer 'SULFATE ION'
4 non-polymer '2-[N-CYCLOHEXYLAMINO]ETHANE SULFONIC ACID'
#
_entity_poly.entity_id   1
_entity_poly.type   'polypeptide(L)'
_entity_poly.pdbx_seq_one_letter_code
;MELLILKANAITTILTAVTFCFASGQNITEEFYQSTCSAVSKGYLSALRTGWYTSVITIELSNIKENKCNGTDAKVKLIK
QELDKYKNAVTELQLLMQSTPATNNRARRELPRFMNYTLNNAKKTNVTLSKKRKRRFLGFLLGVGSAIASGVAVCKVLHL
EGEVNKIKSALLSTNKAVVSLSNGVSVLTFKVLDLKNYIDKQLLPILNKQSCSISNIETVIEFQQKNNRLLEITREFSVN
AGVTTPVSTYMLTNSELLSLINDMPITNDQKKLMSNNVQIVRQQSYSIMCIIKEEVLAYVVQLPLYGVIDTPCWKLHTSP
LCTTNTKEGSNICLTRTDRGWYCDNAGSVSFFPQAETCKVQSNRVFCDTMNSLTLPSEVNLCNVDIFNPKYDCRIMTLKT
DVSSSVITSLGAIVSCYGKTKCTASNKNRGIIKTFSNGCDYVSNKGVDTVSVGNTLYYVNKQEGKSLYVKGEPIINFYDP
LVFPSDEFDASISQVNEKINQSLAFIRKSDELLSAIGGYIPEAPRDGQAYVRKDGEWVLLSTFLGGLVPRGSHHHHHHSA
WSHPQFEK
;
_entity_poly.pdbx_strand_id   A,B,C
#
loop_
_chem_comp.id
_chem_comp.type
_chem_comp.name
_chem_comp.formula
FUC L-saccharide, alpha linking alpha-L-fucopyranose 'C6 H12 O5'
NAG D-saccharide, beta linking 2-acetamido-2-deoxy-beta-D-glucopyranose 'C8 H15 N O6'
NHE non-polymer '2-[N-CYCLOHEXYLAMINO]ETHANE SULFONIC ACID' 'C8 H17 N O3 S'
SO4 non-polymer 'SULFATE ION' 'O4 S -2'
#
# COMPACT_ATOMS: atom_id res chain seq x y z
N GLN A 26 21.04 -20.33 9.96
CA GLN A 26 22.44 -20.66 9.70
C GLN A 26 23.41 -19.62 10.22
N ASN A 27 24.57 -19.59 9.58
CA ASN A 27 25.62 -18.64 9.90
C ASN A 27 25.44 -17.45 8.97
N ILE A 28 24.69 -16.46 9.42
CA ILE A 28 24.57 -15.19 8.71
C ILE A 28 25.81 -14.38 9.02
N THR A 29 26.44 -13.83 7.98
CA THR A 29 27.62 -13.00 8.11
C THR A 29 27.46 -11.76 7.27
N GLU A 30 28.20 -10.72 7.61
CA GLU A 30 28.17 -9.47 6.86
C GLU A 30 29.58 -9.01 6.52
N GLU A 31 29.69 -8.34 5.39
CA GLU A 31 30.93 -7.70 4.98
C GLU A 31 30.61 -6.26 4.65
N PHE A 32 31.33 -5.34 5.30
CA PHE A 32 31.25 -3.93 4.95
C PHE A 32 32.45 -3.53 4.10
N TYR A 33 32.17 -2.91 2.97
CA TYR A 33 33.23 -2.49 2.05
C TYR A 33 33.41 -0.98 2.18
N GLN A 34 34.46 -0.59 2.90
CA GLN A 34 34.71 0.82 3.14
C GLN A 34 34.93 1.58 1.83
N SER A 35 35.48 0.93 0.80
CA SER A 35 35.82 1.62 -0.44
C SER A 35 34.58 2.07 -1.20
N THR A 36 33.47 1.35 -1.06
CA THR A 36 32.26 1.65 -1.83
C THR A 36 31.06 1.96 -0.94
N CYS A 37 31.25 2.02 0.37
CA CYS A 37 30.17 2.32 1.31
C CYS A 37 29.00 1.36 1.12
N SER A 38 29.29 0.07 1.11
CA SER A 38 28.24 -0.91 0.90
C SER A 38 28.50 -2.12 1.76
N ALA A 39 27.44 -2.89 1.99
CA ALA A 39 27.52 -4.06 2.84
C ALA A 39 26.71 -5.19 2.20
N VAL A 40 27.21 -6.41 2.38
CA VAL A 40 26.58 -7.61 1.83
C VAL A 40 26.28 -8.55 3.00
N SER A 41 25.01 -8.90 3.18
CA SER A 41 24.60 -9.87 4.19
C SER A 41 24.44 -11.19 3.46
N LYS A 42 25.27 -12.16 3.80
CA LYS A 42 25.24 -13.45 3.14
C LYS A 42 24.99 -14.54 4.17
N GLY A 43 24.72 -15.74 3.67
CA GLY A 43 24.42 -16.89 4.49
C GLY A 43 22.98 -17.35 4.40
N TYR A 44 22.18 -16.74 3.54
CA TYR A 44 20.77 -17.04 3.47
C TYR A 44 20.50 -18.18 2.48
N LEU A 45 19.29 -18.72 2.58
CA LEU A 45 18.84 -19.81 1.72
C LEU A 45 17.61 -19.35 0.97
N SER A 46 17.51 -19.72 -0.29
CA SER A 46 16.47 -19.20 -1.15
C SER A 46 15.20 -20.02 -1.04
N ALA A 47 14.07 -19.35 -1.24
CA ALA A 47 12.81 -20.04 -1.52
C ALA A 47 12.06 -19.12 -2.47
N LEU A 48 12.28 -19.33 -3.76
CA LEU A 48 11.79 -18.43 -4.80
C LEU A 48 10.58 -19.07 -5.45
N ARG A 49 9.51 -18.29 -5.56
CA ARG A 49 8.28 -18.75 -6.20
C ARG A 49 8.47 -18.86 -7.70
N THR A 50 8.38 -20.07 -8.24
CA THR A 50 8.50 -20.29 -9.67
C THR A 50 7.23 -20.78 -10.33
N GLY A 51 6.33 -21.41 -9.57
CA GLY A 51 5.12 -21.97 -10.12
C GLY A 51 3.92 -21.65 -9.24
N TRP A 52 2.78 -22.17 -9.64
CA TRP A 52 1.54 -21.99 -8.91
C TRP A 52 0.80 -23.32 -8.82
N TYR A 53 0.10 -23.51 -7.72
CA TYR A 53 -0.83 -24.61 -7.59
C TYR A 53 -2.22 -24.00 -7.40
N THR A 54 -3.14 -24.30 -8.30
CA THR A 54 -4.50 -23.81 -8.22
C THR A 54 -5.37 -24.94 -7.68
N SER A 55 -6.10 -24.66 -6.62
CA SER A 55 -7.06 -25.60 -6.05
C SER A 55 -8.43 -24.95 -6.07
N VAL A 56 -9.48 -25.78 -6.13
CA VAL A 56 -10.84 -25.29 -6.18
C VAL A 56 -11.49 -25.56 -4.83
N ILE A 57 -11.79 -24.50 -4.10
CA ILE A 57 -12.53 -24.59 -2.85
C ILE A 57 -14.01 -24.44 -3.18
N THR A 58 -14.85 -25.27 -2.55
CA THR A 58 -16.26 -25.29 -2.87
C THR A 58 -17.09 -25.23 -1.59
N ILE A 59 -18.26 -24.63 -1.70
CA ILE A 59 -19.25 -24.61 -0.64
C ILE A 59 -20.58 -24.97 -1.26
N GLU A 60 -21.17 -26.09 -0.84
CA GLU A 60 -22.43 -26.52 -1.42
C GLU A 60 -23.55 -25.66 -0.84
N LEU A 61 -24.28 -24.98 -1.72
CA LEU A 61 -25.31 -24.02 -1.34
C LEU A 61 -26.69 -24.67 -1.35
N SER A 62 -27.62 -24.02 -0.66
CA SER A 62 -28.99 -24.45 -0.58
C SER A 62 -29.87 -23.51 -1.39
N ASN A 63 -30.81 -24.08 -2.13
CA ASN A 63 -31.75 -23.31 -2.94
C ASN A 63 -33.07 -23.22 -2.18
N ILE A 64 -33.37 -22.02 -1.69
CA ILE A 64 -34.55 -21.76 -0.88
C ILE A 64 -35.39 -20.67 -1.55
N LYS A 65 -36.64 -20.59 -1.12
CA LYS A 65 -37.57 -19.63 -1.69
C LYS A 65 -37.69 -18.38 -0.81
N CYS A 69 -43.77 -18.11 5.72
CA CYS A 69 -44.38 -18.51 6.98
C CYS A 69 -44.69 -17.29 7.87
N ASN A 70 -45.93 -17.19 8.33
CA ASN A 70 -46.40 -16.05 9.12
C ASN A 70 -46.26 -16.29 10.62
N GLY A 71 -46.96 -17.30 11.14
CA GLY A 71 -46.94 -17.59 12.56
C GLY A 71 -45.57 -17.94 13.09
N THR A 72 -45.00 -17.07 13.94
CA THR A 72 -43.62 -17.20 14.37
C THR A 72 -43.52 -16.96 15.88
N ASP A 73 -42.43 -17.49 16.45
CA ASP A 73 -41.96 -17.17 17.79
C ASP A 73 -40.67 -16.36 17.65
N ALA A 74 -39.85 -16.36 18.71
CA ALA A 74 -38.60 -15.62 18.68
C ALA A 74 -37.45 -16.45 18.14
N LYS A 75 -37.48 -17.78 18.31
CA LYS A 75 -36.36 -18.59 17.82
C LYS A 75 -36.41 -18.74 16.31
N VAL A 76 -37.61 -18.89 15.75
CA VAL A 76 -37.74 -18.89 14.30
C VAL A 76 -37.50 -17.49 13.74
N LYS A 77 -37.82 -16.45 14.52
CA LYS A 77 -37.53 -15.09 14.10
C LYS A 77 -36.03 -14.88 13.90
N LEU A 78 -35.21 -15.42 14.81
CA LEU A 78 -33.77 -15.31 14.68
C LEU A 78 -33.27 -16.10 13.48
N ILE A 79 -33.85 -17.27 13.23
CA ILE A 79 -33.46 -18.07 12.09
C ILE A 79 -33.85 -17.39 10.78
N LYS A 80 -35.01 -16.71 10.77
CA LYS A 80 -35.41 -15.96 9.59
C LYS A 80 -34.42 -14.83 9.31
N GLN A 81 -33.95 -14.13 10.35
CA GLN A 81 -32.96 -13.09 10.16
C GLN A 81 -31.64 -13.66 9.66
N GLU A 82 -31.18 -14.76 10.24
CA GLU A 82 -29.92 -15.36 9.80
C GLU A 82 -30.04 -15.93 8.39
N LEU A 83 -31.25 -16.34 7.99
CA LEU A 83 -31.47 -16.85 6.64
C LEU A 83 -31.48 -15.72 5.62
N ASP A 84 -31.89 -14.51 6.04
CA ASP A 84 -31.81 -13.35 5.15
C ASP A 84 -30.37 -13.03 4.80
N LYS A 85 -29.46 -13.21 5.77
CA LYS A 85 -28.04 -13.01 5.51
C LYS A 85 -27.51 -14.00 4.48
N TYR A 86 -27.89 -15.28 4.61
CA TYR A 86 -27.50 -16.28 3.62
C TYR A 86 -28.00 -15.90 2.23
N LYS A 87 -29.25 -15.42 2.14
CA LYS A 87 -29.78 -14.98 0.86
C LYS A 87 -29.01 -13.77 0.34
N ASN A 88 -28.71 -12.82 1.22
CA ASN A 88 -27.99 -11.63 0.79
C ASN A 88 -26.57 -11.98 0.37
N ALA A 89 -25.90 -12.87 1.10
CA ALA A 89 -24.55 -13.27 0.73
C ALA A 89 -24.54 -13.93 -0.65
N VAL A 90 -25.50 -14.82 -0.92
CA VAL A 90 -25.60 -15.44 -2.23
C VAL A 90 -25.91 -14.40 -3.30
N THR A 91 -26.82 -13.47 -2.99
CA THR A 91 -27.17 -12.42 -3.94
C THR A 91 -25.95 -11.55 -4.27
N GLU A 92 -25.09 -11.31 -3.29
CA GLU A 92 -23.95 -10.45 -3.54
C GLU A 92 -22.87 -11.17 -4.35
N LEU A 93 -22.56 -12.41 -3.98
CA LEU A 93 -21.55 -13.15 -4.72
C LEU A 93 -21.95 -13.32 -6.19
N GLN A 94 -23.24 -13.50 -6.45
CA GLN A 94 -23.73 -13.48 -7.83
C GLN A 94 -23.48 -12.14 -8.48
N LEU A 95 -23.59 -11.05 -7.71
CA LEU A 95 -23.34 -9.72 -8.25
C LEU A 95 -21.85 -9.50 -8.49
N LEU A 96 -21.02 -10.04 -7.61
CA LEU A 96 -19.58 -9.89 -7.76
C LEU A 96 -19.06 -10.73 -8.93
N MET A 97 -19.50 -11.98 -9.01
CA MET A 97 -19.14 -12.88 -10.11
C MET A 97 -19.53 -12.30 -11.46
N GLN A 98 -20.52 -11.40 -11.51
CA GLN A 98 -20.90 -10.73 -12.76
C GLN A 98 -19.70 -10.20 -13.51
N SER A 99 -18.63 -9.86 -12.79
CA SER A 99 -17.46 -9.23 -13.37
C SER A 99 -16.33 -10.25 -13.42
N THR A 100 -15.87 -10.55 -14.63
CA THR A 100 -14.67 -11.35 -14.81
C THR A 100 -13.55 -10.78 -13.94
N PRO A 101 -12.81 -11.60 -13.19
CA PRO A 101 -11.90 -11.07 -12.18
C PRO A 101 -10.95 -10.05 -12.78
N ALA A 102 -10.66 -9.00 -12.01
CA ALA A 102 -9.91 -7.87 -12.54
C ALA A 102 -8.73 -7.55 -11.65
N THR A 103 -7.66 -7.09 -12.30
CA THR A 103 -6.41 -6.74 -11.63
C THR A 103 -6.00 -5.34 -12.09
N ASN A 104 -5.11 -4.73 -11.31
CA ASN A 104 -4.56 -3.42 -11.61
C ASN A 104 -3.18 -3.63 -12.25
N ASN A 105 -3.08 -3.36 -13.54
CA ASN A 105 -1.90 -3.71 -14.31
C ASN A 105 -1.06 -2.49 -14.65
N ARG A 106 0.25 -2.69 -14.70
CA ARG A 106 1.19 -1.68 -15.18
C ARG A 106 1.27 -1.69 -16.70
N ALA A 107 2.30 -1.05 -17.26
CA ALA A 107 2.50 -0.98 -18.70
C ALA A 107 4.00 -0.95 -19.08
N PHE A 137 14.71 -0.06 -6.05
CA PHE A 137 15.34 1.18 -6.50
C PHE A 137 15.31 1.21 -8.02
N LEU A 138 15.53 0.04 -8.61
CA LEU A 138 15.47 -0.14 -10.05
C LEU A 138 14.13 -0.73 -10.49
N GLY A 139 13.07 -0.50 -9.71
CA GLY A 139 11.79 -1.15 -9.95
C GLY A 139 11.13 -0.84 -11.27
N PHE A 140 11.45 0.32 -11.88
CA PHE A 140 10.88 0.65 -13.18
C PHE A 140 11.39 -0.29 -14.27
N LEU A 141 12.48 -1.00 -14.01
CA LEU A 141 13.04 -1.96 -14.94
C LEU A 141 12.32 -3.31 -14.93
N LEU A 142 11.42 -3.54 -13.97
CA LEU A 142 10.77 -4.84 -13.90
C LEU A 142 9.79 -5.03 -15.05
N GLY A 143 9.45 -6.28 -15.33
CA GLY A 143 8.45 -6.59 -16.32
C GLY A 143 7.05 -6.42 -15.76
N VAL A 144 6.07 -6.76 -16.59
CA VAL A 144 4.68 -6.60 -16.21
C VAL A 144 3.93 -7.88 -16.57
N GLY A 145 3.27 -8.47 -15.59
CA GLY A 145 2.46 -9.66 -15.79
C GLY A 145 1.41 -9.77 -14.72
N SER A 146 0.39 -10.60 -14.99
CA SER A 146 -0.70 -10.79 -14.04
C SER A 146 -0.35 -11.92 -13.08
N ALA A 147 -0.38 -11.63 -11.78
CA ALA A 147 0.00 -12.64 -10.79
C ALA A 147 -1.00 -13.80 -10.75
N ILE A 148 -2.28 -13.52 -10.98
CA ILE A 148 -3.35 -14.49 -10.84
C ILE A 148 -3.74 -15.12 -12.17
N ALA A 149 -2.91 -14.96 -13.20
CA ALA A 149 -3.29 -15.42 -14.54
C ALA A 149 -3.48 -16.93 -14.57
N SER A 150 -2.73 -17.67 -13.76
CA SER A 150 -2.89 -19.12 -13.74
C SER A 150 -4.20 -19.53 -13.08
N GLY A 151 -4.63 -18.81 -12.04
CA GLY A 151 -5.91 -19.13 -11.41
C GLY A 151 -7.12 -18.68 -12.19
N VAL A 152 -7.01 -17.59 -12.94
CA VAL A 152 -8.13 -17.12 -13.77
C VAL A 152 -8.42 -18.13 -14.87
N ALA A 153 -7.40 -18.85 -15.34
CA ALA A 153 -7.65 -19.88 -16.34
C ALA A 153 -8.55 -20.97 -15.79
N VAL A 154 -8.40 -21.31 -14.51
CA VAL A 154 -9.27 -22.31 -13.90
C VAL A 154 -10.69 -21.77 -13.77
N CYS A 155 -10.82 -20.49 -13.40
CA CYS A 155 -12.14 -19.88 -13.32
C CYS A 155 -12.83 -19.88 -14.67
N LYS A 156 -12.08 -19.65 -15.75
CA LYS A 156 -12.66 -19.65 -17.09
C LYS A 156 -13.23 -21.04 -17.43
N VAL A 157 -12.56 -22.10 -16.98
CA VAL A 157 -13.04 -23.45 -17.26
C VAL A 157 -14.32 -23.75 -16.51
N LEU A 158 -14.41 -23.30 -15.25
CA LEU A 158 -15.59 -23.63 -14.46
C LEU A 158 -16.86 -23.01 -15.00
N HIS A 159 -16.77 -22.00 -15.87
CA HIS A 159 -17.95 -21.42 -16.49
C HIS A 159 -18.42 -22.22 -17.70
N LEU A 160 -17.70 -23.27 -18.08
CA LEU A 160 -18.14 -24.14 -19.15
C LEU A 160 -19.21 -25.08 -18.63
N GLU A 161 -20.17 -25.40 -19.51
CA GLU A 161 -21.29 -26.23 -19.08
C GLU A 161 -20.81 -27.62 -18.69
N GLY A 162 -21.40 -28.14 -17.61
CA GLY A 162 -21.05 -29.45 -17.07
C GLY A 162 -19.77 -29.51 -16.29
N GLU A 163 -19.03 -28.41 -16.18
CA GLU A 163 -17.77 -28.46 -15.47
C GLU A 163 -17.95 -28.37 -13.96
N VAL A 164 -18.90 -27.54 -13.51
CA VAL A 164 -19.22 -27.48 -12.08
C VAL A 164 -19.86 -28.80 -11.64
N ASN A 165 -20.69 -29.39 -12.50
CA ASN A 165 -21.34 -30.65 -12.14
C ASN A 165 -20.31 -31.77 -11.96
N LYS A 166 -19.19 -31.70 -12.68
CA LYS A 166 -18.09 -32.66 -12.49
C LYS A 166 -17.52 -32.57 -11.08
N ILE A 167 -17.36 -31.35 -10.58
CA ILE A 167 -16.89 -31.15 -9.20
C ILE A 167 -17.96 -31.61 -8.21
N LYS A 168 -19.22 -31.24 -8.46
CA LYS A 168 -20.31 -31.61 -7.57
C LYS A 168 -20.39 -33.11 -7.36
N SER A 169 -20.08 -33.89 -8.40
CA SER A 169 -20.14 -35.34 -8.31
C SER A 169 -18.99 -35.91 -7.49
N ALA A 170 -17.78 -35.40 -7.69
CA ALA A 170 -16.61 -35.95 -7.01
C ALA A 170 -16.59 -35.63 -5.52
N LEU A 171 -17.25 -34.56 -5.10
CA LEU A 171 -17.36 -34.21 -3.68
C LEU A 171 -18.68 -34.67 -3.08
N LEU A 172 -19.23 -35.78 -3.57
CA LEU A 172 -20.49 -36.27 -3.05
C LEU A 172 -20.29 -37.19 -1.85
N SER A 173 -19.32 -38.10 -1.93
CA SER A 173 -19.04 -39.07 -0.88
C SER A 173 -17.87 -38.66 0.01
N THR A 174 -17.11 -37.63 -0.36
CA THR A 174 -15.98 -37.20 0.44
C THR A 174 -15.86 -35.68 0.34
N ASN A 175 -14.94 -35.13 1.11
CA ASN A 175 -14.74 -33.68 1.16
C ASN A 175 -13.59 -33.20 0.29
N LYS A 176 -12.57 -34.01 0.07
CA LYS A 176 -11.43 -33.66 -0.76
C LYS A 176 -11.33 -34.66 -1.90
N ALA A 177 -11.07 -34.15 -3.11
CA ALA A 177 -11.00 -35.01 -4.28
C ALA A 177 -10.17 -34.34 -5.35
N VAL A 178 -9.55 -35.16 -6.19
CA VAL A 178 -8.76 -34.68 -7.33
C VAL A 178 -9.63 -34.78 -8.57
N VAL A 179 -9.82 -33.66 -9.25
CA VAL A 179 -10.69 -33.57 -10.42
C VAL A 179 -9.84 -33.14 -11.61
N SER A 180 -9.98 -33.86 -12.71
CA SER A 180 -9.37 -33.47 -13.98
C SER A 180 -10.39 -32.63 -14.75
N LEU A 181 -10.06 -31.37 -15.01
CA LEU A 181 -10.98 -30.48 -15.70
C LEU A 181 -10.92 -30.76 -17.21
N SER A 182 -11.80 -30.09 -17.96
CA SER A 182 -11.89 -30.31 -19.40
C SER A 182 -10.65 -29.80 -20.13
N ASN A 183 -9.90 -28.89 -19.53
CA ASN A 183 -8.68 -28.36 -20.11
C ASN A 183 -7.45 -29.14 -19.73
N GLY A 184 -7.60 -30.23 -18.98
CA GLY A 184 -6.48 -31.08 -18.61
C GLY A 184 -5.81 -30.75 -17.30
N VAL A 185 -6.27 -29.73 -16.59
CA VAL A 185 -5.68 -29.37 -15.30
C VAL A 185 -6.27 -30.28 -14.23
N SER A 186 -5.40 -31.02 -13.55
CA SER A 186 -5.82 -31.88 -12.45
C SER A 186 -5.78 -31.05 -11.16
N VAL A 187 -6.94 -30.55 -10.72
CA VAL A 187 -7.01 -29.70 -9.54
C VAL A 187 -7.44 -30.52 -8.34
N LEU A 188 -7.01 -30.07 -7.17
CA LEU A 188 -7.36 -30.71 -5.91
C LEU A 188 -8.54 -29.94 -5.33
N THR A 189 -9.71 -30.57 -5.31
CA THR A 189 -10.96 -29.90 -4.94
C THR A 189 -11.34 -30.19 -3.51
N PHE A 190 -11.92 -29.19 -2.84
CA PHE A 190 -12.24 -29.24 -1.42
C PHE A 190 -13.67 -28.78 -1.22
N LYS A 191 -14.41 -29.51 -0.37
CA LYS A 191 -15.73 -29.10 0.10
C LYS A 191 -15.57 -28.75 1.58
N VAL A 192 -15.45 -27.45 1.86
CA VAL A 192 -15.13 -27.00 3.20
C VAL A 192 -16.35 -26.63 4.02
N LEU A 193 -17.52 -26.55 3.38
CA LEU A 193 -18.73 -26.17 4.09
C LEU A 193 -19.92 -26.66 3.30
N ASP A 194 -20.80 -27.43 3.95
CA ASP A 194 -21.99 -28.00 3.32
C ASP A 194 -23.20 -27.35 4.01
N LEU A 195 -23.64 -26.21 3.48
CA LEU A 195 -24.85 -25.59 3.97
C LEU A 195 -26.10 -26.23 3.38
N LYS A 196 -25.97 -26.82 2.19
CA LYS A 196 -27.10 -27.51 1.58
C LYS A 196 -27.59 -28.66 2.43
N ASN A 197 -26.65 -29.42 3.01
CA ASN A 197 -27.05 -30.52 3.89
C ASN A 197 -27.67 -29.99 5.17
N TYR A 198 -27.10 -28.94 5.74
CA TYR A 198 -27.60 -28.42 7.01
C TYR A 198 -28.97 -27.76 6.85
N ILE A 199 -29.16 -26.97 5.80
CA ILE A 199 -30.40 -26.23 5.63
C ILE A 199 -31.54 -27.15 5.19
N ASP A 200 -31.23 -28.12 4.33
CA ASP A 200 -32.26 -29.04 3.86
C ASP A 200 -32.62 -30.12 4.89
N LYS A 201 -31.76 -30.35 5.88
CA LYS A 201 -32.05 -31.34 6.92
C LYS A 201 -32.56 -30.72 8.21
N GLN A 202 -31.99 -29.60 8.65
CA GLN A 202 -32.36 -29.03 9.94
C GLN A 202 -33.25 -27.80 9.83
N LEU A 203 -33.26 -27.09 8.70
CA LEU A 203 -34.00 -25.85 8.59
C LEU A 203 -35.21 -25.93 7.66
N LEU A 204 -35.20 -26.85 6.70
CA LEU A 204 -36.34 -27.02 5.79
C LEU A 204 -37.55 -27.64 6.48
N PRO A 205 -37.42 -28.69 7.30
CA PRO A 205 -38.61 -29.25 7.96
C PRO A 205 -39.32 -28.26 8.87
N ILE A 206 -38.59 -27.32 9.47
CA ILE A 206 -39.20 -26.30 10.29
C ILE A 206 -39.94 -25.28 9.44
N LEU A 207 -39.95 -25.45 8.13
CA LEU A 207 -40.64 -24.56 7.21
C LEU A 207 -41.52 -25.36 6.25
N SER A 211 -47.41 -20.97 11.15
CA SER A 211 -47.29 -21.95 10.07
C SER A 211 -46.05 -22.81 10.27
N CYS A 212 -45.14 -22.34 11.11
CA CYS A 212 -43.84 -22.93 11.31
C CYS A 212 -43.29 -22.49 12.67
N SER A 213 -42.54 -23.37 13.32
CA SER A 213 -42.04 -23.03 14.65
C SER A 213 -41.03 -24.09 15.09
N ILE A 214 -40.12 -23.66 15.98
CA ILE A 214 -39.27 -24.56 16.74
C ILE A 214 -38.78 -23.81 17.97
N SER A 215 -38.60 -24.54 19.08
CA SER A 215 -38.07 -23.97 20.30
C SER A 215 -36.73 -24.60 20.70
N ASN A 216 -36.01 -25.16 19.73
CA ASN A 216 -34.67 -25.70 19.96
C ASN A 216 -33.67 -24.60 19.64
N ILE A 217 -33.16 -23.93 20.67
CA ILE A 217 -32.25 -22.81 20.49
C ILE A 217 -30.90 -23.25 19.93
N GLU A 218 -30.50 -24.50 20.17
CA GLU A 218 -29.20 -24.98 19.72
C GLU A 218 -29.10 -25.01 18.20
N THR A 219 -30.21 -25.06 17.49
CA THR A 219 -30.18 -24.95 16.04
C THR A 219 -29.90 -23.51 15.60
N VAL A 220 -30.38 -22.53 16.36
CA VAL A 220 -30.13 -21.13 16.03
C VAL A 220 -28.66 -20.79 16.19
N ILE A 221 -28.05 -21.24 17.29
CA ILE A 221 -26.64 -20.94 17.53
C ILE A 221 -25.76 -21.70 16.56
N GLU A 222 -26.08 -22.97 16.30
CA GLU A 222 -25.29 -23.74 15.35
C GLU A 222 -25.38 -23.16 13.94
N PHE A 223 -26.56 -22.69 13.56
CA PHE A 223 -26.72 -22.08 12.24
C PHE A 223 -25.92 -20.79 12.11
N GLN A 224 -25.88 -19.97 13.17
CA GLN A 224 -25.07 -18.75 13.14
C GLN A 224 -23.59 -19.09 12.98
N GLN A 225 -23.14 -20.18 13.63
CA GLN A 225 -21.74 -20.57 13.53
C GLN A 225 -21.40 -21.07 12.13
N LYS A 226 -22.30 -21.86 11.53
CA LYS A 226 -22.03 -22.43 10.23
C LYS A 226 -22.17 -21.41 9.11
N ASN A 227 -23.07 -20.43 9.26
CA ASN A 227 -23.28 -19.41 8.25
C ASN A 227 -22.24 -18.30 8.30
N ASN A 228 -21.53 -18.18 9.43
CA ASN A 228 -20.60 -17.07 9.60
C ASN A 228 -19.51 -17.12 8.55
N ARG A 229 -18.96 -18.31 8.28
CA ARG A 229 -17.85 -18.41 7.35
C ARG A 229 -18.24 -17.92 5.97
N LEU A 230 -19.46 -18.20 5.54
CA LEU A 230 -19.93 -17.69 4.27
C LEU A 230 -20.00 -16.17 4.29
N LEU A 231 -20.56 -15.60 5.37
CA LEU A 231 -20.69 -14.15 5.48
C LEU A 231 -19.33 -13.46 5.45
N GLU A 232 -18.33 -14.06 6.09
CA GLU A 232 -17.01 -13.46 6.15
C GLU A 232 -16.26 -13.63 4.85
N ILE A 233 -16.41 -14.79 4.21
CA ILE A 233 -15.85 -14.98 2.87
C ILE A 233 -16.46 -13.96 1.89
N THR A 234 -17.77 -13.72 2.00
CA THR A 234 -18.40 -12.77 1.12
C THR A 234 -17.89 -11.35 1.36
N ARG A 235 -17.69 -10.96 2.63
CA ARG A 235 -17.20 -9.61 2.92
C ARG A 235 -15.82 -9.39 2.32
N GLU A 236 -14.92 -10.37 2.47
CA GLU A 236 -13.56 -10.21 1.96
C GLU A 236 -13.55 -10.03 0.47
N PHE A 237 -14.41 -10.76 -0.26
CA PHE A 237 -14.47 -10.62 -1.70
C PHE A 237 -15.07 -9.29 -2.14
N SER A 238 -15.95 -8.70 -1.33
CA SER A 238 -16.61 -7.47 -1.74
C SER A 238 -15.69 -6.27 -1.64
N VAL A 239 -14.82 -6.23 -0.64
CA VAL A 239 -13.92 -5.10 -0.46
C VAL A 239 -12.60 -5.37 -1.15
N ASN A 240 -12.56 -6.41 -2.00
CA ASN A 240 -11.34 -6.75 -2.69
C ASN A 240 -11.60 -7.11 -4.15
N ALA A 241 -12.73 -6.67 -4.72
CA ALA A 241 -13.06 -6.86 -6.13
C ALA A 241 -12.97 -8.33 -6.55
N GLY A 242 -13.11 -9.25 -5.61
CA GLY A 242 -13.11 -10.66 -5.91
C GLY A 242 -11.76 -11.36 -5.85
N VAL A 243 -10.68 -10.65 -5.51
CA VAL A 243 -9.36 -11.25 -5.42
C VAL A 243 -8.71 -10.77 -4.12
N THR A 244 -8.41 -11.71 -3.22
CA THR A 244 -7.84 -11.36 -1.93
C THR A 244 -6.47 -11.99 -1.75
N THR A 245 -5.58 -11.26 -1.08
CA THR A 245 -4.26 -11.72 -0.69
C THR A 245 -3.84 -10.88 0.52
N PRO A 246 -3.32 -11.50 1.58
CA PRO A 246 -3.14 -12.95 1.75
C PRO A 246 -4.46 -13.69 1.85
N VAL A 247 -4.39 -15.02 1.80
CA VAL A 247 -5.58 -15.85 1.89
C VAL A 247 -5.93 -16.03 3.36
N SER A 248 -7.15 -15.63 3.74
CA SER A 248 -7.56 -15.62 5.14
C SER A 248 -7.90 -17.04 5.62
N THR A 249 -8.06 -17.17 6.94
CA THR A 249 -8.47 -18.44 7.53
C THR A 249 -9.91 -18.78 7.19
N TYR A 250 -10.73 -17.79 6.85
CA TYR A 250 -12.07 -18.05 6.33
C TYR A 250 -12.00 -18.69 4.95
N MET A 251 -11.17 -18.12 4.07
CA MET A 251 -11.00 -18.68 2.74
C MET A 251 -10.45 -20.09 2.80
N LEU A 252 -9.51 -20.33 3.72
CA LEU A 252 -8.85 -21.64 3.83
C LEU A 252 -8.28 -21.73 5.24
N THR A 253 -8.83 -22.64 6.05
CA THR A 253 -8.37 -22.77 7.43
C THR A 253 -7.00 -23.43 7.48
N ASN A 254 -6.37 -23.33 8.66
CA ASN A 254 -5.01 -23.82 8.81
C ASN A 254 -4.94 -25.33 8.60
N SER A 255 -5.93 -26.07 9.10
CA SER A 255 -5.93 -27.51 8.91
C SER A 255 -6.24 -27.90 7.46
N GLU A 256 -7.07 -27.12 6.76
CA GLU A 256 -7.34 -27.41 5.36
C GLU A 256 -6.11 -27.14 4.50
N LEU A 257 -5.38 -26.07 4.82
CA LEU A 257 -4.19 -25.74 4.05
C LEU A 257 -3.10 -26.77 4.26
N LEU A 258 -2.90 -27.23 5.49
CA LEU A 258 -1.89 -28.25 5.75
C LEU A 258 -2.21 -29.55 5.03
N SER A 259 -3.48 -29.94 4.99
CA SER A 259 -3.86 -31.13 4.25
C SER A 259 -3.85 -30.89 2.74
N LEU A 260 -4.16 -29.67 2.31
CA LEU A 260 -4.01 -29.35 0.89
C LEU A 260 -2.56 -29.49 0.46
N ILE A 261 -1.62 -29.06 1.32
CA ILE A 261 -0.20 -29.18 1.04
C ILE A 261 0.24 -30.64 1.03
N ASN A 262 -0.31 -31.44 1.94
CA ASN A 262 0.12 -32.83 2.07
C ASN A 262 -0.27 -33.66 0.84
N ASP A 263 -1.35 -33.29 0.17
CA ASP A 263 -1.82 -34.02 -1.01
C ASP A 263 -1.36 -33.39 -2.33
N MET A 264 -0.49 -32.43 -2.26
CA MET A 264 -0.07 -31.71 -3.44
C MET A 264 1.02 -32.49 -4.17
N PRO A 265 1.02 -32.51 -5.51
CA PRO A 265 2.03 -33.30 -6.26
C PRO A 265 3.40 -32.63 -6.29
N ILE A 266 4.03 -32.54 -5.12
CA ILE A 266 5.33 -31.90 -4.97
C ILE A 266 6.24 -32.83 -4.17
N THR A 267 7.52 -32.48 -4.14
CA THR A 267 8.49 -33.27 -3.39
C THR A 267 8.33 -33.06 -1.89
N ASN A 268 8.87 -34.01 -1.13
CA ASN A 268 8.79 -33.93 0.33
C ASN A 268 9.56 -32.74 0.88
N ASP A 269 10.59 -32.27 0.17
CA ASP A 269 11.27 -31.06 0.61
C ASP A 269 10.35 -29.86 0.56
N GLN A 270 9.57 -29.73 -0.53
CA GLN A 270 8.64 -28.62 -0.62
C GLN A 270 7.48 -28.76 0.36
N LYS A 271 7.03 -30.00 0.61
CA LYS A 271 5.98 -30.20 1.60
C LYS A 271 6.43 -29.76 2.98
N LYS A 272 7.61 -30.20 3.41
CA LYS A 272 8.13 -29.80 4.71
C LYS A 272 8.39 -28.30 4.76
N LEU A 273 8.86 -27.72 3.64
CA LEU A 273 9.11 -26.28 3.59
C LEU A 273 7.82 -25.49 3.71
N MET A 274 6.83 -25.82 2.88
CA MET A 274 5.58 -25.08 2.91
C MET A 274 4.83 -25.31 4.22
N SER A 275 4.94 -26.51 4.80
CA SER A 275 4.25 -26.80 6.06
C SER A 275 4.83 -25.99 7.21
N ASN A 276 6.16 -25.88 7.27
CA ASN A 276 6.82 -25.13 8.33
C ASN A 276 6.74 -23.63 8.13
N ASN A 277 6.20 -23.15 7.01
CA ASN A 277 6.09 -21.72 6.78
C ASN A 277 4.74 -21.40 6.14
N VAL A 278 3.66 -21.88 6.75
CA VAL A 278 2.33 -21.71 6.15
C VAL A 278 1.93 -20.24 6.15
N GLN A 279 2.29 -19.51 7.20
CA GLN A 279 1.89 -18.11 7.27
C GLN A 279 2.58 -17.28 6.17
N ILE A 280 3.69 -17.78 5.62
CA ILE A 280 4.27 -17.15 4.44
C ILE A 280 3.51 -17.57 3.19
N VAL A 281 3.16 -18.86 3.11
CA VAL A 281 2.38 -19.35 1.98
C VAL A 281 1.10 -18.53 1.82
N ARG A 282 0.47 -18.16 2.95
CA ARG A 282 -0.74 -17.37 2.87
C ARG A 282 -0.48 -16.03 2.19
N GLN A 283 0.57 -15.33 2.61
CA GLN A 283 0.82 -14.01 2.04
C GLN A 283 1.17 -14.07 0.57
N GLN A 284 1.81 -15.15 0.13
CA GLN A 284 2.18 -15.28 -1.26
C GLN A 284 1.12 -16.01 -2.07
N SER A 285 -0.07 -16.20 -1.50
CA SER A 285 -1.17 -16.89 -2.16
C SER A 285 -2.29 -15.92 -2.47
N TYR A 286 -3.13 -16.34 -3.42
CA TYR A 286 -4.28 -15.55 -3.83
C TYR A 286 -5.54 -16.38 -3.74
N SER A 287 -6.64 -15.71 -3.40
CA SER A 287 -7.97 -16.30 -3.41
C SER A 287 -8.79 -15.54 -4.45
N ILE A 288 -9.24 -16.25 -5.48
CA ILE A 288 -9.91 -15.65 -6.62
C ILE A 288 -11.36 -16.12 -6.63
N MET A 289 -12.30 -15.19 -6.48
CA MET A 289 -13.71 -15.54 -6.53
C MET A 289 -14.07 -15.99 -7.94
N CYS A 290 -14.74 -17.15 -8.02
CA CYS A 290 -14.89 -17.82 -9.30
C CYS A 290 -16.32 -17.80 -9.83
N ILE A 291 -17.18 -18.65 -9.26
CA ILE A 291 -18.50 -18.89 -9.83
C ILE A 291 -19.47 -19.30 -8.73
N ILE A 292 -20.74 -18.94 -8.91
CA ILE A 292 -21.85 -19.54 -8.18
C ILE A 292 -22.81 -20.12 -9.20
N LYS A 293 -22.99 -21.43 -9.15
CA LYS A 293 -23.81 -22.10 -10.14
C LYS A 293 -24.17 -23.48 -9.62
N GLU A 294 -25.43 -23.86 -9.81
CA GLU A 294 -25.95 -25.18 -9.46
C GLU A 294 -25.70 -25.49 -7.99
N GLU A 295 -26.06 -24.53 -7.13
CA GLU A 295 -26.00 -24.70 -5.68
C GLU A 295 -24.58 -24.95 -5.21
N VAL A 296 -23.60 -24.43 -5.94
CA VAL A 296 -22.19 -24.58 -5.61
C VAL A 296 -21.57 -23.20 -5.65
N LEU A 297 -20.86 -22.84 -4.57
CA LEU A 297 -20.02 -21.66 -4.53
C LEU A 297 -18.57 -22.13 -4.65
N ALA A 298 -17.88 -21.70 -5.69
CA ALA A 298 -16.51 -22.13 -5.95
C ALA A 298 -15.61 -20.91 -6.06
N TYR A 299 -14.46 -20.97 -5.38
CA TYR A 299 -13.42 -19.97 -5.56
C TYR A 299 -12.09 -20.71 -5.64
N VAL A 300 -11.10 -20.05 -6.24
CA VAL A 300 -9.81 -20.66 -6.52
C VAL A 300 -8.79 -20.10 -5.54
N VAL A 301 -8.05 -21.00 -4.89
CA VAL A 301 -6.93 -20.62 -4.05
C VAL A 301 -5.66 -20.95 -4.82
N GLN A 302 -4.88 -19.94 -5.10
CA GLN A 302 -3.67 -20.05 -5.91
C GLN A 302 -2.47 -20.07 -4.97
N LEU A 303 -1.80 -21.24 -4.89
CA LEU A 303 -0.72 -21.43 -3.93
C LEU A 303 0.65 -21.36 -4.61
N PRO A 304 1.66 -20.85 -3.90
CA PRO A 304 2.99 -20.75 -4.49
C PRO A 304 3.69 -22.10 -4.55
N LEU A 305 4.48 -22.28 -5.61
CA LEU A 305 5.41 -23.40 -5.72
C LEU A 305 6.82 -22.84 -5.77
N TYR A 306 7.67 -23.32 -4.87
CA TYR A 306 9.04 -22.83 -4.74
C TYR A 306 9.96 -23.78 -5.49
N GLY A 307 10.23 -23.44 -6.75
CA GLY A 307 11.10 -24.23 -7.61
C GLY A 307 12.58 -24.04 -7.36
N VAL A 308 12.94 -22.98 -6.65
CA VAL A 308 14.31 -22.69 -6.26
C VAL A 308 14.39 -22.72 -4.74
N ILE A 309 15.16 -23.68 -4.21
CA ILE A 309 15.22 -23.93 -2.77
C ILE A 309 16.67 -24.16 -2.38
N ASP A 310 17.10 -23.51 -1.30
CA ASP A 310 18.41 -23.70 -0.68
C ASP A 310 19.56 -23.27 -1.57
N THR A 311 19.31 -22.36 -2.52
CA THR A 311 20.44 -21.71 -3.18
C THR A 311 20.87 -20.49 -2.39
N PRO A 312 22.11 -20.01 -2.59
CA PRO A 312 22.61 -18.91 -1.77
C PRO A 312 21.92 -17.59 -2.09
N CYS A 313 21.49 -16.88 -1.04
CA CYS A 313 20.99 -15.53 -1.18
C CYS A 313 21.86 -14.58 -0.39
N TRP A 314 21.96 -13.34 -0.85
CA TRP A 314 22.64 -12.31 -0.09
C TRP A 314 21.97 -10.97 -0.37
N LYS A 315 22.05 -10.09 0.62
CA LYS A 315 21.43 -8.78 0.55
C LYS A 315 22.50 -7.72 0.47
N LEU A 316 22.32 -6.77 -0.44
CA LEU A 316 23.28 -5.70 -0.65
C LEU A 316 22.69 -4.41 -0.10
N HIS A 317 23.40 -3.80 0.83
CA HIS A 317 23.05 -2.52 1.40
C HIS A 317 24.03 -1.49 0.86
N THR A 318 23.51 -0.34 0.41
CA THR A 318 24.36 0.71 -0.12
C THR A 318 23.97 2.02 0.54
N SER A 319 24.92 2.95 0.62
CA SER A 319 24.71 4.27 1.20
C SER A 319 25.62 5.23 0.46
N PRO A 320 25.30 6.53 0.45
CA PRO A 320 26.05 7.46 -0.40
C PRO A 320 27.47 7.65 0.11
N LEU A 321 28.40 7.70 -0.83
CA LEU A 321 29.82 7.86 -0.57
C LEU A 321 30.24 9.23 -1.10
N CYS A 322 30.57 10.15 -0.21
CA CYS A 322 30.88 11.52 -0.58
C CYS A 322 32.24 11.92 -0.07
N THR A 323 32.78 12.96 -0.69
CA THR A 323 34.00 13.53 -0.17
C THR A 323 33.66 14.43 1.02
N THR A 324 34.65 14.62 1.88
CA THR A 324 34.46 15.26 3.17
C THR A 324 35.24 16.57 3.26
N ASN A 325 35.31 17.28 2.13
CA ASN A 325 36.04 18.55 2.13
C ASN A 325 35.24 19.60 2.89
N THR A 326 35.93 20.68 3.25
CA THR A 326 35.33 21.71 4.09
C THR A 326 34.29 22.53 3.34
N LYS A 327 34.57 22.90 2.09
CA LYS A 327 33.63 23.63 1.25
C LYS A 327 32.64 22.65 0.65
N GLU A 328 31.34 22.78 1.00
CA GLU A 328 30.33 21.83 0.57
C GLU A 328 29.99 21.92 -0.91
N GLY A 329 30.51 22.93 -1.60
CA GLY A 329 30.35 23.02 -3.05
C GLY A 329 31.45 22.36 -3.84
N SER A 330 32.54 21.96 -3.19
CA SER A 330 33.60 21.18 -3.81
C SER A 330 33.46 19.68 -3.55
N ASN A 331 32.30 19.23 -3.06
CA ASN A 331 32.13 17.85 -2.66
C ASN A 331 31.32 17.08 -3.69
N ILE A 332 31.74 15.86 -3.94
CA ILE A 332 31.09 15.01 -4.92
C ILE A 332 30.69 13.71 -4.24
N CYS A 333 29.60 13.12 -4.70
CA CYS A 333 29.08 11.92 -4.10
C CYS A 333 28.98 10.82 -5.14
N LEU A 334 28.72 9.63 -4.65
CA LEU A 334 28.69 8.41 -5.44
C LEU A 334 27.96 7.36 -4.62
N THR A 335 26.98 6.72 -5.22
CA THR A 335 26.17 5.71 -4.53
C THR A 335 25.95 4.52 -5.44
N ARG A 336 26.17 3.33 -4.88
CA ARG A 336 25.84 2.11 -5.59
C ARG A 336 24.33 1.95 -5.65
N THR A 337 23.80 1.76 -6.86
CA THR A 337 22.36 1.72 -7.08
C THR A 337 21.80 0.30 -7.12
N ASP A 338 22.65 -0.71 -6.98
CA ASP A 338 22.21 -2.09 -7.16
C ASP A 338 21.76 -2.75 -5.86
N ARG A 339 21.14 -2.01 -4.94
CA ARG A 339 20.79 -2.62 -3.66
C ARG A 339 19.55 -3.48 -3.77
N GLY A 340 19.49 -4.50 -2.93
CA GLY A 340 18.36 -5.40 -2.94
C GLY A 340 18.79 -6.82 -2.61
N TRP A 341 17.92 -7.76 -2.95
CA TRP A 341 18.18 -9.17 -2.71
C TRP A 341 18.77 -9.81 -3.96
N TYR A 342 19.79 -10.64 -3.74
CA TYR A 342 20.43 -11.41 -4.79
C TYR A 342 20.37 -12.88 -4.42
N CYS A 343 19.96 -13.71 -5.36
CA CYS A 343 19.83 -15.15 -5.14
C CYS A 343 20.36 -15.87 -6.35
N ASP A 344 21.18 -16.89 -6.13
CA ASP A 344 21.60 -17.74 -7.23
C ASP A 344 20.38 -18.46 -7.77
N ASN A 345 20.24 -18.50 -9.10
CA ASN A 345 19.06 -19.11 -9.69
C ASN A 345 19.39 -19.54 -11.12
N ALA A 346 19.58 -20.84 -11.33
CA ALA A 346 19.68 -21.43 -12.67
C ALA A 346 20.84 -20.82 -13.47
N GLY A 347 22.03 -20.84 -12.88
CA GLY A 347 23.20 -20.30 -13.55
C GLY A 347 23.27 -18.79 -13.61
N SER A 348 22.20 -18.09 -13.27
CA SER A 348 22.19 -16.65 -13.24
C SER A 348 22.00 -16.21 -11.80
N VAL A 349 21.65 -14.94 -11.61
CA VAL A 349 21.34 -14.41 -10.28
C VAL A 349 20.03 -13.65 -10.39
N SER A 350 19.03 -14.07 -9.62
CA SER A 350 17.78 -13.35 -9.55
C SER A 350 17.95 -12.14 -8.65
N PHE A 351 17.70 -10.96 -9.18
CA PHE A 351 17.92 -9.73 -8.43
C PHE A 351 16.57 -9.09 -8.10
N PHE A 352 16.36 -8.80 -6.80
CA PHE A 352 15.09 -8.24 -6.35
C PHE A 352 15.30 -6.80 -5.89
N PRO A 353 15.06 -5.82 -6.78
CA PRO A 353 15.44 -4.43 -6.47
C PRO A 353 14.55 -3.80 -5.42
N GLN A 354 13.31 -4.26 -5.28
CA GLN A 354 12.39 -3.80 -4.24
C GLN A 354 12.46 -4.83 -3.12
N ALA A 355 13.40 -4.66 -2.19
CA ALA A 355 13.70 -5.66 -1.17
C ALA A 355 12.53 -5.87 -0.21
N GLU A 356 11.46 -5.09 -0.37
CA GLU A 356 10.21 -5.26 0.35
C GLU A 356 9.38 -6.42 -0.18
N THR A 357 9.60 -6.84 -1.42
CA THR A 357 8.88 -7.95 -2.01
C THR A 357 9.35 -9.31 -1.49
N CYS A 358 10.49 -9.36 -0.82
CA CYS A 358 11.01 -10.58 -0.23
C CYS A 358 10.67 -10.63 1.26
N LYS A 359 10.49 -11.85 1.75
CA LYS A 359 10.10 -12.06 3.14
C LYS A 359 11.08 -13.04 3.76
N VAL A 360 11.63 -12.69 4.91
CA VAL A 360 12.75 -13.41 5.51
C VAL A 360 12.27 -14.11 6.77
N GLN A 361 12.49 -15.41 6.84
CA GLN A 361 12.19 -16.19 8.04
C GLN A 361 13.49 -16.82 8.51
N SER A 362 14.05 -16.27 9.60
CA SER A 362 15.36 -16.68 10.09
C SER A 362 16.42 -16.48 9.01
N ASN A 363 16.90 -17.57 8.42
CA ASN A 363 17.92 -17.51 7.40
C ASN A 363 17.40 -17.94 6.03
N ARG A 364 16.08 -17.94 5.83
CA ARG A 364 15.49 -18.28 4.54
C ARG A 364 14.77 -17.06 3.95
N VAL A 365 14.87 -16.91 2.64
CA VAL A 365 14.31 -15.75 1.93
C VAL A 365 13.26 -16.23 0.94
N PHE A 366 12.04 -15.69 1.07
CA PHE A 366 10.92 -16.04 0.20
C PHE A 366 10.66 -14.89 -0.75
N CYS A 367 10.94 -15.10 -2.04
CA CYS A 367 10.76 -14.06 -3.03
C CYS A 367 9.93 -14.59 -4.19
N ASP A 368 9.35 -13.67 -4.95
CA ASP A 368 8.56 -14.01 -6.12
C ASP A 368 9.36 -13.59 -7.36
N THR A 369 9.65 -14.55 -8.24
CA THR A 369 10.48 -14.27 -9.40
C THR A 369 9.84 -13.26 -10.34
N MET A 370 8.53 -13.04 -10.23
CA MET A 370 7.89 -12.02 -11.04
C MET A 370 8.39 -10.63 -10.69
N ASN A 371 8.98 -10.46 -9.50
CA ASN A 371 9.56 -9.18 -9.05
C ASN A 371 11.08 -9.18 -9.13
N SER A 372 11.67 -9.91 -10.07
CA SER A 372 13.11 -10.03 -10.13
C SER A 372 13.62 -9.69 -11.51
N LEU A 373 14.92 -9.39 -11.56
CA LEU A 373 15.69 -9.25 -12.78
C LEU A 373 16.72 -10.37 -12.83
N THR A 374 16.95 -10.90 -14.03
CA THR A 374 17.88 -12.00 -14.23
C THR A 374 19.22 -11.42 -14.67
N LEU A 375 20.20 -11.47 -13.80
CA LEU A 375 21.51 -10.91 -14.06
C LEU A 375 22.57 -12.01 -14.17
N PRO A 376 23.68 -11.75 -14.85
CA PRO A 376 24.81 -12.68 -14.83
C PRO A 376 25.36 -12.84 -13.43
N SER A 377 25.94 -14.01 -13.15
CA SER A 377 26.50 -14.21 -11.83
C SER A 377 27.68 -13.30 -11.54
N GLU A 378 28.29 -12.71 -12.59
CA GLU A 378 29.41 -11.78 -12.43
C GLU A 378 29.01 -10.46 -11.74
N VAL A 379 27.71 -10.24 -11.53
CA VAL A 379 27.29 -9.04 -10.82
C VAL A 379 27.82 -9.04 -9.39
N ASN A 380 28.17 -10.21 -8.87
CA ASN A 380 28.71 -10.27 -7.52
C ASN A 380 30.10 -9.66 -7.44
N LEU A 381 30.84 -9.61 -8.54
CA LEU A 381 32.18 -9.05 -8.49
C LEU A 381 32.15 -7.57 -8.17
N CYS A 382 31.01 -6.91 -8.34
CA CYS A 382 30.92 -5.51 -7.99
C CYS A 382 31.17 -5.27 -6.51
N ASN A 383 30.96 -6.28 -5.67
CA ASN A 383 31.21 -6.14 -4.24
C ASN A 383 32.68 -6.33 -3.93
N VAL A 384 33.39 -7.08 -4.76
CA VAL A 384 34.81 -7.36 -4.51
C VAL A 384 35.70 -6.36 -5.22
N ASP A 385 35.38 -6.08 -6.49
CA ASP A 385 36.16 -5.15 -7.33
C ASP A 385 35.16 -4.39 -8.20
N ILE A 386 34.67 -3.26 -7.69
CA ILE A 386 33.69 -2.46 -8.42
C ILE A 386 34.25 -1.92 -9.72
N PHE A 387 35.56 -2.04 -9.94
CA PHE A 387 36.19 -1.61 -11.18
C PHE A 387 36.51 -2.78 -12.10
N ASN A 388 36.01 -3.98 -11.80
CA ASN A 388 36.30 -5.15 -12.62
C ASN A 388 35.82 -4.93 -14.05
N PRO A 389 36.50 -5.52 -15.03
CA PRO A 389 36.11 -5.33 -16.43
C PRO A 389 34.95 -6.23 -16.87
N LYS A 390 34.59 -7.23 -16.06
CA LYS A 390 33.59 -8.21 -16.47
C LYS A 390 32.16 -7.69 -16.33
N TYR A 391 31.86 -6.97 -15.25
CA TYR A 391 30.54 -6.38 -15.07
C TYR A 391 30.66 -4.88 -14.87
N ASP A 392 29.80 -4.13 -15.55
CA ASP A 392 29.79 -2.68 -15.43
C ASP A 392 28.92 -2.33 -14.22
N CYS A 393 29.55 -2.09 -13.08
CA CYS A 393 28.82 -1.84 -11.86
C CYS A 393 28.11 -0.49 -11.91
N ARG A 394 26.89 -0.45 -11.40
CA ARG A 394 26.03 0.70 -11.55
C ARG A 394 26.09 1.58 -10.31
N ILE A 395 26.31 2.88 -10.54
CA ILE A 395 26.36 3.87 -9.49
C ILE A 395 25.49 5.04 -9.92
N MET A 396 25.25 5.94 -8.98
CA MET A 396 24.68 7.24 -9.30
C MET A 396 25.55 8.33 -8.69
N THR A 397 25.53 9.51 -9.32
CA THR A 397 26.42 10.59 -8.91
C THR A 397 25.64 11.81 -8.45
N LEU A 398 24.39 11.65 -8.04
CA LEU A 398 23.67 12.77 -7.44
C LEU A 398 24.40 13.21 -6.19
N LYS A 399 24.52 14.52 -6.00
CA LYS A 399 25.23 15.09 -4.85
C LYS A 399 24.30 15.00 -3.64
N THR A 400 24.36 13.87 -2.97
CA THR A 400 23.48 13.56 -1.84
C THR A 400 24.23 13.74 -0.52
N ASP A 401 24.73 14.95 -0.34
CA ASP A 401 25.57 15.27 0.81
C ASP A 401 24.74 15.55 2.06
N VAL A 402 23.79 14.67 2.38
CA VAL A 402 23.04 14.71 3.62
C VAL A 402 23.38 13.45 4.39
N SER A 403 23.30 13.52 5.71
CA SER A 403 23.65 12.35 6.51
C SER A 403 22.47 11.40 6.58
N SER A 404 22.79 10.11 6.59
CA SER A 404 21.77 9.08 6.70
C SER A 404 22.43 7.82 7.20
N SER A 405 21.60 6.87 7.63
CA SER A 405 22.06 5.56 8.06
C SER A 405 21.25 4.46 7.37
N VAL A 406 21.87 3.30 7.21
CA VAL A 406 21.20 2.13 6.62
C VAL A 406 21.34 0.98 7.61
N ILE A 407 20.23 0.54 8.17
CA ILE A 407 20.25 -0.55 9.12
C ILE A 407 20.31 -1.86 8.36
N THR A 408 21.41 -2.60 8.54
CA THR A 408 21.66 -3.84 7.83
C THR A 408 21.20 -5.04 8.67
N SER A 409 21.59 -6.23 8.24
CA SER A 409 21.16 -7.44 8.93
C SER A 409 21.88 -7.61 10.26
N LEU A 410 23.16 -7.23 10.30
CA LEU A 410 24.01 -7.40 11.47
C LEU A 410 24.74 -6.12 11.88
N GLY A 411 24.34 -4.97 11.38
CA GLY A 411 25.01 -3.77 11.79
C GLY A 411 24.34 -2.53 11.25
N ALA A 412 25.13 -1.50 10.98
CA ALA A 412 24.57 -0.26 10.48
C ALA A 412 25.63 0.43 9.63
N ILE A 413 25.23 0.88 8.47
CA ILE A 413 26.07 1.76 7.68
C ILE A 413 25.71 3.20 8.06
N VAL A 414 26.72 4.04 8.28
CA VAL A 414 26.47 5.43 8.63
C VAL A 414 27.21 6.31 7.64
N SER A 415 26.44 7.09 6.87
CA SER A 415 26.99 8.13 6.01
C SER A 415 26.79 9.45 6.74
N CYS A 416 27.88 10.00 7.25
CA CYS A 416 27.83 11.21 8.04
C CYS A 416 28.53 12.29 7.23
N TYR A 417 27.81 13.37 6.94
CA TYR A 417 28.37 14.49 6.17
C TYR A 417 27.91 15.81 6.78
N GLY A 418 28.74 16.82 6.62
CA GLY A 418 28.37 18.14 7.12
C GLY A 418 28.53 18.26 8.62
N LYS A 419 27.57 18.94 9.25
CA LYS A 419 27.59 19.19 10.68
C LYS A 419 26.66 18.27 11.45
N THR A 420 26.29 17.13 10.87
CA THR A 420 25.34 16.24 11.51
C THR A 420 26.02 15.42 12.59
N LYS A 421 25.29 15.21 13.70
CA LYS A 421 25.77 14.39 14.82
C LYS A 421 25.37 12.95 14.56
N CYS A 422 26.36 12.08 14.34
CA CYS A 422 26.11 10.66 14.11
C CYS A 422 26.80 9.87 15.20
N THR A 423 26.01 9.12 15.98
CA THR A 423 26.54 8.37 17.12
C THR A 423 25.94 6.97 17.15
N ALA A 424 26.59 6.09 17.89
CA ALA A 424 26.08 4.75 18.14
C ALA A 424 26.05 4.50 19.63
N SER A 425 24.91 4.05 20.14
CA SER A 425 24.71 3.93 21.57
C SER A 425 24.45 2.47 21.96
N ASN A 426 24.54 2.24 23.25
CA ASN A 426 24.37 0.96 23.89
C ASN A 426 23.06 0.95 24.67
N LYS A 427 22.66 -0.26 25.07
CA LYS A 427 21.34 -0.48 25.68
C LYS A 427 21.05 0.53 26.79
N ASN A 428 21.95 0.63 27.76
CA ASN A 428 21.76 1.52 28.88
C ASN A 428 22.94 2.44 29.14
N ARG A 429 24.13 2.15 28.58
CA ARG A 429 25.32 2.91 28.90
C ARG A 429 25.41 4.21 28.12
N GLY A 430 24.86 4.26 26.92
CA GLY A 430 24.87 5.47 26.13
C GLY A 430 25.82 5.40 24.94
N ILE A 431 26.26 6.58 24.51
CA ILE A 431 27.11 6.70 23.33
C ILE A 431 28.41 5.94 23.54
N ILE A 432 28.66 4.97 22.65
CA ILE A 432 29.90 4.22 22.65
C ILE A 432 30.70 4.43 21.37
N LYS A 433 30.13 5.04 20.35
CA LYS A 433 30.87 5.38 19.15
C LYS A 433 30.34 6.68 18.57
N THR A 434 31.26 7.58 18.21
CA THR A 434 30.94 8.83 17.53
C THR A 434 31.53 8.77 16.13
N PHE A 435 30.67 8.85 15.11
CA PHE A 435 31.12 8.76 13.73
C PHE A 435 31.66 10.10 13.23
N SER A 436 32.80 10.06 12.55
CA SER A 436 33.32 11.23 11.85
C SER A 436 32.80 11.23 10.41
N ASN A 437 33.09 12.32 9.69
CA ASN A 437 32.59 12.48 8.33
C ASN A 437 33.12 11.38 7.42
N GLY A 438 32.27 10.94 6.51
CA GLY A 438 32.60 9.84 5.64
C GLY A 438 31.59 8.72 5.80
N CYS A 439 31.94 7.52 5.32
CA CYS A 439 31.07 6.37 5.43
C CYS A 439 31.75 5.33 6.32
N ASP A 440 31.06 4.90 7.36
CA ASP A 440 31.59 3.93 8.30
C ASP A 440 30.53 2.88 8.59
N TYR A 441 30.87 1.95 9.48
CA TYR A 441 30.04 0.80 9.79
C TYR A 441 30.27 0.39 11.22
N VAL A 442 29.21 -0.07 11.88
CA VAL A 442 29.32 -0.59 13.23
C VAL A 442 28.55 -1.91 13.27
N SER A 443 29.10 -2.88 13.99
CA SER A 443 28.42 -4.15 14.12
C SER A 443 27.33 -4.06 15.20
N ASN A 444 26.33 -4.93 15.08
CA ASN A 444 25.28 -4.93 16.09
C ASN A 444 25.74 -5.50 17.42
N LYS A 445 26.95 -6.07 17.48
CA LYS A 445 27.50 -6.59 18.73
C LYS A 445 27.69 -5.46 19.74
N GLY A 446 26.91 -5.46 20.81
CA GLY A 446 27.02 -4.44 21.84
C GLY A 446 26.37 -3.13 21.50
N VAL A 447 25.83 -2.98 20.29
CA VAL A 447 25.19 -1.74 19.85
C VAL A 447 23.71 -2.00 19.71
N ASP A 448 22.89 -1.07 20.22
CA ASP A 448 21.45 -1.20 20.16
C ASP A 448 20.78 -0.15 19.30
N THR A 449 21.31 1.06 19.27
CA THR A 449 20.70 2.12 18.48
C THR A 449 21.77 2.91 17.76
N VAL A 450 21.32 3.63 16.73
CA VAL A 450 22.13 4.52 15.93
C VAL A 450 21.37 5.84 15.81
N SER A 451 22.05 6.94 16.06
CA SER A 451 21.47 8.26 15.89
C SER A 451 22.17 8.99 14.76
N VAL A 452 21.38 9.54 13.85
CA VAL A 452 21.88 10.40 12.78
C VAL A 452 21.03 11.67 12.82
N GLY A 453 21.63 12.77 13.24
CA GLY A 453 20.84 13.98 13.40
C GLY A 453 19.76 13.74 14.43
N ASN A 454 18.52 13.98 14.03
CA ASN A 454 17.37 13.80 14.90
C ASN A 454 16.67 12.47 14.68
N THR A 455 17.30 11.53 13.96
CA THR A 455 16.67 10.26 13.65
C THR A 455 17.38 9.15 14.42
N LEU A 456 16.60 8.41 15.20
CA LEU A 456 17.13 7.30 16.00
C LEU A 456 16.75 5.98 15.34
N TYR A 457 17.75 5.17 15.01
CA TYR A 457 17.52 3.88 14.36
C TYR A 457 17.85 2.77 15.35
N TYR A 458 16.97 1.77 15.44
CA TYR A 458 17.28 0.57 16.19
C TYR A 458 17.90 -0.44 15.24
N VAL A 459 19.01 -1.05 15.67
CA VAL A 459 19.65 -2.08 14.88
C VAL A 459 18.97 -3.42 15.16
N ASN A 460 19.14 -4.35 14.22
CA ASN A 460 18.61 -5.70 14.39
C ASN A 460 19.55 -6.49 15.30
N LYS A 461 18.98 -7.15 16.31
CA LYS A 461 19.80 -7.86 17.27
C LYS A 461 20.05 -9.31 16.87
N GLN A 462 20.01 -9.60 15.58
CA GLN A 462 20.28 -10.94 15.10
C GLN A 462 21.74 -11.30 15.32
N GLU A 463 21.99 -12.58 15.63
CA GLU A 463 23.32 -13.07 15.95
C GLU A 463 24.09 -13.43 14.69
N GLY A 464 25.27 -12.84 14.52
CA GLY A 464 26.11 -13.17 13.37
C GLY A 464 27.36 -12.32 13.39
N LYS A 465 28.36 -12.75 12.62
CA LYS A 465 29.65 -12.08 12.58
C LYS A 465 29.70 -11.03 11.48
N SER A 466 30.18 -9.84 11.80
CA SER A 466 30.42 -8.79 10.81
C SER A 466 31.90 -8.68 10.53
N LEU A 467 32.24 -8.42 9.26
CA LEU A 467 33.63 -8.30 8.84
C LEU A 467 33.81 -6.96 8.13
N TYR A 468 34.77 -6.16 8.62
CA TYR A 468 35.05 -4.84 8.10
C TYR A 468 36.20 -4.93 7.09
N VAL A 469 35.92 -4.56 5.85
CA VAL A 469 36.90 -4.63 4.77
C VAL A 469 37.41 -3.21 4.53
N LYS A 470 38.58 -2.91 5.09
CA LYS A 470 39.19 -1.60 4.97
C LYS A 470 39.56 -1.33 3.51
N GLY A 471 39.40 -0.09 3.08
CA GLY A 471 39.72 0.28 1.71
C GLY A 471 39.56 1.77 1.52
N GLU A 472 40.26 2.26 0.51
CA GLU A 472 40.22 3.69 0.18
C GLU A 472 38.89 4.02 -0.46
N PRO A 473 38.13 4.99 0.08
CA PRO A 473 36.87 5.39 -0.56
C PRO A 473 37.08 5.81 -2.01
N ILE A 474 36.41 5.11 -2.92
CA ILE A 474 36.68 5.28 -4.34
C ILE A 474 36.33 6.66 -4.85
N ILE A 475 35.51 7.41 -4.11
CA ILE A 475 35.18 8.77 -4.52
C ILE A 475 36.42 9.65 -4.51
N ASN A 476 37.44 9.27 -3.76
CA ASN A 476 38.67 10.04 -3.69
C ASN A 476 39.51 9.94 -4.95
N PHE A 477 39.16 9.02 -5.87
CA PHE A 477 39.89 8.80 -7.11
C PHE A 477 39.43 9.70 -8.24
N TYR A 478 38.54 10.64 -7.97
CA TYR A 478 37.94 11.45 -9.02
C TYR A 478 38.27 12.92 -8.79
N ASP A 479 38.46 13.64 -9.90
CA ASP A 479 38.70 15.08 -9.85
C ASP A 479 37.34 15.78 -9.80
N PRO A 480 37.02 16.53 -8.74
CA PRO A 480 35.69 17.15 -8.64
C PRO A 480 35.36 18.12 -9.77
N LEU A 481 36.37 18.64 -10.47
CA LEU A 481 36.12 19.63 -11.50
C LEU A 481 35.66 19.00 -12.81
N VAL A 482 35.86 17.69 -13.00
CA VAL A 482 35.38 16.98 -14.16
C VAL A 482 34.37 15.89 -13.81
N PHE A 483 34.20 15.59 -12.53
CA PHE A 483 33.28 14.55 -12.12
C PHE A 483 31.87 14.89 -12.60
N PRO A 484 31.20 13.99 -13.31
CA PRO A 484 29.83 14.26 -13.72
C PRO A 484 28.87 14.00 -12.57
N SER A 485 28.61 15.02 -11.76
CA SER A 485 27.58 14.91 -10.74
C SER A 485 26.20 14.89 -11.39
N ASP A 486 25.21 14.42 -10.64
CA ASP A 486 23.84 14.27 -11.12
C ASP A 486 23.76 13.33 -12.32
N GLU A 487 24.02 12.06 -12.03
CA GLU A 487 23.71 10.95 -12.93
C GLU A 487 22.76 10.03 -12.17
N PHE A 488 21.51 9.92 -12.64
CA PHE A 488 20.49 9.17 -11.90
C PHE A 488 20.77 7.67 -11.89
N ASP A 489 21.19 7.12 -13.02
CA ASP A 489 21.55 5.70 -13.09
C ASP A 489 22.61 5.56 -14.16
N ALA A 490 23.86 5.44 -13.72
CA ALA A 490 24.98 5.33 -14.64
C ALA A 490 25.79 4.11 -14.20
N SER A 491 27.03 4.05 -14.65
CA SER A 491 27.91 2.95 -14.30
C SER A 491 29.34 3.47 -14.25
N ILE A 492 30.23 2.63 -13.76
CA ILE A 492 31.63 3.03 -13.65
C ILE A 492 32.19 3.43 -15.02
N SER A 493 31.81 2.69 -16.06
CA SER A 493 32.35 2.99 -17.39
C SER A 493 31.69 4.20 -18.01
N GLN A 494 30.38 4.38 -17.79
CA GLN A 494 29.70 5.56 -18.30
C GLN A 494 30.28 6.83 -17.69
N VAL A 495 30.58 6.78 -16.40
CA VAL A 495 31.19 7.94 -15.75
C VAL A 495 32.58 8.18 -16.32
N ASN A 496 33.38 7.11 -16.45
CA ASN A 496 34.73 7.26 -16.98
C ASN A 496 34.70 7.84 -18.38
N GLU A 497 33.73 7.41 -19.19
CA GLU A 497 33.61 7.95 -20.53
C GLU A 497 33.28 9.44 -20.51
N LYS A 498 32.37 9.85 -19.62
CA LYS A 498 32.00 11.27 -19.54
C LYS A 498 33.14 12.14 -19.06
N ILE A 499 34.08 11.59 -18.30
CA ILE A 499 35.21 12.37 -17.80
C ILE A 499 36.22 12.61 -18.91
N ASN A 500 36.48 11.57 -19.73
CA ASN A 500 37.41 11.72 -20.83
C ASN A 500 36.94 12.76 -21.83
N GLN A 501 35.63 12.89 -22.04
CA GLN A 501 35.13 13.94 -22.93
C GLN A 501 35.39 15.32 -22.32
N SER A 502 35.06 15.51 -21.04
CA SER A 502 35.31 16.81 -20.41
C SER A 502 36.79 17.10 -20.24
N LEU A 503 37.64 16.07 -20.22
CA LEU A 503 39.09 16.26 -20.21
C LEU A 503 39.63 16.53 -21.61
N ALA A 504 39.14 15.79 -22.62
CA ALA A 504 39.52 16.05 -24.00
C ALA A 504 39.15 17.47 -24.42
N PHE A 505 38.20 18.10 -23.72
CA PHE A 505 37.82 19.49 -23.93
C PHE A 505 38.84 20.46 -23.35
N ILE A 506 39.98 19.98 -22.86
CA ILE A 506 41.05 20.83 -22.36
C ILE A 506 42.35 20.48 -23.08
N GLN B 26 -5.37 27.33 15.23
CA GLN B 26 -4.57 28.51 15.55
C GLN B 26 -4.51 29.50 14.39
N ASN B 27 -3.42 30.25 14.34
CA ASN B 27 -3.19 31.20 13.25
C ASN B 27 -2.42 30.45 12.17
N ILE B 28 -3.16 29.79 11.28
CA ILE B 28 -2.55 29.19 10.09
C ILE B 28 -2.39 30.29 9.05
N THR B 29 -1.20 30.39 8.47
CA THR B 29 -0.92 31.38 7.44
C THR B 29 -0.17 30.72 6.30
N GLU B 30 -0.27 31.33 5.12
CA GLU B 30 0.41 30.85 3.93
C GLU B 30 1.10 32.00 3.22
N GLU B 31 2.21 31.68 2.58
CA GLU B 31 2.92 32.63 1.74
C GLU B 31 3.18 31.96 0.40
N PHE B 32 2.76 32.59 -0.67
CA PHE B 32 3.09 32.14 -2.02
C PHE B 32 4.21 33.00 -2.57
N TYR B 33 5.27 32.34 -3.06
CA TYR B 33 6.44 33.01 -3.61
C TYR B 33 6.36 32.89 -5.12
N GLN B 34 5.99 34.00 -5.77
CA GLN B 34 5.84 33.99 -7.22
C GLN B 34 7.15 33.68 -7.91
N SER B 35 8.28 34.01 -7.29
CA SER B 35 9.55 33.83 -7.97
C SER B 35 9.90 32.37 -8.17
N THR B 36 9.46 31.49 -7.25
CA THR B 36 9.85 30.09 -7.27
C THR B 36 8.69 29.11 -7.39
N CYS B 37 7.46 29.58 -7.58
CA CYS B 37 6.31 28.69 -7.71
C CYS B 37 6.19 27.75 -6.51
N SER B 38 6.26 28.33 -5.31
CA SER B 38 6.22 27.54 -4.10
C SER B 38 5.45 28.30 -3.04
N ALA B 39 4.89 27.54 -2.09
CA ALA B 39 4.07 28.10 -1.03
C ALA B 39 4.43 27.44 0.28
N VAL B 40 4.39 28.21 1.37
CA VAL B 40 4.70 27.71 2.70
C VAL B 40 3.50 27.92 3.58
N SER B 41 3.00 26.83 4.16
CA SER B 41 1.92 26.88 5.13
C SER B 41 2.57 26.79 6.51
N LYS B 42 2.47 27.86 7.30
CA LYS B 42 3.09 27.90 8.62
C LYS B 42 2.01 28.09 9.68
N GLY B 43 2.40 27.86 10.94
CA GLY B 43 1.47 27.93 12.05
C GLY B 43 1.17 26.60 12.71
N TYR B 44 1.84 25.52 12.31
CA TYR B 44 1.53 24.22 12.85
C TYR B 44 2.40 23.92 14.09
N LEU B 45 2.01 22.89 14.82
CA LEU B 45 2.73 22.43 16.00
C LEU B 45 3.17 21.00 15.79
N SER B 46 4.38 20.67 16.26
CA SER B 46 4.94 19.36 15.99
C SER B 46 4.48 18.34 17.03
N ALA B 47 4.39 17.10 16.58
CA ALA B 47 4.32 15.93 17.46
C ALA B 47 5.04 14.82 16.68
N LEU B 48 6.34 14.70 16.93
CA LEU B 48 7.20 13.84 16.13
C LEU B 48 7.49 12.55 16.87
N ARG B 49 7.26 11.42 16.21
CA ARG B 49 7.61 10.11 16.74
C ARG B 49 9.13 10.01 16.71
N THR B 50 9.77 9.96 17.87
CA THR B 50 11.22 9.90 17.94
C THR B 50 11.75 8.62 18.52
N GLY B 51 10.97 7.94 19.36
CA GLY B 51 11.39 6.73 20.03
C GLY B 51 10.30 5.68 20.02
N TRP B 52 10.54 4.58 20.73
CA TRP B 52 9.58 3.51 20.86
C TRP B 52 9.51 3.09 22.32
N TYR B 53 8.30 2.70 22.74
CA TYR B 53 8.05 2.08 24.02
C TYR B 53 7.51 0.68 23.79
N THR B 54 8.21 -0.32 24.31
CA THR B 54 7.81 -1.71 24.13
C THR B 54 7.15 -2.22 25.40
N SER B 55 5.91 -2.71 25.27
CA SER B 55 5.16 -3.33 26.34
C SER B 55 4.78 -4.74 25.91
N VAL B 56 4.62 -5.62 26.90
CA VAL B 56 4.29 -7.02 26.65
C VAL B 56 2.84 -7.23 27.09
N ILE B 57 1.97 -7.49 26.13
CA ILE B 57 0.58 -7.84 26.39
C ILE B 57 0.46 -9.35 26.48
N THR B 58 -0.27 -9.84 27.48
CA THR B 58 -0.33 -11.27 27.72
C THR B 58 -1.77 -11.73 27.86
N ILE B 59 -1.99 -12.98 27.46
CA ILE B 59 -3.27 -13.66 27.59
C ILE B 59 -2.99 -15.01 28.22
N GLU B 60 -3.57 -15.25 29.39
CA GLU B 60 -3.34 -16.48 30.14
C GLU B 60 -4.13 -17.63 29.51
N LEU B 61 -3.40 -18.65 29.07
CA LEU B 61 -3.98 -19.78 28.34
C LEU B 61 -4.14 -20.99 29.25
N SER B 62 -5.03 -21.88 28.85
CA SER B 62 -5.26 -23.15 29.52
C SER B 62 -4.77 -24.29 28.66
N ASN B 63 -4.10 -25.25 29.28
CA ASN B 63 -3.64 -26.45 28.60
C ASN B 63 -4.60 -27.58 28.97
N ILE B 64 -5.41 -28.01 28.00
CA ILE B 64 -6.43 -29.02 28.23
C ILE B 64 -6.23 -30.21 27.31
N LYS B 65 -7.14 -31.18 27.37
CA LYS B 65 -7.06 -32.36 26.50
C LYS B 65 -7.36 -31.98 25.06
N GLY B 71 -25.57 -40.75 24.11
CA GLY B 71 -26.22 -39.61 24.73
C GLY B 71 -25.48 -38.29 24.55
N THR B 72 -24.85 -38.11 23.39
CA THR B 72 -24.11 -36.88 23.08
C THR B 72 -25.09 -35.86 22.50
N ASP B 73 -25.61 -34.99 23.37
CA ASP B 73 -26.64 -34.04 22.96
C ASP B 73 -26.08 -32.92 22.09
N ALA B 74 -26.79 -31.80 22.00
CA ALA B 74 -26.35 -30.69 21.17
C ALA B 74 -25.50 -29.66 21.91
N LYS B 75 -25.72 -29.47 23.21
CA LYS B 75 -24.95 -28.45 23.92
C LYS B 75 -23.53 -28.89 24.17
N VAL B 76 -23.31 -30.16 24.48
CA VAL B 76 -21.94 -30.64 24.64
C VAL B 76 -21.22 -30.63 23.30
N LYS B 77 -21.95 -30.89 22.21
CA LYS B 77 -21.36 -30.79 20.88
C LYS B 77 -20.94 -29.36 20.55
N LEU B 78 -21.76 -28.38 20.94
CA LEU B 78 -21.44 -26.98 20.63
C LEU B 78 -20.21 -26.50 21.38
N ILE B 79 -20.06 -26.89 22.64
CA ILE B 79 -18.86 -26.47 23.36
C ILE B 79 -17.62 -27.15 22.80
N LYS B 80 -17.73 -28.41 22.33
CA LYS B 80 -16.59 -29.08 21.70
C LYS B 80 -16.18 -28.37 20.41
N GLN B 81 -17.19 -27.83 19.74
CA GLN B 81 -17.00 -27.03 18.55
C GLN B 81 -16.33 -25.71 18.98
N GLU B 82 -16.77 -25.11 20.09
CA GLU B 82 -16.12 -23.87 20.53
C GLU B 82 -14.77 -24.15 21.12
N LEU B 83 -14.57 -25.34 21.71
CA LEU B 83 -13.27 -25.69 22.23
C LEU B 83 -12.30 -26.06 21.11
N ASP B 84 -12.81 -26.57 19.98
CA ASP B 84 -11.95 -26.84 18.85
C ASP B 84 -11.33 -25.57 18.29
N LYS B 85 -12.08 -24.47 18.29
CA LYS B 85 -11.56 -23.19 17.83
C LYS B 85 -10.41 -22.72 18.71
N TYR B 86 -10.59 -22.83 20.03
CA TYR B 86 -9.53 -22.46 20.95
C TYR B 86 -8.28 -23.30 20.70
N LYS B 87 -8.44 -24.60 20.46
CA LYS B 87 -7.29 -25.44 20.13
C LYS B 87 -6.68 -25.02 18.80
N ASN B 88 -7.51 -24.69 17.82
CA ASN B 88 -7.00 -24.31 16.51
C ASN B 88 -6.20 -23.02 16.58
N ALA B 89 -6.72 -22.02 17.31
CA ALA B 89 -6.02 -20.75 17.45
C ALA B 89 -4.69 -20.91 18.16
N VAL B 90 -4.65 -21.73 19.22
CA VAL B 90 -3.40 -21.97 19.92
C VAL B 90 -2.41 -22.72 19.03
N THR B 91 -2.91 -23.72 18.28
CA THR B 91 -2.04 -24.45 17.36
C THR B 91 -1.48 -23.53 16.28
N GLU B 92 -2.27 -22.56 15.84
CA GLU B 92 -1.82 -21.66 14.79
C GLU B 92 -0.80 -20.65 15.32
N LEU B 93 -1.05 -20.08 16.48
CA LEU B 93 -0.11 -19.10 17.01
C LEU B 93 1.27 -19.73 17.24
N GLN B 94 1.32 -20.99 17.67
CA GLN B 94 2.59 -21.70 17.74
C GLN B 94 3.24 -21.78 16.36
N LEU B 95 2.42 -21.86 15.31
CA LEU B 95 2.93 -21.91 13.94
C LEU B 95 3.51 -20.57 13.52
N LEU B 96 2.93 -19.46 13.99
CA LEU B 96 3.51 -18.15 13.73
C LEU B 96 4.77 -17.92 14.54
N MET B 97 4.73 -18.28 15.83
CA MET B 97 5.90 -18.16 16.70
C MET B 97 7.09 -18.95 16.16
N GLN B 98 6.86 -19.99 15.35
CA GLN B 98 7.93 -20.68 14.64
C GLN B 98 8.87 -19.73 13.92
N SER B 99 8.35 -18.56 13.53
CA SER B 99 9.05 -17.62 12.66
C SER B 99 9.56 -16.43 13.46
N THR B 100 10.88 -16.26 13.50
CA THR B 100 11.46 -15.04 14.04
C THR B 100 10.86 -13.83 13.33
N PRO B 101 10.36 -12.83 14.06
CA PRO B 101 9.55 -11.78 13.42
C PRO B 101 10.28 -11.00 12.33
N ALA B 102 9.54 -10.72 11.25
CA ALA B 102 10.02 -9.96 10.10
C ALA B 102 8.87 -9.08 9.61
N THR B 103 9.21 -7.92 9.03
CA THR B 103 8.18 -7.02 8.52
C THR B 103 8.48 -6.58 7.09
N PHE B 137 9.44 14.26 -2.70
CA PHE B 137 10.19 13.99 -3.92
C PHE B 137 11.57 13.40 -3.63
N LEU B 138 12.19 13.85 -2.54
CA LEU B 138 13.54 13.45 -2.20
C LEU B 138 13.60 12.24 -1.27
N GLY B 139 12.59 11.37 -1.31
CA GLY B 139 12.56 10.24 -0.41
C GLY B 139 13.68 9.26 -0.65
N PHE B 140 14.25 9.24 -1.86
CA PHE B 140 15.37 8.34 -2.16
C PHE B 140 16.63 8.74 -1.38
N LEU B 141 16.67 9.95 -0.82
CA LEU B 141 17.75 10.38 0.06
C LEU B 141 17.60 9.87 1.49
N LEU B 142 16.46 9.31 1.86
CA LEU B 142 16.27 8.89 3.24
C LEU B 142 17.10 7.66 3.55
N GLY B 143 17.29 7.43 4.85
CA GLY B 143 17.97 6.24 5.32
C GLY B 143 17.02 5.07 5.37
N VAL B 144 17.52 3.96 5.89
CA VAL B 144 16.78 2.71 5.92
C VAL B 144 16.91 2.13 7.32
N GLY B 145 15.79 1.80 7.95
CA GLY B 145 15.84 1.17 9.26
C GLY B 145 14.65 0.27 9.45
N SER B 146 14.78 -0.64 10.43
CA SER B 146 13.73 -1.62 10.70
C SER B 146 12.77 -1.04 11.73
N ALA B 147 11.50 -0.90 11.36
CA ALA B 147 10.55 -0.23 12.24
C ALA B 147 10.32 -1.04 13.52
N ILE B 148 10.30 -2.37 13.42
CA ILE B 148 10.00 -3.20 14.58
C ILE B 148 11.26 -3.77 15.21
N ALA B 149 12.44 -3.25 14.87
CA ALA B 149 13.67 -3.80 15.43
C ALA B 149 13.69 -3.67 16.94
N SER B 150 13.06 -2.60 17.46
CA SER B 150 13.00 -2.39 18.90
C SER B 150 12.09 -3.41 19.57
N GLY B 151 10.97 -3.75 18.93
CA GLY B 151 10.09 -4.75 19.51
C GLY B 151 10.55 -6.17 19.31
N VAL B 152 11.18 -6.46 18.17
CA VAL B 152 11.69 -7.80 17.90
C VAL B 152 12.80 -8.17 18.87
N ALA B 153 13.60 -7.18 19.29
CA ALA B 153 14.65 -7.42 20.28
C ALA B 153 14.07 -7.82 21.63
N VAL B 154 12.92 -7.24 21.99
CA VAL B 154 12.23 -7.61 23.22
C VAL B 154 11.65 -9.00 23.09
N CYS B 155 11.09 -9.32 21.92
CA CYS B 155 10.53 -10.63 21.68
C CYS B 155 11.62 -11.70 21.81
N LYS B 156 12.81 -11.40 21.29
CA LYS B 156 13.93 -12.32 21.40
C LYS B 156 14.30 -12.61 22.84
N VAL B 157 14.17 -11.60 23.71
CA VAL B 157 14.49 -11.79 25.12
C VAL B 157 13.49 -12.73 25.76
N LEU B 158 12.22 -12.62 25.37
CA LEU B 158 11.19 -13.46 25.96
C LEU B 158 11.39 -14.93 25.64
N HIS B 159 12.22 -15.25 24.66
CA HIS B 159 12.52 -16.64 24.33
C HIS B 159 13.60 -17.25 25.23
N LEU B 160 14.15 -16.49 26.17
CA LEU B 160 15.10 -17.04 27.12
C LEU B 160 14.37 -17.80 28.22
N GLU B 161 15.02 -18.85 28.72
CA GLU B 161 14.40 -19.71 29.72
C GLU B 161 14.14 -18.92 31.01
N GLY B 162 12.99 -19.18 31.62
CA GLY B 162 12.59 -18.50 32.83
C GLY B 162 12.13 -17.08 32.63
N GLU B 163 12.17 -16.55 31.40
CA GLU B 163 11.80 -15.16 31.18
C GLU B 163 10.29 -15.00 31.13
N VAL B 164 9.60 -15.95 30.50
CA VAL B 164 8.14 -15.96 30.58
C VAL B 164 7.71 -16.26 31.99
N ASN B 165 8.47 -17.13 32.69
CA ASN B 165 8.14 -17.47 34.06
C ASN B 165 8.23 -16.26 34.98
N LYS B 166 9.12 -15.31 34.67
CA LYS B 166 9.17 -14.06 35.43
C LYS B 166 7.89 -13.26 35.23
N ILE B 167 7.42 -13.18 33.98
CA ILE B 167 6.18 -12.49 33.69
C ILE B 167 4.99 -13.25 34.26
N LYS B 168 4.97 -14.57 34.06
CA LYS B 168 3.88 -15.39 34.60
C LYS B 168 3.79 -15.25 36.11
N SER B 169 4.94 -15.12 36.79
CA SER B 169 4.97 -14.96 38.24
C SER B 169 4.56 -13.56 38.65
N ALA B 170 5.04 -12.53 37.95
CA ALA B 170 4.76 -11.15 38.33
C ALA B 170 3.31 -10.79 38.07
N LEU B 171 2.64 -11.50 37.17
CA LEU B 171 1.23 -11.26 36.87
C LEU B 171 0.32 -12.22 37.62
N LEU B 172 0.72 -12.60 38.84
CA LEU B 172 -0.06 -13.50 39.66
C LEU B 172 -1.09 -12.75 40.50
N SER B 173 -0.69 -11.65 41.13
CA SER B 173 -1.57 -10.88 42.00
C SER B 173 -2.20 -9.68 41.32
N THR B 174 -1.74 -9.28 40.14
CA THR B 174 -2.32 -8.13 39.46
C THR B 174 -2.28 -8.35 37.95
N ASN B 175 -2.86 -7.41 37.23
CA ASN B 175 -2.93 -7.47 35.78
C ASN B 175 -1.86 -6.63 35.09
N LYS B 176 -1.42 -5.55 35.71
CA LYS B 176 -0.44 -4.65 35.12
C LYS B 176 0.79 -4.61 36.02
N ALA B 177 1.97 -4.76 35.43
CA ALA B 177 3.18 -4.82 36.22
C ALA B 177 4.38 -4.45 35.35
N VAL B 178 5.41 -3.92 36.00
CA VAL B 178 6.67 -3.59 35.35
C VAL B 178 7.67 -4.70 35.69
N VAL B 179 8.24 -5.31 34.65
CA VAL B 179 9.15 -6.44 34.79
C VAL B 179 10.51 -6.03 34.25
N SER B 180 11.56 -6.30 35.02
CA SER B 180 12.93 -6.07 34.57
C SER B 180 13.43 -7.36 33.89
N LEU B 181 13.69 -7.27 32.60
CA LEU B 181 14.15 -8.43 31.85
C LEU B 181 15.65 -8.64 32.06
N SER B 182 16.18 -9.71 31.49
CA SER B 182 17.59 -10.02 31.68
C SER B 182 18.50 -9.02 30.98
N ASN B 183 18.01 -8.33 29.96
CA ASN B 183 18.78 -7.34 29.24
C ASN B 183 18.66 -5.93 29.82
N GLY B 184 17.88 -5.76 30.89
CA GLY B 184 17.75 -4.46 31.51
C GLY B 184 16.58 -3.61 31.04
N VAL B 185 15.77 -4.11 30.11
CA VAL B 185 14.64 -3.31 29.64
C VAL B 185 13.50 -3.42 30.64
N SER B 186 13.06 -2.28 31.14
CA SER B 186 11.95 -2.20 32.09
C SER B 186 10.67 -2.07 31.27
N VAL B 187 9.99 -3.21 31.06
CA VAL B 187 8.77 -3.26 30.23
C VAL B 187 7.55 -3.28 31.12
N LEU B 188 6.45 -2.74 30.60
CA LEU B 188 5.18 -2.72 31.29
C LEU B 188 4.33 -3.87 30.75
N THR B 189 4.07 -4.85 31.59
CA THR B 189 3.39 -6.07 31.21
C THR B 189 1.90 -6.00 31.56
N PHE B 190 1.08 -6.58 30.71
CA PHE B 190 -0.38 -6.53 30.86
C PHE B 190 -0.99 -7.91 30.74
N LYS B 191 -1.91 -8.24 31.64
CA LYS B 191 -2.75 -9.43 31.53
C LYS B 191 -4.16 -8.96 31.26
N VAL B 192 -4.55 -8.95 29.98
CA VAL B 192 -5.85 -8.41 29.58
C VAL B 192 -6.92 -9.48 29.45
N LEU B 193 -6.56 -10.75 29.54
CA LEU B 193 -7.53 -11.83 29.38
C LEU B 193 -7.02 -13.08 30.09
N ASP B 194 -7.86 -13.67 30.95
CA ASP B 194 -7.54 -14.89 31.68
C ASP B 194 -8.49 -15.99 31.22
N LEU B 195 -8.08 -16.73 30.18
CA LEU B 195 -8.88 -17.87 29.74
C LEU B 195 -8.62 -19.11 30.58
N LYS B 196 -7.45 -19.21 31.20
CA LYS B 196 -7.15 -20.36 32.05
C LYS B 196 -8.11 -20.42 33.23
N ASN B 197 -8.46 -19.27 33.79
CA ASN B 197 -9.39 -19.25 34.91
C ASN B 197 -10.77 -19.72 34.48
N TYR B 198 -11.24 -19.28 33.30
CA TYR B 198 -12.58 -19.65 32.86
C TYR B 198 -12.67 -21.13 32.54
N ILE B 199 -11.63 -21.69 31.90
CA ILE B 199 -11.67 -23.07 31.47
C ILE B 199 -11.53 -24.00 32.67
N ASP B 200 -10.66 -23.64 33.61
CA ASP B 200 -10.44 -24.50 34.77
C ASP B 200 -11.54 -24.40 35.81
N LYS B 201 -12.37 -23.35 35.76
CA LYS B 201 -13.46 -23.21 36.72
C LYS B 201 -14.82 -23.61 36.17
N GLN B 202 -15.15 -23.20 34.94
CA GLN B 202 -16.50 -23.43 34.42
C GLN B 202 -16.61 -24.53 33.37
N LEU B 203 -15.54 -24.85 32.68
CA LEU B 203 -15.64 -25.78 31.55
C LEU B 203 -14.99 -27.14 31.75
N LEU B 204 -13.98 -27.26 32.63
CA LEU B 204 -13.37 -28.58 32.82
C LEU B 204 -14.27 -29.54 33.58
N PRO B 205 -14.92 -29.17 34.68
CA PRO B 205 -15.77 -30.15 35.37
C PRO B 205 -16.95 -30.65 34.55
N ILE B 206 -17.49 -29.81 33.65
CA ILE B 206 -18.62 -30.22 32.82
C ILE B 206 -18.21 -31.14 31.69
N LEU B 207 -16.94 -31.55 31.62
CA LEU B 207 -16.47 -32.43 30.54
C LEU B 207 -15.84 -33.70 31.09
N ASN B 208 -16.08 -34.01 32.36
CA ASN B 208 -15.63 -35.27 32.99
C ASN B 208 -16.60 -35.72 34.07
N CYS B 212 -19.96 -35.21 30.42
CA CYS B 212 -20.41 -34.79 29.09
C CYS B 212 -21.91 -34.49 29.07
N SER B 213 -22.33 -33.50 29.86
CA SER B 213 -23.72 -33.05 29.89
C SER B 213 -23.86 -31.73 30.62
N ILE B 214 -24.40 -30.71 29.95
CA ILE B 214 -24.79 -29.46 30.58
C ILE B 214 -26.05 -28.96 29.86
N SER B 215 -26.98 -28.35 30.62
CA SER B 215 -28.19 -27.78 30.05
C SER B 215 -28.30 -26.28 30.32
N ASN B 216 -27.20 -25.63 30.64
CA ASN B 216 -27.14 -24.17 30.77
C ASN B 216 -26.64 -23.62 29.44
N ILE B 217 -27.55 -23.11 28.61
CA ILE B 217 -27.15 -22.59 27.30
C ILE B 217 -26.28 -21.35 27.47
N GLU B 218 -26.43 -20.65 28.60
CA GLU B 218 -25.63 -19.45 28.87
C GLU B 218 -24.15 -19.78 28.98
N THR B 219 -23.81 -21.05 29.23
CA THR B 219 -22.41 -21.47 29.23
C THR B 219 -21.83 -21.45 27.82
N VAL B 220 -22.64 -21.79 26.82
CA VAL B 220 -22.17 -21.76 25.43
C VAL B 220 -21.93 -20.32 24.99
N ILE B 221 -22.85 -19.42 25.30
CA ILE B 221 -22.72 -18.04 24.87
C ILE B 221 -21.58 -17.35 25.63
N GLU B 222 -21.46 -17.61 26.92
CA GLU B 222 -20.39 -17.00 27.71
C GLU B 222 -19.03 -17.44 27.21
N PHE B 223 -18.88 -18.71 26.83
CA PHE B 223 -17.63 -19.16 26.25
C PHE B 223 -17.40 -18.55 24.88
N GLN B 224 -18.45 -18.42 24.07
CA GLN B 224 -18.31 -17.76 22.78
C GLN B 224 -17.84 -16.32 22.96
N GLN B 225 -18.39 -15.62 23.96
CA GLN B 225 -18.00 -14.23 24.18
C GLN B 225 -16.58 -14.13 24.71
N LYS B 226 -16.20 -15.04 25.61
CA LYS B 226 -14.87 -14.95 26.21
C LYS B 226 -13.79 -15.39 25.23
N ASN B 227 -14.10 -16.32 24.33
CA ASN B 227 -13.13 -16.83 23.37
C ASN B 227 -13.01 -15.94 22.12
N ASN B 228 -13.97 -15.02 21.90
CA ASN B 228 -14.01 -14.26 20.67
C ASN B 228 -12.76 -13.43 20.46
N ARG B 229 -12.30 -12.73 21.50
CA ARG B 229 -11.13 -11.86 21.34
C ARG B 229 -9.90 -12.66 20.95
N LEU B 230 -9.75 -13.86 21.50
CA LEU B 230 -8.60 -14.69 21.14
C LEU B 230 -8.65 -15.07 19.66
N LEU B 231 -9.83 -15.51 19.20
CA LEU B 231 -9.96 -15.96 17.82
C LEU B 231 -9.62 -14.84 16.84
N GLU B 232 -9.99 -13.61 17.19
CA GLU B 232 -9.78 -12.49 16.27
C GLU B 232 -8.34 -12.00 16.28
N ILE B 233 -7.72 -11.93 17.46
CA ILE B 233 -6.30 -11.57 17.55
C ILE B 233 -5.48 -12.55 16.73
N THR B 234 -5.85 -13.84 16.79
CA THR B 234 -5.17 -14.85 15.98
C THR B 234 -5.38 -14.60 14.51
N ARG B 235 -6.60 -14.18 14.11
CA ARG B 235 -6.85 -13.89 12.71
C ARG B 235 -5.98 -12.73 12.22
N GLU B 236 -5.90 -11.66 13.01
CA GLU B 236 -5.13 -10.49 12.60
C GLU B 236 -3.65 -10.86 12.42
N PHE B 237 -3.13 -11.72 13.29
CA PHE B 237 -1.75 -12.14 13.14
C PHE B 237 -1.55 -13.05 11.94
N SER B 238 -2.60 -13.79 11.51
CA SER B 238 -2.44 -14.77 10.44
C SER B 238 -2.31 -14.13 9.07
N VAL B 239 -3.04 -13.04 8.81
CA VAL B 239 -3.00 -12.38 7.51
C VAL B 239 -1.99 -11.24 7.52
N ASN B 240 -1.15 -11.19 8.56
CA ASN B 240 -0.16 -10.12 8.66
C ASN B 240 1.20 -10.64 9.12
N ALA B 241 1.49 -11.92 8.90
CA ALA B 241 2.79 -12.51 9.19
C ALA B 241 3.26 -12.29 10.62
N GLY B 242 2.33 -12.04 11.57
CA GLY B 242 2.69 -11.87 12.95
C GLY B 242 2.95 -10.43 13.38
N VAL B 243 2.77 -9.46 12.49
CA VAL B 243 2.99 -8.06 12.79
C VAL B 243 1.84 -7.25 12.21
N THR B 244 1.10 -6.54 13.07
CA THR B 244 -0.05 -5.77 12.60
C THR B 244 0.14 -4.30 12.90
N THR B 245 -0.35 -3.46 11.99
CA THR B 245 -0.43 -2.01 12.15
C THR B 245 -1.51 -1.48 11.22
N PRO B 246 -2.39 -0.59 11.70
CA PRO B 246 -2.47 -0.12 13.09
C PRO B 246 -2.89 -1.19 14.10
N VAL B 247 -2.76 -0.88 15.38
CA VAL B 247 -3.11 -1.81 16.45
C VAL B 247 -4.61 -1.74 16.68
N SER B 248 -5.29 -2.87 16.51
CA SER B 248 -6.74 -2.91 16.59
C SER B 248 -7.21 -2.89 18.06
N THR B 249 -8.50 -2.67 18.23
CA THR B 249 -9.09 -2.73 19.56
C THR B 249 -9.08 -4.17 20.11
N TYR B 250 -9.01 -5.17 19.24
CA TYR B 250 -8.81 -6.54 19.70
C TYR B 250 -7.45 -6.69 20.37
N MET B 251 -6.40 -6.18 19.73
CA MET B 251 -5.07 -6.23 20.31
C MET B 251 -5.02 -5.44 21.61
N LEU B 252 -5.67 -4.28 21.63
CA LEU B 252 -5.59 -3.39 22.79
C LEU B 252 -6.77 -2.44 22.74
N THR B 253 -7.69 -2.58 23.68
CA THR B 253 -8.87 -1.72 23.72
C THR B 253 -8.49 -0.32 24.19
N ASN B 254 -9.42 0.63 24.00
CA ASN B 254 -9.15 2.01 24.35
C ASN B 254 -8.94 2.17 25.85
N SER B 255 -9.71 1.44 26.66
CA SER B 255 -9.51 1.55 28.11
C SER B 255 -8.16 0.96 28.51
N GLU B 256 -7.69 -0.05 27.78
CA GLU B 256 -6.36 -0.59 28.04
C GLU B 256 -5.28 0.38 27.58
N LEU B 257 -5.48 0.99 26.41
CA LEU B 257 -4.49 1.91 25.87
C LEU B 257 -4.38 3.18 26.71
N LEU B 258 -5.51 3.74 27.13
CA LEU B 258 -5.48 4.95 27.96
C LEU B 258 -4.81 4.70 29.30
N SER B 259 -5.02 3.51 29.88
CA SER B 259 -4.33 3.18 31.13
C SER B 259 -2.86 2.85 30.89
N LEU B 260 -2.57 2.26 29.72
CA LEU B 260 -1.17 2.04 29.35
C LEU B 260 -0.42 3.35 29.22
N ILE B 261 -1.07 4.38 28.68
CA ILE B 261 -0.45 5.70 28.56
C ILE B 261 -0.19 6.32 29.92
N ASN B 262 -1.15 6.16 30.85
CA ASN B 262 -1.01 6.82 32.14
C ASN B 262 0.18 6.28 32.91
N ASP B 263 0.53 5.02 32.71
CA ASP B 263 1.64 4.40 33.41
C ASP B 263 2.94 4.48 32.62
N MET B 264 2.93 5.19 31.52
CA MET B 264 4.11 5.23 30.67
C MET B 264 5.11 6.24 31.22
N PRO B 265 6.41 5.94 31.15
CA PRO B 265 7.45 6.86 31.68
C PRO B 265 7.66 8.04 30.74
N ILE B 266 6.63 8.87 30.63
CA ILE B 266 6.61 10.01 29.73
C ILE B 266 6.16 11.24 30.49
N THR B 267 6.30 12.39 29.84
CA THR B 267 5.90 13.65 30.44
C THR B 267 4.37 13.77 30.46
N ASN B 268 3.88 14.64 31.34
CA ASN B 268 2.43 14.86 31.42
C ASN B 268 1.89 15.50 30.15
N ASP B 269 2.74 16.25 29.44
CA ASP B 269 2.37 16.77 28.14
C ASP B 269 2.18 15.64 27.13
N GLN B 270 3.07 14.64 27.17
CA GLN B 270 2.94 13.49 26.29
C GLN B 270 1.74 12.63 26.64
N LYS B 271 1.41 12.52 27.92
CA LYS B 271 0.22 11.79 28.31
C LYS B 271 -1.03 12.44 27.74
N LYS B 272 -1.16 13.76 27.91
CA LYS B 272 -2.31 14.48 27.38
C LYS B 272 -2.34 14.41 25.86
N LEU B 273 -1.17 14.46 25.22
CA LEU B 273 -1.13 14.40 23.76
C LEU B 273 -1.60 13.04 23.26
N MET B 274 -1.09 11.96 23.84
CA MET B 274 -1.47 10.63 23.38
C MET B 274 -2.92 10.31 23.70
N SER B 275 -3.41 10.80 24.84
CA SER B 275 -4.80 10.50 25.22
C SER B 275 -5.79 11.16 24.28
N ASN B 276 -5.55 12.42 23.92
CA ASN B 276 -6.46 13.12 23.03
C ASN B 276 -6.29 12.72 21.57
N ASN B 277 -5.30 11.88 21.27
CA ASN B 277 -5.03 11.46 19.89
C ASN B 277 -4.74 9.97 19.86
N VAL B 278 -5.65 9.18 20.45
CA VAL B 278 -5.42 7.74 20.58
C VAL B 278 -5.44 7.06 19.21
N GLN B 279 -6.31 7.52 18.31
CA GLN B 279 -6.42 6.89 16.99
C GLN B 279 -5.16 7.11 16.15
N ILE B 280 -4.34 8.11 16.49
CA ILE B 280 -3.04 8.23 15.82
C ILE B 280 -2.03 7.27 16.43
N VAL B 281 -2.06 7.13 17.75
CA VAL B 281 -1.17 6.19 18.43
C VAL B 281 -1.36 4.79 17.86
N ARG B 282 -2.61 4.41 17.58
CA ARG B 282 -2.88 3.11 16.99
C ARG B 282 -2.21 2.97 15.62
N GLN B 283 -2.35 4.01 14.79
CA GLN B 283 -1.80 3.97 13.44
C GLN B 283 -0.28 3.94 13.44
N GLN B 284 0.34 4.57 14.44
CA GLN B 284 1.79 4.61 14.54
C GLN B 284 2.33 3.50 15.43
N SER B 285 1.53 2.52 15.80
CA SER B 285 1.97 1.45 16.68
C SER B 285 1.99 0.13 15.94
N TYR B 286 2.74 -0.82 16.50
CA TYR B 286 2.84 -2.14 15.92
C TYR B 286 2.45 -3.17 16.96
N SER B 287 1.84 -4.26 16.49
CA SER B 287 1.52 -5.40 17.34
C SER B 287 2.29 -6.59 16.81
N ILE B 288 3.22 -7.11 17.61
CA ILE B 288 4.14 -8.15 17.18
C ILE B 288 3.85 -9.42 17.96
N MET B 289 3.42 -10.46 17.27
CA MET B 289 3.21 -11.76 17.90
C MET B 289 4.54 -12.31 18.39
N CYS B 290 4.59 -12.71 19.64
CA CYS B 290 5.86 -13.03 20.29
C CYS B 290 6.02 -14.51 20.58
N ILE B 291 5.33 -15.05 21.59
CA ILE B 291 5.66 -16.37 22.11
C ILE B 291 4.39 -17.01 22.65
N ILE B 292 4.33 -18.34 22.57
CA ILE B 292 3.38 -19.15 23.32
C ILE B 292 4.19 -20.17 24.11
N LYS B 293 4.13 -20.07 25.44
CA LYS B 293 4.95 -20.93 26.27
C LYS B 293 4.40 -20.91 27.69
N GLU B 294 4.35 -22.09 28.32
CA GLU B 294 3.93 -22.23 29.71
C GLU B 294 2.53 -21.64 29.90
N GLU B 295 1.61 -22.01 29.01
CA GLU B 295 0.21 -21.61 29.13
C GLU B 295 0.03 -20.10 29.06
N VAL B 296 0.95 -19.42 28.35
CA VAL B 296 0.95 -17.98 28.25
C VAL B 296 1.03 -17.59 26.78
N LEU B 297 0.12 -16.72 26.35
CA LEU B 297 0.19 -16.08 25.05
C LEU B 297 0.66 -14.66 25.26
N ALA B 298 1.81 -14.32 24.66
CA ALA B 298 2.41 -13.01 24.83
C ALA B 298 2.68 -12.42 23.45
N TYR B 299 2.31 -11.15 23.27
CA TYR B 299 2.70 -10.37 22.09
C TYR B 299 3.11 -8.98 22.55
N VAL B 300 3.92 -8.33 21.73
CA VAL B 300 4.52 -7.05 22.09
C VAL B 300 3.78 -5.94 21.35
N VAL B 301 3.37 -4.91 22.06
CA VAL B 301 2.83 -3.70 21.45
C VAL B 301 3.90 -2.61 21.51
N GLN B 302 4.29 -2.13 20.34
CA GLN B 302 5.35 -1.14 20.18
C GLN B 302 4.67 0.22 19.98
N LEU B 303 4.79 1.07 20.96
CA LEU B 303 4.11 2.36 21.03
C LEU B 303 5.06 3.51 20.73
N PRO B 304 4.54 4.56 20.11
CA PRO B 304 5.38 5.71 19.78
C PRO B 304 5.74 6.55 21.00
N LEU B 305 6.94 7.14 20.95
CA LEU B 305 7.36 8.16 21.90
C LEU B 305 7.53 9.46 21.13
N TYR B 306 6.84 10.51 21.60
CA TYR B 306 6.91 11.81 20.94
C TYR B 306 7.86 12.68 21.76
N GLY B 307 9.15 12.66 21.40
CA GLY B 307 10.13 13.46 22.09
C GLY B 307 10.18 14.91 21.66
N VAL B 308 9.59 15.22 20.52
CA VAL B 308 9.50 16.58 19.99
C VAL B 308 8.03 16.96 19.90
N ILE B 309 7.63 17.98 20.67
CA ILE B 309 6.24 18.39 20.77
C ILE B 309 6.15 19.91 20.80
N ASP B 310 5.21 20.45 20.04
CA ASP B 310 4.88 21.87 20.02
C ASP B 310 6.01 22.75 19.50
N THR B 311 6.92 22.21 18.73
CA THR B 311 7.83 23.10 18.01
C THR B 311 7.19 23.49 16.68
N PRO B 312 7.65 24.59 16.06
CA PRO B 312 6.98 25.06 14.83
C PRO B 312 7.22 24.11 13.65
N CYS B 313 6.15 23.81 12.93
CA CYS B 313 6.24 23.07 11.68
C CYS B 313 5.70 23.93 10.56
N TRP B 314 6.20 23.68 9.34
CA TRP B 314 5.61 24.31 8.17
C TRP B 314 5.69 23.37 6.98
N LYS B 315 4.74 23.52 6.07
CA LYS B 315 4.67 22.68 4.89
C LYS B 315 5.02 23.49 3.66
N LEU B 316 5.91 22.94 2.83
CA LEU B 316 6.36 23.61 1.62
C LEU B 316 5.77 22.87 0.43
N HIS B 317 5.01 23.59 -0.38
CA HIS B 317 4.43 23.09 -1.62
C HIS B 317 5.19 23.67 -2.80
N THR B 318 5.50 22.84 -3.78
CA THR B 318 6.20 23.30 -4.97
C THR B 318 5.46 22.78 -6.20
N SER B 319 5.65 23.48 -7.31
CA SER B 319 5.06 23.15 -8.59
C SER B 319 6.02 23.64 -9.67
N PRO B 320 5.94 23.10 -10.90
CA PRO B 320 6.97 23.41 -11.90
C PRO B 320 6.87 24.85 -12.39
N LEU B 321 8.04 25.47 -12.57
CA LEU B 321 8.16 26.83 -13.07
C LEU B 321 8.80 26.80 -14.47
N CYS B 322 8.03 27.16 -15.50
CA CYS B 322 8.49 27.03 -16.88
C CYS B 322 8.36 28.35 -17.63
N THR B 323 9.11 28.45 -18.73
CA THR B 323 8.93 29.58 -19.63
C THR B 323 7.73 29.30 -20.56
N THR B 324 7.15 30.38 -21.05
CA THR B 324 5.89 30.33 -21.77
C THR B 324 6.04 30.85 -23.20
N ASN B 325 7.18 30.55 -23.81
CA ASN B 325 7.47 31.00 -25.17
C ASN B 325 6.62 30.23 -26.17
N THR B 326 6.59 30.75 -27.41
CA THR B 326 5.67 30.25 -28.42
C THR B 326 6.05 28.85 -28.88
N LYS B 327 7.33 28.60 -29.14
CA LYS B 327 7.79 27.26 -29.50
C LYS B 327 8.03 26.47 -28.21
N GLU B 328 7.26 25.41 -28.01
CA GLU B 328 7.32 24.67 -26.76
C GLU B 328 8.60 23.86 -26.62
N GLY B 329 9.42 23.80 -27.67
CA GLY B 329 10.73 23.19 -27.61
C GLY B 329 11.86 24.14 -27.25
N SER B 330 11.59 25.45 -27.26
CA SER B 330 12.53 26.46 -26.78
C SER B 330 12.26 26.83 -25.33
N ASN B 331 11.48 26.00 -24.63
CA ASN B 331 11.04 26.28 -23.27
C ASN B 331 11.80 25.41 -22.28
N ILE B 332 12.13 26.02 -21.14
CA ILE B 332 12.87 25.38 -20.07
C ILE B 332 12.05 25.47 -18.79
N CYS B 333 12.20 24.44 -17.94
CA CYS B 333 11.47 24.34 -16.69
C CYS B 333 12.40 24.24 -15.50
N LEU B 334 11.82 24.40 -14.32
CA LEU B 334 12.58 24.41 -13.09
C LEU B 334 11.61 24.18 -11.94
N THR B 335 11.93 23.25 -11.06
CA THR B 335 11.05 22.90 -9.95
C THR B 335 11.85 22.72 -8.66
N ARG B 336 11.40 23.31 -7.58
CA ARG B 336 12.03 23.06 -6.29
C ARG B 336 11.71 21.64 -5.82
N THR B 337 12.74 20.88 -5.47
CA THR B 337 12.55 19.49 -5.12
C THR B 337 12.39 19.28 -3.62
N ASP B 338 12.53 20.34 -2.80
CA ASP B 338 12.57 20.21 -1.35
C ASP B 338 11.20 20.36 -0.71
N ARG B 339 10.13 19.91 -1.37
CA ARG B 339 8.79 20.04 -0.81
C ARG B 339 8.57 18.96 0.24
N GLY B 340 7.73 19.27 1.22
CA GLY B 340 7.41 18.33 2.27
C GLY B 340 7.14 19.06 3.58
N TRP B 341 7.21 18.32 4.68
CA TRP B 341 7.02 18.89 6.01
C TRP B 341 8.37 19.29 6.59
N TYR B 342 8.40 20.46 7.23
CA TYR B 342 9.57 20.96 7.93
C TYR B 342 9.17 21.27 9.36
N CYS B 343 10.00 20.85 10.33
CA CYS B 343 9.72 21.11 11.73
C CYS B 343 11.00 21.48 12.43
N ASP B 344 10.96 22.52 13.26
CA ASP B 344 12.09 22.86 14.09
C ASP B 344 12.33 21.72 15.07
N ASN B 345 13.59 21.30 15.19
CA ASN B 345 13.90 20.16 16.03
C ASN B 345 15.37 20.23 16.45
N ALA B 346 15.60 20.59 17.70
CA ALA B 346 16.92 20.49 18.31
C ALA B 346 17.96 21.30 17.53
N GLY B 347 17.64 22.58 17.29
CA GLY B 347 18.56 23.48 16.60
C GLY B 347 18.74 23.24 15.12
N SER B 348 18.26 22.12 14.59
CA SER B 348 18.28 21.80 13.18
C SER B 348 16.85 21.82 12.67
N VAL B 349 16.62 21.25 11.50
CA VAL B 349 15.27 21.17 10.95
C VAL B 349 15.02 19.75 10.45
N SER B 350 13.98 19.10 10.98
CA SER B 350 13.59 17.79 10.48
C SER B 350 12.76 17.97 9.21
N PHE B 351 13.23 17.37 8.12
CA PHE B 351 12.61 17.52 6.82
C PHE B 351 12.01 16.19 6.40
N PHE B 352 10.72 16.20 6.08
CA PHE B 352 9.96 15.01 5.71
C PHE B 352 9.59 15.10 4.25
N PRO B 353 10.37 14.50 3.34
CA PRO B 353 10.17 14.76 1.90
C PRO B 353 8.90 14.13 1.36
N GLN B 354 8.39 13.06 1.96
CA GLN B 354 7.13 12.46 1.52
C GLN B 354 6.07 12.89 2.52
N ALA B 355 5.43 14.03 2.23
CA ALA B 355 4.46 14.65 3.14
C ALA B 355 3.22 13.79 3.33
N GLU B 356 3.09 12.68 2.60
CA GLU B 356 1.99 11.76 2.80
C GLU B 356 2.18 10.90 4.05
N THR B 357 3.41 10.73 4.51
CA THR B 357 3.68 9.95 5.71
C THR B 357 3.34 10.69 6.99
N CYS B 358 3.06 11.98 6.92
CA CYS B 358 2.71 12.76 8.10
C CYS B 358 1.20 12.85 8.19
N LYS B 359 0.71 12.99 9.43
CA LYS B 359 -0.71 13.00 9.71
C LYS B 359 -1.03 14.27 10.48
N VAL B 360 -2.04 15.00 10.00
CA VAL B 360 -2.39 16.32 10.49
C VAL B 360 -3.71 16.27 11.25
N GLN B 361 -3.72 16.77 12.48
CA GLN B 361 -4.94 16.93 13.28
C GLN B 361 -5.08 18.40 13.63
N SER B 362 -6.00 19.10 12.97
CA SER B 362 -6.17 20.55 13.10
C SER B 362 -4.89 21.28 12.73
N ASN B 363 -4.20 21.84 13.73
CA ASN B 363 -2.95 22.55 13.51
C ASN B 363 -1.77 21.80 14.12
N ARG B 364 -1.94 20.51 14.40
CA ARG B 364 -0.89 19.65 14.90
C ARG B 364 -0.53 18.62 13.84
N VAL B 365 0.76 18.35 13.67
CA VAL B 365 1.23 17.46 12.63
C VAL B 365 2.00 16.33 13.29
N PHE B 366 1.63 15.09 12.97
CA PHE B 366 2.27 13.88 13.50
C PHE B 366 3.15 13.27 12.43
N CYS B 367 4.45 13.26 12.68
CA CYS B 367 5.43 12.70 11.77
C CYS B 367 6.31 11.71 12.50
N ASP B 368 6.93 10.84 11.71
CA ASP B 368 7.84 9.82 12.18
C ASP B 368 9.24 10.20 11.72
N THR B 369 10.17 10.32 12.68
CA THR B 369 11.51 10.78 12.32
C THR B 369 12.24 9.79 11.42
N MET B 370 11.77 8.54 11.35
CA MET B 370 12.39 7.56 10.45
C MET B 370 12.23 7.96 8.99
N ASN B 371 11.26 8.82 8.67
CA ASN B 371 11.02 9.31 7.31
C ASN B 371 11.56 10.72 7.10
N SER B 372 12.63 11.09 7.79
CA SER B 372 13.08 12.47 7.77
C SER B 372 14.57 12.60 7.47
N LEU B 373 14.93 13.80 7.09
CA LEU B 373 16.32 14.24 6.98
C LEU B 373 16.55 15.37 7.97
N THR B 374 17.73 15.39 8.56
CA THR B 374 18.08 16.44 9.50
C THR B 374 18.92 17.47 8.75
N LEU B 375 18.32 18.61 8.48
CA LEU B 375 18.95 19.64 7.67
C LEU B 375 19.33 20.85 8.51
N PRO B 376 20.31 21.63 8.04
CA PRO B 376 20.59 22.90 8.72
C PRO B 376 19.39 23.82 8.65
N SER B 377 19.24 24.66 9.67
CA SER B 377 18.11 25.57 9.70
C SER B 377 18.16 26.58 8.57
N GLU B 378 19.31 26.78 7.93
CA GLU B 378 19.43 27.72 6.81
C GLU B 378 18.64 27.27 5.59
N VAL B 379 18.11 26.04 5.58
CA VAL B 379 17.31 25.59 4.45
C VAL B 379 16.06 26.45 4.31
N ASN B 380 15.66 27.14 5.37
CA ASN B 380 14.48 27.99 5.27
C ASN B 380 14.71 29.21 4.40
N LEU B 381 15.97 29.65 4.24
CA LEU B 381 16.26 30.82 3.41
C LEU B 381 15.91 30.58 1.95
N CYS B 382 15.79 29.32 1.52
CA CYS B 382 15.45 28.99 0.15
C CYS B 382 14.09 29.52 -0.26
N ASN B 383 13.20 29.78 0.70
CA ASN B 383 11.90 30.32 0.38
C ASN B 383 11.92 31.82 0.19
N VAL B 384 12.84 32.52 0.85
CA VAL B 384 12.92 33.97 0.78
C VAL B 384 13.93 34.43 -0.26
N ASP B 385 15.07 33.77 -0.33
CA ASP B 385 16.13 34.12 -1.27
C ASP B 385 16.74 32.80 -1.75
N ILE B 386 16.16 32.23 -2.81
CA ILE B 386 16.64 30.96 -3.33
C ILE B 386 18.06 31.05 -3.85
N PHE B 387 18.61 32.26 -4.01
CA PHE B 387 19.96 32.45 -4.46
C PHE B 387 20.94 32.75 -3.34
N ASN B 388 20.51 32.59 -2.07
CA ASN B 388 21.38 32.91 -0.94
C ASN B 388 22.63 32.05 -0.95
N PRO B 389 23.76 32.58 -0.45
CA PRO B 389 25.01 31.81 -0.47
C PRO B 389 25.13 30.82 0.66
N LYS B 390 24.26 30.87 1.67
CA LYS B 390 24.41 30.01 2.84
C LYS B 390 23.92 28.59 2.57
N TYR B 391 22.79 28.43 1.88
CA TYR B 391 22.29 27.11 1.55
C TYR B 391 22.12 26.97 0.04
N ASP B 392 22.59 25.85 -0.50
CA ASP B 392 22.47 25.55 -1.92
C ASP B 392 21.10 24.92 -2.13
N CYS B 393 20.14 25.73 -2.57
CA CYS B 393 18.78 25.26 -2.71
C CYS B 393 18.68 24.25 -3.84
N ARG B 394 17.84 23.24 -3.65
CA ARG B 394 17.79 22.09 -4.53
C ARG B 394 16.67 22.27 -5.53
N ILE B 395 16.98 22.08 -6.81
CA ILE B 395 16.04 22.20 -7.90
C ILE B 395 16.23 21.01 -8.84
N MET B 396 15.29 20.86 -9.76
CA MET B 396 15.41 19.97 -10.90
C MET B 396 15.04 20.74 -12.16
N THR B 397 15.59 20.31 -13.29
CA THR B 397 15.39 21.04 -14.53
C THR B 397 14.72 20.20 -15.60
N LEU B 398 14.02 19.13 -15.21
CA LEU B 398 13.24 18.35 -16.16
C LEU B 398 12.17 19.23 -16.78
N LYS B 399 11.98 19.09 -18.11
CA LYS B 399 11.01 19.91 -18.84
C LYS B 399 9.62 19.35 -18.60
N THR B 400 9.00 19.81 -17.51
CA THR B 400 7.69 19.33 -17.08
C THR B 400 6.62 20.35 -17.44
N ASP B 401 6.51 20.62 -18.75
CA ASP B 401 5.59 21.62 -19.25
C ASP B 401 4.16 21.07 -19.39
N VAL B 402 3.65 20.40 -18.36
CA VAL B 402 2.26 19.97 -18.30
C VAL B 402 1.59 20.73 -17.15
N SER B 403 0.30 20.97 -17.30
CA SER B 403 -0.39 21.76 -16.29
C SER B 403 -0.82 20.89 -15.13
N SER B 404 -0.73 21.47 -13.94
CA SER B 404 -1.14 20.74 -12.74
C SER B 404 -1.48 21.78 -11.68
N SER B 405 -2.10 21.30 -10.61
CA SER B 405 -2.39 22.16 -9.47
C SER B 405 -2.00 21.47 -8.18
N VAL B 406 -1.69 22.25 -7.17
CA VAL B 406 -1.36 21.73 -5.85
C VAL B 406 -2.27 22.42 -4.85
N ILE B 407 -3.16 21.66 -4.23
CA ILE B 407 -4.04 22.22 -3.21
C ILE B 407 -3.23 22.38 -1.93
N THR B 408 -3.05 23.63 -1.50
CA THR B 408 -2.25 23.93 -0.32
C THR B 408 -3.17 24.01 0.90
N SER B 409 -2.66 24.54 2.01
CA SER B 409 -3.46 24.61 3.24
C SER B 409 -4.54 25.69 3.13
N LEU B 410 -4.22 26.79 2.46
CA LEU B 410 -5.12 27.93 2.38
C LEU B 410 -5.35 28.40 0.96
N GLY B 411 -4.98 27.61 -0.04
CA GLY B 411 -5.20 28.03 -1.41
C GLY B 411 -4.84 26.95 -2.41
N ALA B 412 -4.34 27.38 -3.57
CA ALA B 412 -3.93 26.43 -4.60
C ALA B 412 -2.83 27.06 -5.44
N ILE B 413 -1.77 26.29 -5.68
CA ILE B 413 -0.78 26.67 -6.67
C ILE B 413 -1.25 26.08 -7.99
N VAL B 414 -1.16 26.88 -9.06
CA VAL B 414 -1.56 26.43 -10.38
C VAL B 414 -0.39 26.67 -11.34
N SER B 415 0.12 25.58 -11.93
CA SER B 415 1.07 25.65 -13.03
C SER B 415 0.30 25.38 -14.32
N CYS B 416 0.11 26.42 -15.12
CA CYS B 416 -0.68 26.31 -16.34
C CYS B 416 0.23 26.49 -17.54
N TYR B 417 0.28 25.48 -18.40
CA TYR B 417 1.14 25.54 -19.57
C TYR B 417 0.42 25.03 -20.80
N GLY B 418 0.81 25.56 -21.95
CA GLY B 418 0.20 25.14 -23.21
C GLY B 418 -1.18 25.70 -23.45
N LYS B 419 -2.08 24.85 -23.96
CA LYS B 419 -3.44 25.26 -24.28
C LYS B 419 -4.41 24.85 -23.19
N THR B 420 -3.91 24.58 -21.98
CA THR B 420 -4.74 24.06 -20.91
C THR B 420 -5.65 25.13 -20.32
N LYS B 421 -6.88 24.73 -20.02
CA LYS B 421 -7.83 25.63 -19.38
C LYS B 421 -7.67 25.47 -17.87
N CYS B 422 -7.18 26.52 -17.19
CA CYS B 422 -6.99 26.49 -15.75
C CYS B 422 -7.83 27.59 -15.13
N THR B 423 -8.79 27.21 -14.28
CA THR B 423 -9.68 28.17 -13.65
C THR B 423 -9.88 27.82 -12.19
N ALA B 424 -10.34 28.83 -11.43
CA ALA B 424 -10.79 28.67 -10.05
C ALA B 424 -12.21 29.23 -9.95
N SER B 425 -13.14 28.40 -9.46
CA SER B 425 -14.55 28.77 -9.48
C SER B 425 -15.14 28.76 -8.09
N ASN B 426 -16.33 29.36 -8.00
CA ASN B 426 -17.17 29.38 -6.81
C ASN B 426 -18.43 28.57 -7.06
N LYS B 427 -18.96 28.01 -5.96
CA LYS B 427 -20.14 27.14 -6.02
C LYS B 427 -21.29 27.82 -6.76
N ASN B 428 -21.54 29.11 -6.46
CA ASN B 428 -22.67 29.84 -7.01
C ASN B 428 -22.28 31.02 -7.89
N ARG B 429 -21.09 31.58 -7.72
CA ARG B 429 -20.69 32.80 -8.44
C ARG B 429 -20.08 32.51 -9.80
N GLY B 430 -19.41 31.39 -9.95
CA GLY B 430 -18.82 30.99 -11.20
C GLY B 430 -17.31 31.17 -11.19
N ILE B 431 -16.74 31.24 -12.39
CA ILE B 431 -15.31 31.43 -12.51
C ILE B 431 -14.92 32.78 -11.93
N ILE B 432 -13.99 32.78 -10.99
CA ILE B 432 -13.52 34.02 -10.39
C ILE B 432 -12.04 34.29 -10.65
N LYS B 433 -11.30 33.31 -11.15
CA LYS B 433 -9.94 33.57 -11.61
C LYS B 433 -9.60 32.59 -12.72
N THR B 434 -9.05 33.12 -13.81
CA THR B 434 -8.55 32.32 -14.92
C THR B 434 -7.03 32.46 -14.93
N PHE B 435 -6.34 31.35 -14.77
CA PHE B 435 -4.89 31.37 -14.72
C PHE B 435 -4.31 31.44 -16.12
N SER B 436 -3.36 32.35 -16.33
CA SER B 436 -2.63 32.40 -17.57
C SER B 436 -1.37 31.53 -17.46
N ASN B 437 -0.67 31.36 -18.58
CA ASN B 437 0.49 30.47 -18.59
C ASN B 437 1.55 30.96 -17.62
N GLY B 438 2.16 30.01 -16.94
CA GLY B 438 3.08 30.32 -15.87
C GLY B 438 2.59 29.69 -14.58
N CYS B 439 3.12 30.15 -13.45
CA CYS B 439 2.72 29.63 -12.16
C CYS B 439 2.08 30.75 -11.36
N ASP B 440 0.86 30.49 -10.87
CA ASP B 440 0.12 31.50 -10.12
C ASP B 440 -0.50 30.84 -8.88
N TYR B 441 -1.27 31.63 -8.14
CA TYR B 441 -1.79 31.20 -6.85
C TYR B 441 -3.12 31.91 -6.60
N VAL B 442 -4.03 31.19 -5.95
CA VAL B 442 -5.27 31.80 -5.50
C VAL B 442 -5.54 31.33 -4.08
N SER B 443 -6.01 32.24 -3.22
CA SER B 443 -6.35 31.83 -1.88
C SER B 443 -7.76 31.24 -1.86
N ASN B 444 -8.06 30.48 -0.82
CA ASN B 444 -9.36 29.84 -0.69
C ASN B 444 -10.49 30.84 -0.42
N LYS B 445 -10.17 32.12 -0.18
CA LYS B 445 -11.18 33.15 0.04
C LYS B 445 -12.08 33.25 -1.18
N GLY B 446 -13.34 32.82 -1.04
CA GLY B 446 -14.30 32.87 -2.12
C GLY B 446 -14.18 31.78 -3.15
N VAL B 447 -13.21 30.89 -3.02
CA VAL B 447 -12.95 29.84 -3.99
C VAL B 447 -13.38 28.49 -3.40
N ASP B 448 -14.02 27.67 -4.22
CA ASP B 448 -14.48 26.37 -3.78
C ASP B 448 -13.77 25.23 -4.50
N THR B 449 -13.47 25.41 -5.79
CA THR B 449 -12.84 24.39 -6.60
C THR B 449 -11.83 25.01 -7.56
N VAL B 450 -10.93 24.17 -8.06
CA VAL B 450 -9.94 24.53 -9.06
C VAL B 450 -10.00 23.48 -10.16
N SER B 451 -10.06 23.94 -11.42
CA SER B 451 -10.06 23.04 -12.56
C SER B 451 -8.78 23.25 -13.36
N VAL B 452 -8.14 22.12 -13.70
CA VAL B 452 -6.98 22.13 -14.57
C VAL B 452 -7.24 21.08 -15.64
N GLY B 453 -7.49 21.54 -16.86
CA GLY B 453 -7.85 20.60 -17.90
C GLY B 453 -9.14 19.90 -17.50
N ASN B 454 -9.09 18.57 -17.49
CA ASN B 454 -10.26 17.79 -17.14
C ASN B 454 -10.28 17.36 -15.67
N THR B 455 -9.42 17.92 -14.84
CA THR B 455 -9.30 17.52 -13.45
C THR B 455 -9.85 18.62 -12.55
N LEU B 456 -10.72 18.25 -11.62
CA LEU B 456 -11.35 19.17 -10.68
C LEU B 456 -10.76 18.94 -9.29
N TYR B 457 -10.19 19.99 -8.71
CA TYR B 457 -9.63 19.93 -7.37
C TYR B 457 -10.48 20.76 -6.43
N TYR B 458 -10.75 20.22 -5.23
CA TYR B 458 -11.46 20.96 -4.19
C TYR B 458 -10.44 21.65 -3.28
N VAL B 459 -10.63 22.94 -3.05
CA VAL B 459 -9.71 23.65 -2.16
C VAL B 459 -10.14 23.42 -0.71
N ASN B 460 -9.19 23.67 0.19
CA ASN B 460 -9.47 23.58 1.62
C ASN B 460 -10.25 24.82 2.05
N LYS B 461 -11.36 24.61 2.74
CA LYS B 461 -12.18 25.72 3.21
C LYS B 461 -11.78 26.20 4.60
N GLN B 462 -10.54 25.92 5.02
CA GLN B 462 -10.02 26.38 6.30
C GLN B 462 -9.80 27.89 6.29
N GLU B 463 -10.01 28.51 7.43
CA GLU B 463 -9.89 29.95 7.57
C GLU B 463 -8.44 30.32 7.88
N GLY B 464 -7.88 31.22 7.08
CA GLY B 464 -6.52 31.67 7.32
C GLY B 464 -6.13 32.68 6.27
N LYS B 465 -5.06 33.41 6.58
CA LYS B 465 -4.59 34.50 5.74
C LYS B 465 -3.52 34.00 4.76
N SER B 466 -3.69 34.32 3.47
CA SER B 466 -2.69 34.03 2.46
C SER B 466 -2.00 35.32 2.06
N LEU B 467 -0.70 35.25 1.79
CA LEU B 467 0.06 36.42 1.39
C LEU B 467 0.78 36.10 0.07
N TYR B 468 0.55 36.95 -0.93
CA TYR B 468 1.12 36.77 -2.26
C TYR B 468 2.40 37.59 -2.36
N VAL B 469 3.53 36.92 -2.54
CA VAL B 469 4.84 37.58 -2.58
C VAL B 469 5.22 37.69 -4.05
N LYS B 470 4.99 38.87 -4.62
CA LYS B 470 5.29 39.11 -6.01
C LYS B 470 6.79 39.03 -6.27
N GLY B 471 7.15 38.49 -7.43
CA GLY B 471 8.54 38.34 -7.78
C GLY B 471 8.68 37.84 -9.20
N GLU B 472 9.83 38.13 -9.78
CA GLU B 472 10.13 37.71 -11.15
C GLU B 472 10.45 36.22 -11.15
N PRO B 473 9.75 35.43 -11.96
CA PRO B 473 10.03 33.98 -12.04
C PRO B 473 11.49 33.73 -12.38
N ILE B 474 12.17 32.99 -11.51
CA ILE B 474 13.63 32.90 -11.65
C ILE B 474 14.00 32.21 -12.95
N ILE B 475 13.09 31.46 -13.55
CA ILE B 475 13.37 30.78 -14.80
C ILE B 475 13.68 31.77 -15.91
N ASN B 476 13.24 33.02 -15.76
CA ASN B 476 13.48 34.05 -16.77
C ASN B 476 14.91 34.55 -16.74
N PHE B 477 15.69 34.19 -15.73
CA PHE B 477 17.07 34.61 -15.59
C PHE B 477 18.05 33.73 -16.32
N TYR B 478 17.56 32.73 -17.07
CA TYR B 478 18.40 31.73 -17.68
C TYR B 478 18.28 31.79 -19.20
N ASP B 479 19.41 31.56 -19.88
CA ASP B 479 19.45 31.48 -21.34
C ASP B 479 19.07 30.06 -21.76
N PRO B 480 17.99 29.86 -22.49
CA PRO B 480 17.55 28.49 -22.80
C PRO B 480 18.56 27.69 -23.61
N LEU B 481 19.48 28.35 -24.32
CA LEU B 481 20.40 27.61 -25.18
C LEU B 481 21.54 26.95 -24.42
N VAL B 482 21.80 27.38 -23.18
CA VAL B 482 22.80 26.73 -22.34
C VAL B 482 22.20 26.11 -21.09
N PHE B 483 20.95 26.37 -20.79
CA PHE B 483 20.32 25.84 -19.60
C PHE B 483 20.38 24.31 -19.62
N PRO B 484 20.90 23.67 -18.56
CA PRO B 484 20.96 22.20 -18.56
C PRO B 484 19.60 21.61 -18.25
N SER B 485 18.80 21.37 -19.28
CA SER B 485 17.54 20.68 -19.07
C SER B 485 17.80 19.22 -18.71
N ASP B 486 16.79 18.60 -18.10
CA ASP B 486 16.87 17.22 -17.63
C ASP B 486 18.03 17.04 -16.65
N GLU B 487 17.86 17.65 -15.48
CA GLU B 487 18.67 17.37 -14.30
C GLU B 487 17.68 16.86 -13.26
N PHE B 488 17.82 15.59 -12.89
CA PHE B 488 16.84 14.99 -12.01
C PHE B 488 16.90 15.57 -10.60
N ASP B 489 18.11 15.80 -10.09
CA ASP B 489 18.24 16.38 -8.76
C ASP B 489 19.55 17.17 -8.74
N ALA B 490 19.43 18.49 -8.85
CA ALA B 490 20.59 19.37 -8.86
C ALA B 490 20.34 20.47 -7.85
N SER B 491 21.07 21.57 -7.99
CA SER B 491 20.94 22.69 -7.10
C SER B 491 21.22 23.97 -7.86
N ILE B 492 21.03 25.11 -7.19
CA ILE B 492 21.31 26.41 -7.81
C ILE B 492 22.75 26.47 -8.27
N SER B 493 23.67 25.93 -7.47
CA SER B 493 25.08 26.03 -7.80
C SER B 493 25.49 25.03 -8.88
N GLN B 494 24.94 23.82 -8.85
CA GLN B 494 25.26 22.84 -9.89
C GLN B 494 24.83 23.34 -11.26
N VAL B 495 23.66 23.97 -11.33
CA VAL B 495 23.20 24.53 -12.59
C VAL B 495 24.10 25.68 -13.02
N ASN B 496 24.45 26.57 -12.08
CA ASN B 496 25.36 27.65 -12.42
C ASN B 496 26.71 27.11 -12.85
N GLU B 497 27.17 26.05 -12.21
CA GLU B 497 28.44 25.44 -12.61
C GLU B 497 28.35 24.87 -14.02
N LYS B 498 27.27 24.17 -14.32
CA LYS B 498 27.10 23.59 -15.65
C LYS B 498 26.90 24.65 -16.72
N ILE B 499 26.39 25.82 -16.34
CA ILE B 499 26.16 26.88 -17.32
C ILE B 499 27.47 27.57 -17.67
N ASN B 500 28.31 27.85 -16.66
CA ASN B 500 29.60 28.48 -16.91
C ASN B 500 30.50 27.60 -17.75
N GLN B 501 30.42 26.28 -17.58
CA GLN B 501 31.22 25.36 -18.40
C GLN B 501 30.78 25.42 -19.87
N SER B 502 29.48 25.35 -20.13
CA SER B 502 28.98 25.37 -21.49
C SER B 502 29.18 26.72 -22.17
N LEU B 503 29.36 27.79 -21.39
CA LEU B 503 29.67 29.08 -21.97
C LEU B 503 31.14 29.19 -22.36
N ALA B 504 32.04 28.69 -21.51
CA ALA B 504 33.47 28.69 -21.82
C ALA B 504 33.80 27.93 -23.09
N PHE B 505 32.94 27.00 -23.51
CA PHE B 505 33.10 26.30 -24.77
C PHE B 505 32.66 27.15 -25.96
N ILE B 506 32.30 28.41 -25.72
CA ILE B 506 31.87 29.30 -26.79
C ILE B 506 32.72 30.57 -26.79
N GLN C 26 -15.75 -6.03 -26.13
CA GLN C 26 -15.87 -5.54 -27.49
C GLN C 26 -14.75 -6.03 -28.41
N ASN C 27 -14.45 -5.20 -29.42
CA ASN C 27 -13.41 -5.49 -30.40
C ASN C 27 -12.10 -4.86 -29.88
N ILE C 28 -11.36 -5.63 -29.09
CA ILE C 28 -10.03 -5.20 -28.64
C ILE C 28 -9.03 -5.47 -29.75
N THR C 29 -8.19 -4.48 -30.04
CA THR C 29 -7.15 -4.65 -31.04
C THR C 29 -5.83 -4.10 -30.48
N GLU C 30 -4.73 -4.59 -31.03
CA GLU C 30 -3.40 -4.15 -30.63
C GLU C 30 -2.53 -3.84 -31.85
N GLU C 31 -1.62 -2.90 -31.65
CA GLU C 31 -0.59 -2.58 -32.64
C GLU C 31 0.74 -2.55 -31.93
N PHE C 32 1.71 -3.30 -32.43
CA PHE C 32 3.07 -3.22 -31.95
C PHE C 32 3.91 -2.40 -32.93
N TYR C 33 4.63 -1.40 -32.40
CA TYR C 33 5.46 -0.54 -33.23
C TYR C 33 6.91 -0.96 -33.01
N GLN C 34 7.46 -1.68 -33.99
CA GLN C 34 8.81 -2.20 -33.87
C GLN C 34 9.82 -1.07 -33.73
N SER C 35 9.56 0.09 -34.34
CA SER C 35 10.55 1.16 -34.34
C SER C 35 10.77 1.74 -32.97
N THR C 36 9.77 1.69 -32.09
CA THR C 36 9.86 2.34 -30.78
C THR C 36 9.67 1.40 -29.59
N CYS C 37 9.56 0.09 -29.83
CA CYS C 37 9.38 -0.89 -28.76
C CYS C 37 8.18 -0.56 -27.88
N SER C 38 7.05 -0.28 -28.53
CA SER C 38 5.83 0.07 -27.81
C SER C 38 4.64 -0.55 -28.52
N ALA C 39 3.56 -0.76 -27.75
CA ALA C 39 2.34 -1.37 -28.26
C ALA C 39 1.15 -0.62 -27.70
N VAL C 40 0.10 -0.48 -28.51
CA VAL C 40 -1.12 0.23 -28.12
C VAL C 40 -2.30 -0.73 -28.21
N SER C 41 -3.01 -0.91 -27.10
CA SER C 41 -4.22 -1.72 -27.06
C SER C 41 -5.41 -0.79 -27.12
N LYS C 42 -6.20 -0.88 -28.17
CA LYS C 42 -7.34 0.03 -28.31
C LYS C 42 -8.61 -0.79 -28.41
N GLY C 43 -9.74 -0.08 -28.33
CA GLY C 43 -11.05 -0.69 -28.33
C GLY C 43 -11.78 -0.60 -27.02
N TYR C 44 -11.22 0.10 -26.04
CA TYR C 44 -11.83 0.16 -24.73
C TYR C 44 -12.78 1.34 -24.66
N LEU C 45 -13.62 1.35 -23.63
CA LEU C 45 -14.59 2.41 -23.40
C LEU C 45 -14.32 3.03 -22.03
N SER C 46 -14.48 4.34 -21.94
CA SER C 46 -14.13 5.06 -20.73
C SER C 46 -15.27 5.04 -19.74
N ALA C 47 -14.91 5.09 -18.47
CA ALA C 47 -15.85 5.47 -17.40
C ALA C 47 -15.00 6.22 -16.37
N LEU C 48 -14.95 7.55 -16.53
CA LEU C 48 -14.06 8.39 -15.75
C LEU C 48 -14.83 9.09 -14.63
N ARG C 49 -14.29 9.00 -13.42
CA ARG C 49 -14.88 9.69 -12.28
C ARG C 49 -14.59 11.18 -12.37
N THR C 50 -15.64 11.98 -12.51
CA THR C 50 -15.52 13.42 -12.57
C THR C 50 -16.19 14.12 -11.39
N GLY C 51 -17.17 13.49 -10.75
CA GLY C 51 -17.87 14.11 -9.64
C GLY C 51 -18.07 13.16 -8.47
N TRP C 52 -18.75 13.68 -7.44
CA TRP C 52 -19.02 12.90 -6.24
C TRP C 52 -20.48 13.08 -5.83
N TYR C 53 -21.05 12.02 -5.27
CA TYR C 53 -22.33 12.10 -4.61
C TYR C 53 -22.11 11.75 -3.15
N THR C 54 -22.46 12.67 -2.26
CA THR C 54 -22.32 12.48 -0.83
C THR C 54 -23.69 12.18 -0.23
N SER C 55 -23.81 11.07 0.46
CA SER C 55 -25.03 10.72 1.17
C SER C 55 -24.70 10.56 2.65
N VAL C 56 -25.70 10.79 3.50
CA VAL C 56 -25.53 10.72 4.95
C VAL C 56 -26.21 9.46 5.44
N ILE C 57 -25.42 8.52 5.94
CA ILE C 57 -25.93 7.31 6.56
C ILE C 57 -26.05 7.56 8.05
N THR C 58 -27.16 7.13 8.66
CA THR C 58 -27.41 7.45 10.07
C THR C 58 -27.74 6.18 10.83
N ILE C 59 -27.35 6.18 12.11
CA ILE C 59 -27.70 5.14 13.05
C ILE C 59 -28.21 5.82 14.31
N GLU C 60 -29.48 5.60 14.65
CA GLU C 60 -30.06 6.23 15.81
C GLU C 60 -29.62 5.47 17.06
N LEU C 61 -28.96 6.16 17.97
CA LEU C 61 -28.38 5.58 19.17
C LEU C 61 -29.28 5.81 20.37
N SER C 62 -29.06 5.00 21.40
CA SER C 62 -29.76 5.12 22.66
C SER C 62 -28.81 5.71 23.69
N ASN C 63 -29.31 6.66 24.46
CA ASN C 63 -28.53 7.31 25.50
C ASN C 63 -28.94 6.73 26.85
N ILE C 64 -28.04 5.97 27.47
CA ILE C 64 -28.33 5.27 28.72
C ILE C 64 -27.36 5.67 29.81
N ASP C 73 -28.37 -11.94 37.71
CA ASP C 73 -28.08 -13.35 37.43
C ASP C 73 -26.96 -13.47 36.42
N ALA C 74 -26.92 -14.60 35.72
CA ALA C 74 -25.92 -14.85 34.69
C ALA C 74 -26.36 -14.34 33.33
N LYS C 75 -27.67 -14.29 33.09
CA LYS C 75 -28.18 -13.86 31.80
C LYS C 75 -28.04 -12.35 31.62
N VAL C 76 -28.24 -11.57 32.69
CA VAL C 76 -27.97 -10.14 32.59
C VAL C 76 -26.48 -9.89 32.47
N LYS C 77 -25.65 -10.81 32.96
CA LYS C 77 -24.20 -10.66 32.80
C LYS C 77 -23.83 -10.58 31.32
N LEU C 78 -24.47 -11.41 30.49
CA LEU C 78 -24.26 -11.34 29.06
C LEU C 78 -24.81 -10.03 28.48
N ILE C 79 -25.96 -9.58 28.98
CA ILE C 79 -26.54 -8.33 28.52
C ILE C 79 -25.70 -7.14 28.97
N LYS C 80 -25.18 -7.20 30.21
CA LYS C 80 -24.31 -6.13 30.68
C LYS C 80 -23.01 -6.09 29.88
N GLN C 81 -22.43 -7.24 29.57
CA GLN C 81 -21.21 -7.28 28.77
C GLN C 81 -21.46 -6.75 27.36
N GLU C 82 -22.55 -7.21 26.73
CA GLU C 82 -22.84 -6.76 25.37
C GLU C 82 -23.27 -5.29 25.37
N LEU C 83 -23.86 -4.81 26.47
CA LEU C 83 -24.19 -3.40 26.56
C LEU C 83 -22.93 -2.55 26.77
N ASP C 84 -21.92 -3.10 27.45
CA ASP C 84 -20.66 -2.37 27.62
C ASP C 84 -19.99 -2.16 26.28
N LYS C 85 -20.11 -3.12 25.37
CA LYS C 85 -19.55 -2.97 24.04
C LYS C 85 -20.19 -1.79 23.31
N TYR C 86 -21.52 -1.69 23.37
CA TYR C 86 -22.22 -0.56 22.77
C TYR C 86 -21.77 0.77 23.38
N LYS C 87 -21.63 0.82 24.71
CA LYS C 87 -21.15 2.05 25.34
C LYS C 87 -19.73 2.36 24.94
N ASN C 88 -18.87 1.34 24.91
CA ASN C 88 -17.48 1.57 24.50
C ASN C 88 -17.40 1.97 23.04
N ALA C 89 -18.18 1.33 22.18
CA ALA C 89 -18.16 1.66 20.76
C ALA C 89 -18.58 3.11 20.55
N VAL C 90 -19.64 3.53 21.22
CA VAL C 90 -20.07 4.93 21.14
C VAL C 90 -19.00 5.83 21.75
N THR C 91 -18.41 5.40 22.87
CA THR C 91 -17.34 6.18 23.48
C THR C 91 -16.16 6.32 22.54
N GLU C 92 -15.89 5.27 21.74
CA GLU C 92 -14.77 5.31 20.81
C GLU C 92 -15.07 6.23 19.64
N LEU C 93 -16.27 6.15 19.08
CA LEU C 93 -16.62 7.00 17.95
C LEU C 93 -16.56 8.47 18.36
N GLN C 94 -16.98 8.79 19.59
CA GLN C 94 -16.80 10.15 20.10
C GLN C 94 -15.32 10.50 20.18
N LEU C 95 -14.48 9.52 20.52
CA LEU C 95 -13.04 9.76 20.56
C LEU C 95 -12.47 9.91 19.16
N LEU C 96 -13.02 9.15 18.21
CA LEU C 96 -12.59 9.25 16.83
C LEU C 96 -13.13 10.53 16.18
N MET C 97 -14.42 10.81 16.38
CA MET C 97 -15.02 12.05 15.88
C MET C 97 -14.31 13.28 16.43
N GLN C 98 -13.67 13.17 17.60
CA GLN C 98 -12.89 14.28 18.16
C GLN C 98 -11.96 14.88 17.13
N SER C 99 -11.53 14.08 16.16
CA SER C 99 -10.55 14.49 15.17
C SER C 99 -11.27 14.69 13.84
N THR C 100 -11.29 15.93 13.37
CA THR C 100 -11.76 16.22 12.03
C THR C 100 -11.01 15.32 11.04
N PRO C 101 -11.69 14.68 10.09
CA PRO C 101 -11.03 13.65 9.28
C PRO C 101 -9.75 14.18 8.67
N ALA C 102 -8.75 13.31 8.58
CA ALA C 102 -7.41 13.72 8.20
C ALA C 102 -6.97 12.94 6.97
N THR C 103 -6.14 13.57 6.17
CA THR C 103 -5.68 13.00 4.91
C THR C 103 -4.16 13.03 4.85
N ASN C 104 -3.64 12.18 3.97
CA ASN C 104 -2.20 12.02 3.75
C ASN C 104 -1.90 12.61 2.37
N ASN C 105 -1.83 13.93 2.31
CA ASN C 105 -1.66 14.64 1.05
C ASN C 105 -0.20 14.89 0.73
N ARG C 106 0.10 14.98 -0.56
CA ARG C 106 1.43 15.31 -1.06
C ARG C 106 1.66 16.81 -0.92
N ALA C 107 2.79 17.28 -1.46
CA ALA C 107 3.12 18.70 -1.44
C ALA C 107 3.49 19.20 -2.85
N PHE C 137 4.79 6.02 -15.06
CA PHE C 137 6.19 6.44 -14.91
C PHE C 137 6.29 7.92 -14.50
N LEU C 138 5.38 8.73 -15.02
CA LEU C 138 5.38 10.17 -14.80
C LEU C 138 4.45 10.56 -13.65
N GLY C 139 4.27 9.69 -12.67
CA GLY C 139 3.34 9.97 -11.59
C GLY C 139 3.69 11.19 -10.76
N PHE C 140 4.98 11.55 -10.72
CA PHE C 140 5.38 12.74 -9.99
C PHE C 140 4.88 14.02 -10.63
N LEU C 141 4.43 13.98 -11.89
CA LEU C 141 3.89 15.14 -12.57
C LEU C 141 2.44 15.45 -12.20
N LEU C 142 1.78 14.56 -11.48
CA LEU C 142 0.37 14.75 -11.16
C LEU C 142 0.21 15.89 -10.17
N GLY C 143 -1.03 16.37 -10.05
CA GLY C 143 -1.39 17.37 -9.09
C GLY C 143 -1.58 16.76 -7.71
N VAL C 144 -2.06 17.61 -6.80
CA VAL C 144 -2.30 17.23 -5.40
C VAL C 144 -3.66 17.78 -5.00
N GLY C 145 -4.56 16.89 -4.57
CA GLY C 145 -5.86 17.30 -4.05
C GLY C 145 -6.38 16.25 -3.10
N SER C 146 -7.33 16.64 -2.25
CA SER C 146 -7.90 15.73 -1.26
C SER C 146 -9.13 15.03 -1.83
N ALA C 147 -9.11 13.70 -1.85
CA ALA C 147 -10.22 12.97 -2.45
C ALA C 147 -11.52 13.19 -1.70
N ILE C 148 -11.47 13.34 -0.37
CA ILE C 148 -12.66 13.36 0.46
C ILE C 148 -13.13 14.79 0.78
N ALA C 149 -12.59 15.79 0.08
CA ALA C 149 -12.91 17.17 0.42
C ALA C 149 -14.39 17.47 0.25
N SER C 150 -15.04 16.84 -0.73
CA SER C 150 -16.47 17.08 -0.94
C SER C 150 -17.30 16.45 0.17
N GLY C 151 -16.91 15.28 0.65
CA GLY C 151 -17.61 14.65 1.75
C GLY C 151 -17.29 15.29 3.08
N VAL C 152 -16.07 15.83 3.24
CA VAL C 152 -15.73 16.55 4.46
C VAL C 152 -16.58 17.81 4.60
N ALA C 153 -16.99 18.41 3.48
CA ALA C 153 -17.84 19.59 3.57
C ALA C 153 -19.18 19.27 4.21
N VAL C 154 -19.69 18.06 3.99
CA VAL C 154 -20.93 17.65 4.65
C VAL C 154 -20.67 17.43 6.14
N CYS C 155 -19.53 16.85 6.50
CA CYS C 155 -19.20 16.66 7.92
C CYS C 155 -19.22 18.00 8.65
N LYS C 156 -18.68 19.04 8.01
CA LYS C 156 -18.68 20.37 8.62
C LYS C 156 -20.08 20.92 8.81
N VAL C 157 -21.00 20.61 7.89
CA VAL C 157 -22.37 21.11 8.00
C VAL C 157 -23.10 20.44 9.15
N LEU C 158 -22.89 19.13 9.32
CA LEU C 158 -23.60 18.38 10.35
C LEU C 158 -23.20 18.83 11.75
N HIS C 159 -22.10 19.56 11.92
CA HIS C 159 -21.73 20.10 13.21
C HIS C 159 -22.44 21.41 13.53
N LEU C 160 -23.21 21.97 12.61
CA LEU C 160 -23.96 23.18 12.89
C LEU C 160 -25.22 22.85 13.67
N GLU C 161 -25.59 23.76 14.57
CA GLU C 161 -26.75 23.53 15.42
C GLU C 161 -28.03 23.45 14.59
N GLY C 162 -28.90 22.53 14.99
CA GLY C 162 -30.15 22.29 14.30
C GLY C 162 -30.05 21.50 13.02
N GLU C 163 -28.84 21.15 12.60
CA GLU C 163 -28.68 20.44 11.33
C GLU C 163 -28.94 18.95 11.49
N VAL C 164 -28.53 18.36 12.60
CA VAL C 164 -28.85 16.95 12.85
C VAL C 164 -30.35 16.78 13.09
N ASN C 165 -30.99 17.73 13.77
CA ASN C 165 -32.42 17.61 14.03
C ASN C 165 -33.23 17.64 12.74
N LYS C 166 -32.75 18.34 11.70
CA LYS C 166 -33.43 18.31 10.41
C LYS C 166 -33.45 16.91 9.83
N ILE C 167 -32.32 16.22 9.92
CA ILE C 167 -32.26 14.82 9.47
C ILE C 167 -33.09 13.94 10.39
N LYS C 168 -32.94 14.14 11.71
CA LYS C 168 -33.71 13.37 12.69
C LYS C 168 -35.20 13.52 12.45
N SER C 169 -35.63 14.70 12.00
CA SER C 169 -37.04 14.91 11.70
C SER C 169 -37.46 14.19 10.43
N ALA C 170 -36.62 14.26 9.39
CA ALA C 170 -36.96 13.66 8.10
C ALA C 170 -36.89 12.14 8.14
N LEU C 171 -36.12 11.56 9.06
CA LEU C 171 -36.04 10.11 9.22
C LEU C 171 -36.92 9.61 10.36
N LEU C 172 -38.04 10.28 10.61
CA LEU C 172 -38.93 9.87 11.68
C LEU C 172 -39.95 8.83 11.23
N SER C 173 -40.57 9.05 10.06
CA SER C 173 -41.61 8.16 9.56
C SER C 173 -41.09 7.13 8.55
N THR C 174 -39.87 7.30 8.04
CA THR C 174 -39.30 6.37 7.07
C THR C 174 -37.81 6.27 7.29
N ASN C 175 -37.17 5.40 6.50
CA ASN C 175 -35.73 5.19 6.59
C ASN C 175 -34.94 5.98 5.56
N LYS C 176 -35.55 6.30 4.41
CA LYS C 176 -34.88 7.02 3.34
C LYS C 176 -35.59 8.35 3.12
N ALA C 177 -34.81 9.43 3.00
CA ALA C 177 -35.38 10.75 2.78
C ALA C 177 -34.31 11.63 2.17
N VAL C 178 -34.76 12.63 1.40
CA VAL C 178 -33.89 13.64 0.81
C VAL C 178 -33.97 14.89 1.67
N VAL C 179 -32.83 15.34 2.18
CA VAL C 179 -32.76 16.47 3.11
C VAL C 179 -31.92 17.57 2.47
N SER C 180 -32.45 18.78 2.47
CA SER C 180 -31.70 19.95 2.03
C SER C 180 -30.96 20.53 3.23
N LEU C 181 -29.63 20.48 3.18
CA LEU C 181 -28.81 20.95 4.29
C LEU C 181 -28.68 22.47 4.28
N SER C 182 -28.02 23.01 5.31
CA SER C 182 -27.86 24.45 5.44
C SER C 182 -26.93 25.04 4.38
N ASN C 183 -26.06 24.23 3.77
CA ASN C 183 -25.17 24.70 2.72
C ASN C 183 -25.77 24.55 1.33
N GLY C 184 -27.01 24.09 1.21
CA GLY C 184 -27.69 24.00 -0.05
C GLY C 184 -27.56 22.66 -0.76
N VAL C 185 -26.82 21.71 -0.18
CA VAL C 185 -26.66 20.39 -0.77
C VAL C 185 -27.88 19.55 -0.44
N SER C 186 -28.56 19.04 -1.47
CA SER C 186 -29.70 18.16 -1.28
C SER C 186 -29.14 16.74 -1.20
N VAL C 187 -29.01 16.23 0.03
CA VAL C 187 -28.40 14.93 0.29
C VAL C 187 -29.49 13.89 0.47
N LEU C 188 -29.15 12.65 0.17
CA LEU C 188 -30.03 11.52 0.35
C LEU C 188 -29.62 10.86 1.67
N THR C 189 -30.48 10.95 2.67
CA THR C 189 -30.17 10.47 4.00
C THR C 189 -30.80 9.11 4.23
N PHE C 190 -30.08 8.25 4.97
CA PHE C 190 -30.49 6.87 5.18
C PHE C 190 -30.41 6.54 6.65
N LYS C 191 -31.42 5.84 7.17
CA LYS C 191 -31.44 5.29 8.52
C LYS C 191 -31.32 3.78 8.37
N VAL C 192 -30.11 3.25 8.56
CA VAL C 192 -29.85 1.84 8.32
C VAL C 192 -29.93 0.99 9.57
N LEU C 193 -30.02 1.60 10.75
CA LEU C 193 -30.09 0.85 12.00
C LEU C 193 -30.72 1.71 13.07
N ASP C 194 -31.73 1.17 13.74
CA ASP C 194 -32.42 1.86 14.83
C ASP C 194 -32.15 1.10 16.12
N LEU C 195 -31.07 1.44 16.81
CA LEU C 195 -30.80 0.85 18.11
C LEU C 195 -31.60 1.53 19.21
N LYS C 196 -31.99 2.79 19.01
CA LYS C 196 -32.79 3.49 20.00
C LYS C 196 -34.11 2.76 20.22
N ASN C 197 -34.71 2.25 19.15
CA ASN C 197 -35.96 1.51 19.28
C ASN C 197 -35.75 0.21 20.05
N TYR C 198 -34.66 -0.50 19.76
CA TYR C 198 -34.45 -1.79 20.42
C TYR C 198 -34.14 -1.63 21.90
N ILE C 199 -33.28 -0.68 22.24
CA ILE C 199 -32.83 -0.55 23.63
C ILE C 199 -33.92 0.06 24.51
N ASP C 200 -34.65 1.05 24.00
CA ASP C 200 -35.68 1.71 24.79
C ASP C 200 -36.94 0.88 24.93
N LYS C 201 -37.15 -0.10 24.06
CA LYS C 201 -38.34 -0.94 24.11
C LYS C 201 -38.09 -2.29 24.78
N GLN C 202 -36.94 -2.92 24.52
CA GLN C 202 -36.68 -4.26 25.04
C GLN C 202 -35.65 -4.31 26.16
N LEU C 203 -34.76 -3.33 26.26
CA LEU C 203 -33.68 -3.37 27.25
C LEU C 203 -33.86 -2.36 28.35
N LEU C 204 -34.61 -1.28 28.10
CA LEU C 204 -34.94 -0.34 29.17
C LEU C 204 -35.95 -0.94 30.14
N PRO C 205 -37.02 -1.61 29.72
CA PRO C 205 -37.97 -2.18 30.70
C PRO C 205 -37.33 -3.19 31.63
N ILE C 206 -36.29 -3.90 31.18
CA ILE C 206 -35.61 -4.84 32.07
C ILE C 206 -34.70 -4.13 33.07
N LEU C 207 -34.62 -2.80 32.99
CA LEU C 207 -33.84 -2.02 33.94
C LEU C 207 -34.65 -0.84 34.47
N SER C 213 -34.54 -8.16 35.98
CA SER C 213 -33.86 -9.10 35.12
C SER C 213 -34.82 -9.86 34.20
N ILE C 214 -34.29 -10.41 33.10
CA ILE C 214 -35.05 -11.24 32.19
C ILE C 214 -34.19 -12.46 31.86
N SER C 215 -34.84 -13.61 31.68
CA SER C 215 -34.16 -14.84 31.30
C SER C 215 -34.64 -15.34 29.94
N ASN C 216 -35.12 -14.42 29.10
CA ASN C 216 -35.47 -14.76 27.72
C ASN C 216 -34.18 -14.62 26.92
N ILE C 217 -33.54 -15.75 26.62
CA ILE C 217 -32.22 -15.74 25.99
C ILE C 217 -32.28 -15.20 24.57
N GLU C 218 -33.43 -15.31 23.91
CA GLU C 218 -33.56 -14.80 22.55
C GLU C 218 -33.40 -13.28 22.51
N THR C 219 -33.60 -12.62 23.66
CA THR C 219 -33.32 -11.20 23.76
C THR C 219 -31.82 -10.94 23.73
N VAL C 220 -31.03 -11.84 24.29
CA VAL C 220 -29.58 -11.68 24.26
C VAL C 220 -29.05 -11.82 22.84
N ILE C 221 -29.52 -12.83 22.10
CA ILE C 221 -29.05 -13.06 20.74
C ILE C 221 -29.53 -11.95 19.83
N GLU C 222 -30.77 -11.49 20.01
CA GLU C 222 -31.30 -10.43 19.18
C GLU C 222 -30.47 -9.15 19.34
N PHE C 223 -30.06 -8.84 20.57
CA PHE C 223 -29.19 -7.70 20.81
C PHE C 223 -27.81 -7.93 20.21
N GLN C 224 -27.31 -9.17 20.29
CA GLN C 224 -26.03 -9.51 19.70
C GLN C 224 -26.05 -9.31 18.19
N GLN C 225 -27.14 -9.70 17.53
CA GLN C 225 -27.24 -9.55 16.07
C GLN C 225 -27.40 -8.09 15.68
N LYS C 226 -28.18 -7.34 16.47
CA LYS C 226 -28.43 -5.94 16.12
C LYS C 226 -27.22 -5.06 16.43
N ASN C 227 -26.44 -5.39 17.45
CA ASN C 227 -25.28 -4.59 17.82
C ASN C 227 -24.05 -4.87 16.96
N ASN C 228 -24.05 -6.00 16.24
CA ASN C 228 -22.86 -6.42 15.52
C ASN C 228 -22.44 -5.37 14.50
N ARG C 229 -23.39 -4.84 13.74
CA ARG C 229 -23.05 -3.88 12.69
C ARG C 229 -22.44 -2.62 13.28
N LEU C 230 -22.93 -2.18 14.43
CA LEU C 230 -22.35 -0.99 15.06
C LEU C 230 -20.91 -1.24 15.48
N LEU C 231 -20.67 -2.38 16.14
CA LEU C 231 -19.31 -2.70 16.59
C LEU C 231 -18.36 -2.82 15.42
N GLU C 232 -18.85 -3.36 14.31
CA GLU C 232 -17.98 -3.59 13.17
C GLU C 232 -17.70 -2.29 12.43
N ILE C 233 -18.70 -1.42 12.31
CA ILE C 233 -18.48 -0.09 11.73
C ILE C 233 -17.44 0.68 12.55
N THR C 234 -17.50 0.55 13.88
CA THR C 234 -16.51 1.23 14.71
C THR C 234 -15.12 0.66 14.49
N ARG C 235 -14.99 -0.65 14.32
CA ARG C 235 -13.67 -1.26 14.09
C ARG C 235 -13.05 -0.74 12.81
N GLU C 236 -13.82 -0.69 11.72
CA GLU C 236 -13.28 -0.25 10.45
C GLU C 236 -12.80 1.18 10.53
N PHE C 237 -13.54 2.03 11.25
CA PHE C 237 -13.12 3.42 11.42
C PHE C 237 -11.89 3.55 12.32
N SER C 238 -11.68 2.62 13.26
CA SER C 238 -10.59 2.76 14.23
C SER C 238 -9.23 2.49 13.59
N VAL C 239 -9.16 1.52 12.69
CA VAL C 239 -7.90 1.20 12.02
C VAL C 239 -7.76 1.94 10.70
N ASN C 240 -8.60 2.96 10.46
CA ASN C 240 -8.56 3.74 9.23
C ASN C 240 -8.73 5.24 9.50
N ALA C 241 -8.48 5.68 10.74
CA ALA C 241 -8.53 7.09 11.10
C ALA C 241 -9.86 7.75 10.71
N GLY C 242 -10.93 6.97 10.54
CA GLY C 242 -12.22 7.51 10.22
C GLY C 242 -12.58 7.59 8.75
N VAL C 243 -11.71 7.12 7.85
CA VAL C 243 -11.96 7.15 6.41
C VAL C 243 -11.60 5.77 5.86
N THR C 244 -12.57 5.10 5.25
CA THR C 244 -12.35 3.77 4.71
C THR C 244 -12.62 3.75 3.20
N THR C 245 -11.84 2.94 2.49
CA THR C 245 -12.08 2.66 1.09
C THR C 245 -11.42 1.32 0.76
N PRO C 246 -12.10 0.43 0.05
CA PRO C 246 -13.50 0.56 -0.39
C PRO C 246 -14.52 0.59 0.75
N VAL C 247 -15.75 0.92 0.42
CA VAL C 247 -16.83 0.99 1.39
C VAL C 247 -17.36 -0.42 1.64
N SER C 248 -17.31 -0.86 2.89
CA SER C 248 -17.66 -2.23 3.24
C SER C 248 -19.18 -2.42 3.23
N THR C 249 -19.57 -3.69 3.30
CA THR C 249 -20.99 -4.00 3.43
C THR C 249 -21.54 -3.60 4.80
N TYR C 250 -20.68 -3.46 5.81
CA TYR C 250 -21.09 -2.90 7.09
C TYR C 250 -21.46 -1.44 6.96
N MET C 251 -20.59 -0.66 6.30
CA MET C 251 -20.87 0.77 6.11
C MET C 251 -22.11 0.97 5.29
N LEU C 252 -22.32 0.12 4.28
CA LEU C 252 -23.44 0.27 3.36
C LEU C 252 -23.69 -1.10 2.75
N THR C 253 -24.82 -1.71 3.09
CA THR C 253 -25.07 -3.04 2.56
C THR C 253 -25.39 -2.95 1.08
N ASN C 254 -25.32 -4.11 0.41
CA ASN C 254 -25.48 -4.12 -1.03
C ASN C 254 -26.88 -3.67 -1.43
N SER C 255 -27.90 -4.06 -0.68
CA SER C 255 -29.24 -3.60 -0.99
C SER C 255 -29.40 -2.11 -0.71
N GLU C 256 -28.70 -1.58 0.29
CA GLU C 256 -28.76 -0.15 0.55
C GLU C 256 -28.07 0.63 -0.55
N LEU C 257 -26.95 0.12 -1.06
CA LEU C 257 -26.25 0.80 -2.14
C LEU C 257 -27.05 0.79 -3.41
N LEU C 258 -27.67 -0.35 -3.73
CA LEU C 258 -28.48 -0.45 -4.94
C LEU C 258 -29.67 0.49 -4.88
N SER C 259 -30.28 0.64 -3.70
CA SER C 259 -31.37 1.61 -3.55
C SER C 259 -30.85 3.03 -3.47
N LEU C 260 -29.66 3.24 -2.90
CA LEU C 260 -29.06 4.56 -2.90
C LEU C 260 -28.83 5.04 -4.33
N ILE C 261 -28.39 4.13 -5.21
CA ILE C 261 -28.18 4.49 -6.61
C ILE C 261 -29.51 4.81 -7.26
N ASN C 262 -30.55 4.04 -6.95
CA ASN C 262 -31.82 4.18 -7.64
C ASN C 262 -32.50 5.51 -7.30
N ASP C 263 -32.27 6.05 -6.10
CA ASP C 263 -32.89 7.31 -5.70
C ASP C 263 -31.98 8.51 -5.95
N MET C 264 -30.86 8.30 -6.61
CA MET C 264 -29.85 9.33 -6.83
C MET C 264 -30.23 10.19 -8.04
N PRO C 265 -29.99 11.50 -7.99
CA PRO C 265 -30.36 12.41 -9.12
C PRO C 265 -29.38 12.31 -10.29
N ILE C 266 -29.37 11.16 -10.95
CA ILE C 266 -28.50 10.90 -12.09
C ILE C 266 -29.35 10.32 -13.21
N THR C 267 -28.74 10.21 -14.39
CA THR C 267 -29.43 9.64 -15.52
C THR C 267 -29.57 8.13 -15.34
N ASN C 268 -30.53 7.55 -16.06
CA ASN C 268 -30.77 6.11 -15.96
C ASN C 268 -29.59 5.30 -16.50
N ASP C 269 -28.83 5.87 -17.43
CA ASP C 269 -27.64 5.19 -17.94
C ASP C 269 -26.57 5.04 -16.86
N GLN C 270 -26.32 6.10 -16.07
CA GLN C 270 -25.36 5.98 -14.99
C GLN C 270 -25.90 5.07 -13.89
N LYS C 271 -27.21 5.09 -13.66
CA LYS C 271 -27.79 4.14 -12.71
C LYS C 271 -27.54 2.72 -13.19
N LYS C 272 -27.81 2.45 -14.46
CA LYS C 272 -27.55 1.12 -15.01
C LYS C 272 -26.06 0.80 -14.96
N LEU C 273 -25.21 1.79 -15.20
CA LEU C 273 -23.77 1.56 -15.15
C LEU C 273 -23.32 1.27 -13.72
N MET C 274 -23.75 2.11 -12.76
CA MET C 274 -23.33 1.90 -11.38
C MET C 274 -23.92 0.64 -10.78
N SER C 275 -25.16 0.28 -11.15
CA SER C 275 -25.80 -0.91 -10.63
C SER C 275 -25.11 -2.17 -11.14
N ASN C 276 -24.73 -2.19 -12.42
CA ASN C 276 -24.08 -3.36 -12.99
C ASN C 276 -22.62 -3.49 -12.58
N ASN C 277 -22.06 -2.49 -11.89
CA ASN C 277 -20.66 -2.51 -11.48
C ASN C 277 -20.52 -1.99 -10.05
N VAL C 278 -21.30 -2.57 -9.13
CA VAL C 278 -21.32 -2.04 -7.77
C VAL C 278 -19.99 -2.30 -7.04
N GLN C 279 -19.37 -3.45 -7.27
CA GLN C 279 -18.12 -3.72 -6.56
C GLN C 279 -17.00 -2.78 -7.00
N ILE C 280 -17.15 -2.14 -8.17
CA ILE C 280 -16.23 -1.08 -8.57
C ILE C 280 -16.59 0.22 -7.88
N VAL C 281 -17.88 0.52 -7.79
CA VAL C 281 -18.33 1.72 -7.08
C VAL C 281 -17.81 1.70 -5.65
N ARG C 282 -17.82 0.52 -5.02
CA ARG C 282 -17.31 0.40 -3.66
C ARG C 282 -15.84 0.78 -3.57
N GLN C 283 -15.03 0.28 -4.51
CA GLN C 283 -13.60 0.57 -4.44
C GLN C 283 -13.31 2.04 -4.68
N GLN C 284 -14.13 2.72 -5.47
CA GLN C 284 -13.91 4.13 -5.74
C GLN C 284 -14.69 5.04 -4.80
N SER C 285 -15.27 4.49 -3.73
CA SER C 285 -16.07 5.27 -2.78
C SER C 285 -15.35 5.36 -1.45
N TYR C 286 -15.71 6.39 -0.69
CA TYR C 286 -15.11 6.63 0.61
C TYR C 286 -16.20 6.70 1.65
N SER C 287 -15.88 6.24 2.85
CA SER C 287 -16.76 6.32 4.01
C SER C 287 -16.06 7.20 5.05
N ILE C 288 -16.67 8.35 5.37
CA ILE C 288 -16.07 9.34 6.25
C ILE C 288 -16.92 9.46 7.50
N MET C 289 -16.33 9.14 8.65
CA MET C 289 -17.04 9.28 9.91
C MET C 289 -17.27 10.76 10.22
N CYS C 290 -18.51 11.12 10.55
CA CYS C 290 -18.85 12.53 10.69
C CYS C 290 -19.09 12.90 12.16
N ILE C 291 -20.23 12.51 12.73
CA ILE C 291 -20.65 13.10 13.99
C ILE C 291 -21.43 12.09 14.83
N ILE C 292 -21.29 12.25 16.15
CA ILE C 292 -22.18 11.66 17.14
C ILE C 292 -22.76 12.82 17.94
N LYS C 293 -24.08 13.01 17.83
CA LYS C 293 -24.71 14.13 18.50
C LYS C 293 -26.22 13.89 18.51
N GLU C 294 -26.84 14.15 19.66
CA GLU C 294 -28.30 14.08 19.82
C GLU C 294 -28.83 12.70 19.41
N GLU C 295 -28.16 11.67 19.93
CA GLU C 295 -28.56 10.27 19.74
C GLU C 295 -28.52 9.84 18.28
N VAL C 296 -27.65 10.47 17.49
CA VAL C 296 -27.52 10.16 16.08
C VAL C 296 -26.05 9.90 15.76
N LEU C 297 -25.78 8.76 15.12
CA LEU C 297 -24.47 8.46 14.55
C LEU C 297 -24.56 8.64 13.05
N ALA C 298 -23.78 9.58 12.51
CA ALA C 298 -23.87 9.90 11.09
C ALA C 298 -22.49 9.81 10.45
N TYR C 299 -22.41 9.12 9.31
CA TYR C 299 -21.21 9.11 8.51
C TYR C 299 -21.62 9.31 7.06
N VAL C 300 -20.67 9.77 6.26
CA VAL C 300 -20.91 10.13 4.86
C VAL C 300 -20.32 9.06 3.98
N VAL C 301 -21.12 8.56 3.03
CA VAL C 301 -20.63 7.68 1.99
C VAL C 301 -20.51 8.53 0.73
N GLN C 302 -19.30 8.64 0.22
CA GLN C 302 -18.97 9.48 -0.92
C GLN C 302 -18.87 8.58 -2.15
N LEU C 303 -19.86 8.71 -3.06
CA LEU C 303 -19.93 7.79 -4.20
C LEU C 303 -19.45 8.49 -5.47
N PRO C 304 -18.81 7.74 -6.37
CA PRO C 304 -18.32 8.35 -7.60
C PRO C 304 -19.44 8.62 -8.59
N LEU C 305 -19.28 9.71 -9.33
CA LEU C 305 -20.10 10.04 -10.48
C LEU C 305 -19.23 10.01 -11.73
N TYR C 306 -19.66 9.27 -12.75
CA TYR C 306 -18.87 9.12 -13.97
C TYR C 306 -19.42 10.07 -15.03
N GLY C 307 -18.81 11.27 -15.10
CA GLY C 307 -19.18 12.27 -16.08
C GLY C 307 -18.66 12.03 -17.48
N VAL C 308 -17.69 11.13 -17.65
CA VAL C 308 -17.18 10.77 -18.97
C VAL C 308 -17.44 9.28 -19.17
N ILE C 309 -18.23 8.93 -20.20
CA ILE C 309 -18.67 7.56 -20.42
C ILE C 309 -18.65 7.25 -21.90
N ASP C 310 -18.12 6.07 -22.24
CA ASP C 310 -18.13 5.50 -23.59
C ASP C 310 -17.31 6.31 -24.60
N THR C 311 -16.31 7.08 -24.13
CA THR C 311 -15.36 7.64 -25.08
C THR C 311 -14.21 6.66 -25.28
N PRO C 312 -13.46 6.77 -26.38
CA PRO C 312 -12.43 5.76 -26.67
C PRO C 312 -11.26 5.83 -25.69
N CYS C 313 -10.85 4.68 -25.20
CA CYS C 313 -9.65 4.56 -24.40
C CYS C 313 -8.65 3.65 -25.10
N TRP C 314 -7.37 3.86 -24.81
CA TRP C 314 -6.36 2.95 -25.30
C TRP C 314 -5.23 2.91 -24.28
N LYS C 315 -4.55 1.77 -24.24
CA LYS C 315 -3.43 1.54 -23.33
C LYS C 315 -2.13 1.49 -24.12
N LEU C 316 -1.11 2.19 -23.61
CA LEU C 316 0.20 2.24 -24.24
C LEU C 316 1.19 1.49 -23.36
N HIS C 317 1.81 0.45 -23.91
CA HIS C 317 2.83 -0.32 -23.25
C HIS C 317 4.18 0.02 -23.88
N THR C 318 5.21 0.22 -23.03
CA THR C 318 6.55 0.50 -23.52
C THR C 318 7.56 -0.39 -22.82
N SER C 319 8.68 -0.63 -23.50
CA SER C 319 9.79 -1.41 -22.99
C SER C 319 11.07 -0.83 -23.57
N PRO C 320 12.22 -1.07 -22.93
CA PRO C 320 13.45 -0.39 -23.37
C PRO C 320 13.93 -0.89 -24.73
N LEU C 321 14.39 0.07 -25.56
CA LEU C 321 14.90 -0.19 -26.89
C LEU C 321 16.40 0.13 -26.87
N CYS C 322 17.24 -0.90 -27.02
CA CYS C 322 18.69 -0.79 -26.91
C CYS C 322 19.36 -1.34 -28.15
N THR C 323 20.60 -0.93 -28.36
CA THR C 323 21.38 -1.51 -29.44
C THR C 323 21.97 -2.84 -29.00
N THR C 324 22.29 -3.67 -29.97
CA THR C 324 22.65 -5.07 -29.74
C THR C 324 24.08 -5.36 -30.18
N ASN C 325 24.98 -4.41 -29.98
CA ASN C 325 26.37 -4.58 -30.36
C ASN C 325 27.07 -5.57 -29.42
N THR C 326 28.25 -6.01 -29.86
CA THR C 326 28.96 -7.09 -29.17
C THR C 326 29.48 -6.65 -27.80
N LYS C 327 30.08 -5.46 -27.74
CA LYS C 327 30.49 -4.88 -26.46
C LYS C 327 29.31 -4.15 -25.84
N GLU C 328 28.85 -4.61 -24.67
CA GLU C 328 27.66 -4.03 -24.03
C GLU C 328 27.89 -2.64 -23.47
N GLY C 329 29.13 -2.14 -23.50
CA GLY C 329 29.46 -0.79 -23.12
C GLY C 329 29.44 0.23 -24.25
N SER C 330 29.35 -0.24 -25.49
CA SER C 330 29.14 0.63 -26.64
C SER C 330 27.67 0.70 -27.01
N ASN C 331 26.79 0.26 -26.13
CA ASN C 331 25.38 0.15 -26.43
C ASN C 331 24.62 1.30 -25.77
N ILE C 332 23.61 1.81 -26.47
CA ILE C 332 22.79 2.90 -25.99
C ILE C 332 21.34 2.43 -25.99
N CYS C 333 20.57 2.97 -25.04
CA CYS C 333 19.18 2.59 -24.86
C CYS C 333 18.27 3.80 -24.93
N LEU C 334 16.99 3.51 -25.05
CA LEU C 334 15.98 4.53 -25.27
C LEU C 334 14.62 3.92 -24.91
N THR C 335 13.86 4.60 -24.07
CA THR C 335 12.56 4.09 -23.61
C THR C 335 11.53 5.21 -23.64
N ARG C 336 10.36 4.92 -24.21
CA ARG C 336 9.25 5.87 -24.14
C ARG C 336 8.69 5.90 -22.73
N THR C 337 8.57 7.09 -22.17
CA THR C 337 8.16 7.25 -20.78
C THR C 337 6.66 7.52 -20.65
N ASP C 338 5.94 7.61 -21.78
CA ASP C 338 4.54 8.01 -21.78
C ASP C 338 3.57 6.83 -21.71
N ARG C 339 3.94 5.74 -21.04
CA ARG C 339 3.08 4.56 -20.98
C ARG C 339 1.97 4.77 -19.96
N GLY C 340 0.84 4.14 -20.22
CA GLY C 340 -0.30 4.26 -19.34
C GLY C 340 -1.59 4.19 -20.14
N TRP C 341 -2.66 4.66 -19.49
CA TRP C 341 -3.98 4.70 -20.08
C TRP C 341 -4.25 6.06 -20.69
N TYR C 342 -4.84 6.06 -21.88
CA TYR C 342 -5.27 7.27 -22.56
C TYR C 342 -6.75 7.15 -22.90
N CYS C 343 -7.52 8.20 -22.59
CA CYS C 343 -8.96 8.23 -22.86
C CYS C 343 -9.33 9.59 -23.43
N ASP C 344 -10.12 9.58 -24.50
CA ASP C 344 -10.64 10.83 -25.05
C ASP C 344 -11.58 11.49 -24.06
N ASN C 345 -11.42 12.81 -23.88
CA ASN C 345 -12.18 13.50 -22.86
C ASN C 345 -12.23 14.99 -23.20
N ALA C 346 -13.39 15.46 -23.64
CA ALA C 346 -13.69 16.89 -23.77
C ALA C 346 -12.70 17.60 -24.70
N GLY C 347 -12.49 17.03 -25.88
CA GLY C 347 -11.59 17.59 -26.87
C GLY C 347 -10.11 17.41 -26.57
N SER C 348 -9.78 16.96 -25.37
CA SER C 348 -8.41 16.67 -25.00
C SER C 348 -8.29 15.17 -24.74
N VAL C 349 -7.19 14.76 -24.12
CA VAL C 349 -6.99 13.36 -23.77
C VAL C 349 -6.58 13.29 -22.31
N SER C 350 -7.35 12.55 -21.52
CA SER C 350 -6.97 12.32 -20.14
C SER C 350 -5.93 11.21 -20.12
N PHE C 351 -4.76 11.51 -19.57
CA PHE C 351 -3.65 10.56 -19.54
C PHE C 351 -3.43 10.11 -18.10
N PHE C 352 -3.41 8.78 -17.90
CA PHE C 352 -3.25 8.17 -16.57
C PHE C 352 -1.89 7.45 -16.51
N PRO C 353 -0.85 8.09 -15.95
CA PRO C 353 0.50 7.53 -16.08
C PRO C 353 0.73 6.27 -15.28
N GLN C 354 0.03 6.09 -14.17
CA GLN C 354 0.12 4.86 -13.39
C GLN C 354 -1.14 4.06 -13.64
N ALA C 355 -1.08 3.19 -14.66
CA ALA C 355 -2.26 2.46 -15.14
C ALA C 355 -2.83 1.50 -14.09
N GLU C 356 -2.17 1.35 -12.95
CA GLU C 356 -2.68 0.57 -11.82
C GLU C 356 -3.81 1.28 -11.10
N THR C 357 -3.92 2.60 -11.28
CA THR C 357 -5.01 3.36 -10.70
C THR C 357 -6.32 3.16 -11.46
N CYS C 358 -6.26 2.56 -12.64
CA CYS C 358 -7.44 2.26 -13.43
C CYS C 358 -7.87 0.81 -13.25
N LYS C 359 -9.16 0.56 -13.40
CA LYS C 359 -9.72 -0.77 -13.21
C LYS C 359 -10.49 -1.16 -14.46
N VAL C 360 -10.24 -2.35 -14.97
CA VAL C 360 -10.75 -2.77 -16.27
C VAL C 360 -11.79 -3.85 -16.05
N GLN C 361 -13.00 -3.62 -16.57
CA GLN C 361 -14.07 -4.61 -16.58
C GLN C 361 -14.46 -4.86 -18.03
N SER C 362 -14.12 -6.04 -18.52
CA SER C 362 -14.27 -6.40 -19.94
C SER C 362 -13.52 -5.40 -20.79
N ASN C 363 -14.24 -4.53 -21.49
CA ASN C 363 -13.60 -3.51 -22.30
C ASN C 363 -13.90 -2.11 -21.79
N ARG C 364 -14.29 -1.97 -20.53
CA ARG C 364 -14.55 -0.66 -19.94
C ARG C 364 -13.47 -0.33 -18.92
N VAL C 365 -13.06 0.93 -18.89
CA VAL C 365 -11.98 1.39 -18.05
C VAL C 365 -12.54 2.41 -17.07
N PHE C 366 -12.38 2.11 -15.77
CA PHE C 366 -12.85 2.99 -14.70
C PHE C 366 -11.62 3.67 -14.12
N CYS C 367 -11.55 4.98 -14.28
CA CYS C 367 -10.43 5.76 -13.79
C CYS C 367 -10.95 6.97 -13.01
N ASP C 368 -10.08 7.53 -12.18
CA ASP C 368 -10.37 8.73 -11.43
C ASP C 368 -9.54 9.85 -12.05
N THR C 369 -10.21 10.91 -12.50
CA THR C 369 -9.50 11.97 -13.19
C THR C 369 -8.51 12.68 -12.28
N MET C 370 -8.63 12.50 -10.96
CA MET C 370 -7.68 13.09 -10.03
C MET C 370 -6.27 12.51 -10.24
N ASN C 371 -6.15 11.34 -10.88
CA ASN C 371 -4.88 10.71 -11.21
C ASN C 371 -4.51 10.86 -12.67
N SER C 372 -4.90 11.95 -13.31
CA SER C 372 -4.66 12.07 -14.75
C SER C 372 -3.99 13.39 -15.05
N LEU C 373 -3.42 13.44 -16.25
CA LEU C 373 -2.90 14.65 -16.87
C LEU C 373 -3.72 14.91 -18.11
N THR C 374 -3.99 16.20 -18.38
CA THR C 374 -4.79 16.59 -19.53
C THR C 374 -3.83 16.95 -20.66
N LEU C 375 -3.79 16.12 -21.68
CA LEU C 375 -2.86 16.33 -22.77
C LEU C 375 -3.59 16.73 -24.05
N PRO C 376 -2.91 17.39 -24.99
CA PRO C 376 -3.48 17.62 -26.31
C PRO C 376 -3.74 16.30 -27.02
N SER C 377 -4.76 16.27 -27.86
CA SER C 377 -5.08 15.01 -28.55
C SER C 377 -3.96 14.57 -29.49
N GLU C 378 -3.06 15.48 -29.89
CA GLU C 378 -1.95 15.14 -30.78
C GLU C 378 -0.95 14.22 -30.10
N VAL C 379 -1.09 13.95 -28.80
CA VAL C 379 -0.18 13.04 -28.13
C VAL C 379 -0.26 11.66 -28.76
N ASN C 380 -1.37 11.34 -29.43
CA ASN C 380 -1.51 10.04 -30.04
C ASN C 380 -0.57 9.85 -31.23
N LEU C 381 -0.11 10.94 -31.85
CA LEU C 381 0.78 10.83 -33.00
C LEU C 381 2.13 10.26 -32.62
N CYS C 382 2.47 10.25 -31.32
CA CYS C 382 3.72 9.64 -30.90
C CYS C 382 3.78 8.17 -31.23
N ASN C 383 2.62 7.52 -31.39
CA ASN C 383 2.60 6.10 -31.73
C ASN C 383 2.79 5.89 -33.24
N VAL C 384 2.39 6.86 -34.05
CA VAL C 384 2.48 6.72 -35.50
C VAL C 384 3.76 7.30 -36.06
N ASP C 385 4.17 8.48 -35.58
CA ASP C 385 5.38 9.16 -36.05
C ASP C 385 6.02 9.83 -34.84
N ILE C 386 6.90 9.09 -34.16
CA ILE C 386 7.53 9.59 -32.95
C ILE C 386 8.42 10.80 -33.22
N PHE C 387 8.72 11.08 -34.48
CA PHE C 387 9.52 12.25 -34.81
C PHE C 387 8.68 13.41 -35.30
N ASN C 388 7.35 13.33 -35.17
CA ASN C 388 6.49 14.39 -35.66
C ASN C 388 6.77 15.71 -34.94
N PRO C 389 6.57 16.84 -35.62
CA PRO C 389 6.84 18.14 -34.99
C PRO C 389 5.72 18.65 -34.11
N LYS C 390 4.53 18.05 -34.16
CA LYS C 390 3.38 18.58 -33.45
C LYS C 390 3.43 18.28 -31.96
N TYR C 391 3.84 17.08 -31.59
CA TYR C 391 4.00 16.75 -30.18
C TYR C 391 5.41 16.27 -29.93
N ASP C 392 6.01 16.77 -28.86
CA ASP C 392 7.36 16.39 -28.47
C ASP C 392 7.25 15.10 -27.65
N CYS C 393 7.49 13.97 -28.30
CA CYS C 393 7.32 12.68 -27.63
C CYS C 393 8.40 12.49 -26.58
N ARG C 394 8.01 11.90 -25.45
CA ARG C 394 8.84 11.86 -24.25
C ARG C 394 9.57 10.52 -24.18
N ILE C 395 10.89 10.58 -24.01
CA ILE C 395 11.74 9.40 -23.89
C ILE C 395 12.68 9.59 -22.71
N MET C 396 13.32 8.50 -22.32
CA MET C 396 14.43 8.53 -21.40
C MET C 396 15.57 7.72 -22.00
N THR C 397 16.80 8.07 -21.64
CA THR C 397 17.99 7.46 -22.24
C THR C 397 18.85 6.74 -21.23
N LEU C 398 18.33 6.37 -20.08
CA LEU C 398 19.10 5.56 -19.15
C LEU C 398 19.47 4.24 -19.80
N LYS C 399 20.71 3.80 -19.59
CA LYS C 399 21.20 2.56 -20.21
C LYS C 399 20.64 1.38 -19.45
N THR C 400 19.46 0.96 -19.85
CA THR C 400 18.73 -0.11 -19.18
C THR C 400 18.85 -1.41 -19.96
N ASP C 401 20.10 -1.87 -20.13
CA ASP C 401 20.35 -3.05 -20.96
C ASP C 401 20.10 -4.36 -20.20
N VAL C 402 18.93 -4.48 -19.58
CA VAL C 402 18.48 -5.72 -18.96
C VAL C 402 17.25 -6.20 -19.70
N SER C 403 17.04 -7.51 -19.67
CA SER C 403 15.93 -8.12 -20.38
C SER C 403 14.67 -8.07 -19.53
N SER C 404 13.54 -7.87 -20.18
CA SER C 404 12.26 -7.86 -19.50
C SER C 404 11.19 -8.17 -20.52
N SER C 405 9.98 -8.42 -20.00
CA SER C 405 8.81 -8.59 -20.84
C SER C 405 7.65 -7.77 -20.29
N VAL C 406 6.77 -7.36 -21.18
CA VAL C 406 5.58 -6.60 -20.81
C VAL C 406 4.39 -7.35 -21.39
N ILE C 407 3.54 -7.89 -20.53
CA ILE C 407 2.34 -8.56 -21.02
C ILE C 407 1.31 -7.51 -21.39
N THR C 408 0.93 -7.46 -22.67
CA THR C 408 -0.03 -6.47 -23.13
C THR C 408 -1.44 -7.10 -23.14
N SER C 409 -2.38 -6.44 -23.81
CA SER C 409 -3.75 -6.94 -23.82
C SER C 409 -3.88 -8.18 -24.70
N LEU C 410 -3.13 -8.21 -25.81
CA LEU C 410 -3.23 -9.28 -26.79
C LEU C 410 -1.88 -9.90 -27.15
N GLY C 411 -0.84 -9.67 -26.37
CA GLY C 411 0.43 -10.26 -26.69
C GLY C 411 1.49 -9.99 -25.65
N ALA C 412 2.73 -9.84 -26.09
CA ALA C 412 3.82 -9.57 -25.16
C ALA C 412 4.91 -8.82 -25.89
N ILE C 413 5.41 -7.76 -25.27
CA ILE C 413 6.63 -7.12 -25.72
C ILE C 413 7.79 -7.76 -24.97
N VAL C 414 8.86 -8.07 -25.67
CA VAL C 414 10.03 -8.69 -25.06
C VAL C 414 11.24 -7.85 -25.42
N SER C 415 11.92 -7.34 -24.41
CA SER C 415 13.22 -6.70 -24.57
C SER C 415 14.27 -7.71 -24.11
N CYS C 416 15.02 -8.26 -25.07
CA CYS C 416 16.03 -9.27 -24.78
C CYS C 416 17.38 -8.65 -25.08
N TYR C 417 18.27 -8.64 -24.10
CA TYR C 417 19.61 -8.08 -24.26
C TYR C 417 20.62 -8.98 -23.58
N GLY C 418 21.86 -8.93 -24.07
CA GLY C 418 22.91 -9.69 -23.43
C GLY C 418 22.79 -11.17 -23.76
N LYS C 419 23.02 -12.00 -22.74
CA LYS C 419 22.96 -13.45 -22.86
C LYS C 419 21.66 -14.04 -22.31
N THR C 420 20.61 -13.25 -22.22
CA THR C 420 19.38 -13.72 -21.61
C THR C 420 18.64 -14.67 -22.56
N LYS C 421 18.07 -15.72 -21.99
CA LYS C 421 17.24 -16.66 -22.73
C LYS C 421 15.81 -16.14 -22.70
N CYS C 422 15.31 -15.69 -23.85
CA CYS C 422 13.95 -15.17 -23.96
C CYS C 422 13.20 -16.03 -24.97
N THR C 423 12.12 -16.67 -24.53
CA THR C 423 11.34 -17.54 -25.40
C THR C 423 9.85 -17.34 -25.15
N ALA C 424 9.04 -17.79 -26.12
CA ALA C 424 7.59 -17.87 -26.00
C ALA C 424 7.15 -19.30 -26.28
N SER C 425 6.40 -19.89 -25.34
CA SER C 425 6.09 -21.32 -25.40
C SER C 425 4.58 -21.57 -25.42
N ASN C 426 4.24 -22.80 -25.77
CA ASN C 426 2.89 -23.33 -25.71
C ASN C 426 2.80 -24.42 -24.65
N LYS C 427 1.60 -24.54 -24.07
CA LYS C 427 1.34 -25.47 -22.98
C LYS C 427 1.78 -26.89 -23.34
N ASN C 428 1.45 -27.32 -24.56
CA ASN C 428 1.69 -28.70 -24.98
C ASN C 428 2.70 -28.81 -26.10
N ARG C 429 2.89 -27.76 -26.90
CA ARG C 429 3.78 -27.83 -28.04
C ARG C 429 5.22 -27.47 -27.69
N GLY C 430 5.43 -26.58 -26.73
CA GLY C 430 6.76 -26.18 -26.33
C GLY C 430 7.13 -24.82 -26.86
N ILE C 431 8.43 -24.58 -26.97
CA ILE C 431 8.89 -23.30 -27.48
C ILE C 431 8.45 -23.14 -28.93
N ILE C 432 7.77 -22.03 -29.22
CA ILE C 432 7.36 -21.70 -30.58
C ILE C 432 8.01 -20.44 -31.11
N LYS C 433 8.67 -19.65 -30.26
CA LYS C 433 9.42 -18.51 -30.72
C LYS C 433 10.59 -18.26 -29.78
N THR C 434 11.77 -18.01 -30.36
CA THR C 434 12.95 -17.65 -29.59
C THR C 434 13.34 -16.21 -29.93
N PHE C 435 13.30 -15.33 -28.94
CA PHE C 435 13.58 -13.93 -29.19
C PHE C 435 15.09 -13.71 -29.27
N SER C 436 15.52 -12.99 -30.30
CA SER C 436 16.89 -12.55 -30.41
C SER C 436 17.05 -11.19 -29.73
N ASN C 437 18.29 -10.75 -29.58
CA ASN C 437 18.55 -9.51 -28.86
C ASN C 437 17.85 -8.34 -29.55
N GLY C 438 17.33 -7.43 -28.73
CA GLY C 438 16.54 -6.34 -29.27
C GLY C 438 15.17 -6.36 -28.64
N CYS C 439 14.21 -5.66 -29.25
CA CYS C 439 12.84 -5.60 -28.78
C CYS C 439 11.91 -6.19 -29.82
N ASP C 440 11.12 -7.20 -29.43
CA ASP C 440 10.23 -7.87 -30.36
C ASP C 440 8.89 -8.08 -29.66
N TYR C 441 7.98 -8.78 -30.34
CA TYR C 441 6.61 -8.93 -29.89
C TYR C 441 6.06 -10.25 -30.39
N VAL C 442 5.19 -10.87 -29.59
CA VAL C 442 4.47 -12.06 -30.01
C VAL C 442 2.99 -11.88 -29.65
N SER C 443 2.09 -12.32 -30.53
CA SER C 443 0.69 -12.21 -30.15
C SER C 443 0.28 -13.41 -29.30
N ASN C 444 -0.80 -13.25 -28.54
CA ASN C 444 -1.23 -14.33 -27.69
C ASN C 444 -1.83 -15.49 -28.48
N LYS C 445 -2.07 -15.32 -29.79
CA LYS C 445 -2.65 -16.38 -30.62
C LYS C 445 -1.71 -17.59 -30.63
N GLY C 446 -2.15 -18.67 -29.99
CA GLY C 446 -1.34 -19.87 -29.90
C GLY C 446 -0.27 -19.86 -28.84
N VAL C 447 -0.10 -18.76 -28.11
CA VAL C 447 0.96 -18.62 -27.10
C VAL C 447 0.34 -18.61 -25.72
N ASP C 448 0.99 -19.30 -24.77
CA ASP C 448 0.51 -19.42 -23.40
C ASP C 448 1.40 -18.74 -22.37
N THR C 449 2.72 -18.80 -22.57
CA THR C 449 3.66 -18.22 -21.63
C THR C 449 4.82 -17.59 -22.37
N VAL C 450 5.51 -16.70 -21.65
CA VAL C 450 6.73 -16.06 -22.12
C VAL C 450 7.77 -16.20 -21.01
N SER C 451 8.98 -16.63 -21.38
CA SER C 451 10.08 -16.75 -20.43
C SER C 451 11.16 -15.75 -20.78
N VAL C 452 11.60 -14.99 -19.78
CA VAL C 452 12.71 -14.06 -19.92
C VAL C 452 13.63 -14.26 -18.73
N GLY C 453 14.79 -14.85 -18.97
CA GLY C 453 15.68 -15.18 -17.87
C GLY C 453 15.00 -16.21 -16.96
N ASN C 454 14.89 -15.89 -15.68
CA ASN C 454 14.27 -16.77 -14.71
C ASN C 454 12.82 -16.39 -14.40
N THR C 455 12.21 -15.53 -15.21
CA THR C 455 10.87 -15.03 -14.94
C THR C 455 9.91 -15.57 -15.97
N LEU C 456 8.79 -16.13 -15.51
CA LEU C 456 7.77 -16.71 -16.36
C LEU C 456 6.54 -15.79 -16.37
N TYR C 457 6.14 -15.34 -17.55
CA TYR C 457 4.98 -14.48 -17.72
C TYR C 457 3.87 -15.22 -18.43
N TYR C 458 2.64 -15.09 -17.91
CA TYR C 458 1.45 -15.64 -18.58
C TYR C 458 0.80 -14.54 -19.44
N VAL C 459 0.50 -14.88 -20.71
CA VAL C 459 -0.17 -13.92 -21.58
C VAL C 459 -1.68 -13.96 -21.33
N ASN C 460 -2.37 -12.90 -21.75
CA ASN C 460 -3.83 -12.87 -21.69
C ASN C 460 -4.41 -13.68 -22.83
N LYS C 461 -5.35 -14.58 -22.53
CA LYS C 461 -5.95 -15.40 -23.56
C LYS C 461 -7.18 -14.73 -24.17
N GLN C 462 -7.27 -13.41 -24.06
CA GLN C 462 -8.36 -12.65 -24.64
C GLN C 462 -8.31 -12.68 -26.15
N GLU C 463 -9.49 -12.65 -26.75
CA GLU C 463 -9.67 -12.74 -28.19
C GLU C 463 -9.52 -11.36 -28.83
N GLY C 464 -8.60 -11.25 -29.77
CA GLY C 464 -8.43 -10.01 -30.53
C GLY C 464 -7.26 -10.14 -31.48
N LYS C 465 -7.25 -9.28 -32.49
CA LYS C 465 -6.21 -9.32 -33.51
C LYS C 465 -5.08 -8.35 -33.16
N SER C 466 -3.85 -8.84 -33.29
CA SER C 466 -2.66 -8.01 -33.13
C SER C 466 -2.09 -7.69 -34.51
N LEU C 467 -1.57 -6.47 -34.65
CA LEU C 467 -1.00 -6.01 -35.90
C LEU C 467 0.43 -5.58 -35.63
N TYR C 468 1.36 -6.18 -36.35
CA TYR C 468 2.79 -5.92 -36.18
C TYR C 468 3.20 -4.86 -37.19
N VAL C 469 3.66 -3.71 -36.68
CA VAL C 469 4.04 -2.59 -37.51
C VAL C 469 5.58 -2.59 -37.61
N LYS C 470 6.09 -3.18 -38.68
CA LYS C 470 7.53 -3.29 -38.88
C LYS C 470 8.16 -1.91 -39.10
N GLY C 471 9.36 -1.74 -38.57
CA GLY C 471 10.05 -0.48 -38.67
C GLY C 471 11.45 -0.59 -38.13
N GLU C 472 12.30 0.32 -38.57
CA GLU C 472 13.68 0.35 -38.12
C GLU C 472 13.72 0.87 -36.69
N PRO C 473 14.31 0.14 -35.73
CA PRO C 473 14.45 0.64 -34.37
C PRO C 473 15.17 1.98 -34.35
N ILE C 474 14.50 2.99 -33.80
CA ILE C 474 15.02 4.35 -33.90
C ILE C 474 16.33 4.54 -33.17
N ILE C 475 16.68 3.66 -32.23
CA ILE C 475 17.95 3.78 -31.54
C ILE C 475 19.10 3.62 -32.53
N ASN C 476 18.84 3.00 -33.68
CA ASN C 476 19.88 2.82 -34.67
C ASN C 476 20.21 4.12 -35.40
N PHE C 477 19.41 5.16 -35.24
CA PHE C 477 19.66 6.42 -35.91
C PHE C 477 20.64 7.31 -35.18
N TYR C 478 21.21 6.85 -34.06
CA TYR C 478 22.00 7.70 -33.18
C TYR C 478 23.44 7.22 -33.14
N ASP C 479 24.36 8.18 -33.08
CA ASP C 479 25.78 7.87 -32.95
C ASP C 479 26.08 7.65 -31.48
N PRO C 480 26.52 6.46 -31.08
CA PRO C 480 26.71 6.19 -29.64
C PRO C 480 27.73 7.11 -28.99
N LEU C 481 28.61 7.72 -29.76
CA LEU C 481 29.66 8.57 -29.21
C LEU C 481 29.18 9.95 -28.83
N VAL C 482 28.00 10.34 -29.30
CA VAL C 482 27.38 11.62 -28.94
C VAL C 482 26.06 11.44 -28.20
N PHE C 483 25.50 10.24 -28.19
CA PHE C 483 24.20 10.00 -27.58
C PHE C 483 24.23 10.34 -26.09
N PRO C 484 23.32 11.19 -25.61
CA PRO C 484 23.28 11.51 -24.18
C PRO C 484 22.62 10.42 -23.37
N SER C 485 23.40 9.46 -22.89
CA SER C 485 22.87 8.49 -21.94
C SER C 485 22.62 9.16 -20.60
N ASP C 486 21.81 8.50 -19.78
CA ASP C 486 21.39 9.03 -18.48
C ASP C 486 20.65 10.37 -18.63
N GLU C 487 19.48 10.27 -19.25
CA GLU C 487 18.47 11.32 -19.22
C GLU C 487 17.22 10.68 -18.63
N PHE C 488 16.85 11.10 -17.41
CA PHE C 488 15.76 10.47 -16.69
C PHE C 488 14.42 10.73 -17.37
N ASP C 489 14.21 11.95 -17.86
CA ASP C 489 12.98 12.28 -18.56
C ASP C 489 13.28 13.39 -19.56
N ALA C 490 13.38 13.03 -20.83
CA ALA C 490 13.72 13.99 -21.87
C ALA C 490 12.67 13.87 -22.97
N SER C 491 13.00 14.33 -24.16
CA SER C 491 12.12 14.23 -25.31
C SER C 491 12.98 14.12 -26.54
N ILE C 492 12.33 13.85 -27.68
CA ILE C 492 13.05 13.68 -28.94
C ILE C 492 13.84 14.94 -29.28
N SER C 493 13.26 16.12 -29.01
CA SER C 493 13.91 17.37 -29.35
C SER C 493 15.01 17.75 -28.35
N GLN C 494 14.80 17.43 -27.07
CA GLN C 494 15.84 17.67 -26.08
C GLN C 494 17.10 16.88 -26.41
N VAL C 495 16.93 15.63 -26.85
CA VAL C 495 18.06 14.80 -27.24
C VAL C 495 18.76 15.40 -28.45
N ASN C 496 17.98 15.82 -29.46
CA ASN C 496 18.59 16.43 -30.64
C ASN C 496 19.32 17.71 -30.28
N GLU C 497 18.78 18.48 -29.33
CA GLU C 497 19.44 19.69 -28.87
C GLU C 497 20.79 19.38 -28.22
N LYS C 498 20.83 18.35 -27.37
CA LYS C 498 22.07 18.01 -26.69
C LYS C 498 23.11 17.47 -27.65
N ILE C 499 22.69 16.88 -28.76
CA ILE C 499 23.65 16.34 -29.73
C ILE C 499 24.25 17.47 -30.57
N ASN C 500 23.45 18.46 -30.95
CA ASN C 500 24.00 19.60 -31.68
C ASN C 500 25.04 20.31 -30.85
N GLN C 501 24.82 20.41 -29.53
CA GLN C 501 25.81 21.00 -28.65
C GLN C 501 27.06 20.13 -28.56
N SER C 502 26.90 18.83 -28.34
CA SER C 502 28.06 17.96 -28.21
C SER C 502 28.80 17.79 -29.52
N LEU C 503 28.14 18.06 -30.66
CA LEU C 503 28.85 18.06 -31.94
C LEU C 503 29.58 19.38 -32.16
N ALA C 504 28.94 20.50 -31.80
CA ALA C 504 29.58 21.81 -31.89
C ALA C 504 30.84 21.91 -31.04
N PHE C 505 30.97 21.08 -30.01
CA PHE C 505 32.20 21.00 -29.24
C PHE C 505 33.27 20.17 -29.95
N ILE C 506 32.97 19.71 -31.16
CA ILE C 506 33.91 18.95 -31.99
C ILE C 506 34.03 19.63 -33.37
C1 NAG D . 21.17 18.14 -34.36
C2 NAG D . 21.32 18.38 -35.88
C3 NAG D . 20.27 17.59 -36.66
C4 NAG D . 20.33 16.11 -36.28
C5 NAG D . 20.19 15.96 -34.75
C6 NAG D . 20.36 14.53 -34.28
C7 NAG D . 20.17 20.58 -36.02
C8 NAG D . 20.32 22.02 -36.42
N2 NAG D . 21.25 19.80 -36.21
O3 NAG D . 20.48 17.75 -38.06
O4 NAG D . 19.29 15.40 -36.93
O5 NAG D . 21.23 16.71 -34.10
O6 NAG D . 21.47 13.89 -34.90
O7 NAG D . 19.13 20.15 -35.53
C1 NAG D . 19.93 14.36 -37.72
C2 NAG D . 18.99 13.16 -37.80
C3 NAG D . 19.65 12.06 -38.64
C4 NAG D . 20.10 12.60 -39.99
C5 NAG D . 20.95 13.86 -39.83
C6 NAG D . 21.26 14.55 -41.14
C7 NAG D . 17.43 12.17 -36.18
C8 NAG D . 17.24 11.72 -34.76
N2 NAG D . 18.64 12.68 -36.48
O3 NAG D . 18.74 10.98 -38.82
O4 NAG D . 20.85 11.61 -40.69
O5 NAG D . 20.25 14.84 -39.03
O6 NAG D . 22.09 13.74 -41.96
O7 NAG D . 16.55 12.07 -37.02
C1 FUC D . 21.87 12.80 -34.22
C2 FUC D . 21.51 11.51 -34.94
C3 FUC D . 22.57 11.16 -35.99
C4 FUC D . 23.97 11.24 -35.40
C5 FUC D . 24.18 12.55 -34.65
C6 FUC D . 25.56 12.60 -34.01
O2 FUC D . 20.24 11.64 -35.57
O3 FUC D . 22.33 9.84 -36.48
O4 FUC D . 24.18 10.14 -34.50
O5 FUC D . 23.17 12.68 -33.65
S SO4 E . 5.82 2.29 -14.23
O1 SO4 E . 4.88 2.10 -13.13
O2 SO4 E . 5.28 3.25 -15.19
O3 SO4 E . 7.11 2.80 -13.72
O4 SO4 E . 6.04 1.02 -14.93
S SO4 F . 30.93 -9.29 15.41
O1 SO4 F . 31.29 -8.15 16.26
O2 SO4 F . 29.81 -8.88 14.54
O3 SO4 F . 30.48 -10.42 16.23
O4 SO4 F . 32.07 -9.70 14.60
S SO4 G . -1.08 -33.05 -13.26
O1 SO4 G . -2.06 -34.14 -13.26
O2 SO4 G . -1.50 -32.01 -14.21
O3 SO4 G . 0.23 -33.58 -13.66
O4 SO4 G . -1.01 -32.51 -11.91
S SO4 H . 24.65 -8.09 22.50
O1 SO4 H . 23.43 -8.84 22.82
O2 SO4 H . 24.28 -6.72 22.12
O3 SO4 H . 25.51 -8.04 23.69
O4 SO4 H . 25.37 -8.74 21.41
S SO4 I . 12.54 -24.25 7.18
O1 SO4 I . 12.08 -25.58 6.75
O2 SO4 I . 11.42 -23.33 7.16
O3 SO4 I . 13.60 -23.74 6.30
O4 SO4 I . 13.04 -24.34 8.56
S SO4 J . -19.52 -29.38 6.83
O1 SO4 J . -20.68 -30.19 7.19
O2 SO4 J . -19.31 -28.31 7.81
O3 SO4 J . -19.76 -28.79 5.52
O4 SO4 J . -18.34 -30.22 6.74
S SO4 K . -28.26 -21.77 -11.37
O1 SO4 K . -28.16 -20.49 -12.06
O2 SO4 K . -29.62 -21.94 -10.87
O3 SO4 K . -27.33 -21.79 -10.25
O4 SO4 K . -27.94 -22.86 -12.30
S SO4 L . 15.21 2.15 -2.40
O1 SO4 L . 14.51 1.99 -1.13
O2 SO4 L . 14.87 3.46 -2.99
O3 SO4 L . 16.65 2.07 -2.18
O4 SO4 L . 14.80 1.09 -3.32
S SO4 M . 9.90 1.36 -7.13
O1 SO4 M . 9.31 2.17 -6.06
O2 SO4 M . 8.91 0.38 -7.57
O3 SO4 M . 11.09 0.68 -6.60
O4 SO4 M . 10.30 2.21 -8.26
C3' NHE N . 39.00 5.85 -10.81
C2' NHE N . 39.79 6.96 -11.45
C1' NHE N . 39.67 6.95 -12.97
C6' NHE N . 40.00 5.58 -13.56
N NHE N . 40.58 7.91 -13.57
C1 NHE N . 40.51 9.18 -12.91
C2 NHE N . 39.26 10.01 -13.39
S NHE N . 39.57 11.76 -13.02
O1 NHE N . 40.20 12.41 -14.20
O2 NHE N . 38.29 12.47 -12.63
O3 NHE N . 40.66 11.91 -11.98
C5' NHE N . 39.24 4.47 -12.89
C4' NHE N . 39.37 4.51 -11.37
S SO4 O . 6.25 13.86 -4.54
O1 SO4 O . 5.17 13.31 -3.72
O2 SO4 O . 5.72 14.63 -5.67
O3 SO4 O . 7.05 14.76 -3.70
O4 SO4 O . 7.09 12.75 -5.05
S SO4 P . -6.99 35.96 2.20
O1 SO4 P . -8.13 36.63 2.80
O2 SO4 P . -7.25 35.76 0.77
O3 SO4 P . -5.77 36.78 2.35
O4 SO4 P . -6.81 34.66 2.86
S SO4 Q . -4.34 18.45 20.82
O1 SO4 Q . -5.43 17.79 20.11
O2 SO4 Q . -4.84 19.67 21.47
O3 SO4 Q . -3.31 18.80 19.84
O4 SO4 Q . -3.81 17.56 21.83
S SO4 R . 22.87 32.61 -17.87
O1 SO4 R . 22.57 32.59 -16.43
O2 SO4 R . 22.14 33.70 -18.51
O3 SO4 R . 24.31 32.81 -18.06
O4 SO4 R . 22.46 31.34 -18.49
S SO4 S . 13.56 2.07 14.60
O1 SO4 S . 13.01 1.11 15.55
O2 SO4 S . 12.55 2.38 13.59
O3 SO4 S . 13.91 3.31 15.29
O4 SO4 S . 14.75 1.51 13.95
S SO4 T . 10.61 8.31 -3.61
O1 SO4 T . 9.74 8.07 -2.46
O2 SO4 T . 9.94 9.22 -4.56
O3 SO4 T . 11.86 8.94 -3.19
O4 SO4 T . 10.93 7.05 -4.27
S SO4 U . -3.20 -12.48 -34.49
O1 SO4 U . -3.96 -12.85 -33.30
O2 SO4 U . -3.25 -11.03 -34.71
O3 SO4 U . -3.82 -13.17 -35.63
O4 SO4 U . -1.79 -12.89 -34.36
S SO4 V . -29.60 18.89 -6.20
O1 SO4 V . -30.79 18.26 -5.66
O2 SO4 V . -29.96 20.10 -6.94
O3 SO4 V . -28.64 19.23 -5.15
O4 SO4 V . -29.00 17.94 -7.12
S SO4 W . -21.15 -2.41 -18.44
O1 SO4 W . -22.13 -1.42 -17.97
O2 SO4 W . -21.81 -3.70 -18.51
O3 SO4 W . -20.03 -2.48 -17.50
O4 SO4 W . -20.64 -2.02 -19.75
S SO4 X . -25.18 14.85 22.35
O1 SO4 X . -25.81 14.71 23.67
O2 SO4 X . -25.74 16.04 21.69
O3 SO4 X . -23.74 15.03 22.50
O4 SO4 X . -25.45 13.65 21.56
S SO4 Y . 4.61 7.05 -8.90
O1 SO4 Y . 3.26 7.59 -8.75
O2 SO4 Y . 5.55 7.79 -8.04
O3 SO4 Y . 5.05 7.17 -10.29
O4 SO4 Y . 4.60 5.63 -8.50
#